data_5Y7O
#
_entry.id   5Y7O
#
_cell.length_a   195.090
_cell.length_b   195.090
_cell.length_c   142.260
_cell.angle_alpha   90.00
_cell.angle_beta   90.00
_cell.angle_gamma   120.00
#
_symmetry.space_group_name_H-M   'P 32 1 2'
#
_entity_poly.entity_id   1
_entity_poly.type   'polypeptide(L)'
_entity_poly.pdbx_seq_one_letter_code
;GSDSSVNVALQASFDAGPYLLELLEAAAAENASSYFPLLDRIAEGVLDDAVTEKELYDRFLTIVQDEGHINDAADLSSFK
FSLAIRSAVPRVEAHYQYYNTSVEPRLGTAQDAACPVWVH(MSE)DG(MSE)QYCSPTLERAQQAVSADLEARDLPFDRK
LGDPTAPLAILYADVASPAFGEYHRKLSA(MSE)AKEGQVSYVVRYRPPPSASFRPLFLAGYGVELTLKRTDYI(MSE)I
DDREAEESNEKQTNKRKVGSPSADELEEESPPDLKPLSSSEVARLG(MSE)NAASFILDSPDPFATLTKLSQDFPKYSSA
VAAYNVTQEFLDEYYANRAASLPGGRNVLWINGLQIDSRQVDAYSLLEHLRHERQFIGQFRKLGLSNIEALDLLLHPNLT
DGQSDAETQRYDWRDEVEGGDVIIWLNDLTKDKRYSDFPSDIDALLQPTYPGQLPAVRRDVHNVVIPIDLTNEDDVY
(MSE)VVQHIQTFIKRLIPVRFGLVPLVHSEPAKSQAKIARYLQ(MSE)THGLAA(MSE)(MSE)KYFQRALEKDKLARP
DQALFDETIASARVLRGKAQSFEEALSSTTLEEV(MSE)DKTGRYIKRLDLGGRSPPVLANGVLLGRGDNFLQELS
(MSE)RVAIDLQLIQQSIVQDAVEEDTWLPSYFLSQAALTRNELI(MSE)PQDPSKIRIVNLVQVAESHDLTSLLRISAE
GPGTNSLL(MSE)AVVGDFDSEAGLNLLISALKFRLAHPEIEVVPLHTSDDETNTHVSSQLYQLLRTERVDASEILEKIQ
IIKSTSDIGATATSKELAYWAQTKQLAADLGYPSGTRGVLLNGRAVGPVPSTSTLAEDDLEILLAYEFSKRLGTVAKV
(MSE)KDLNLGHKVAGSVEFAKLTSLVALSTTSDIPEGIFESRSKYRQSAIKTWNGAHSAITVSHSDDASINIVATIDPA
SERSQRWVPILRTLSKLNGVNVKIFLTPVRILQELPIKRFYRHVLEPEPSFDEHGALNRPGASFSRLPEDALLTLG
(MSE)DVPPSWLVSPKESVHDLDNIRLSSLREGSDVDAIYELEHILIEGHSTDVTTRSAPRGVQLLLGTDKNPHFADTIV
(MSE)ANLGYFQFKARPGFWKINLKPGPSQRIFNLDSVGG(MSE)GYQPKPGDETNEVALTSFQGRTLFPRLSRKPGHEE
DDVLETGPKPG
;
_entity_poly.pdbx_strand_id   A,B
#
# COMPACT_ATOMS: atom_id res chain seq x y z
N ASP A 3 21.03 -59.13 -12.27
CA ASP A 3 21.03 -58.00 -11.36
C ASP A 3 20.09 -56.88 -11.85
N SER A 4 20.07 -55.75 -11.15
CA SER A 4 19.50 -54.57 -11.75
C SER A 4 20.11 -53.26 -11.21
N SER A 5 19.34 -52.18 -11.34
CA SER A 5 19.90 -50.84 -11.44
C SER A 5 19.57 -49.87 -10.29
N VAL A 6 19.38 -48.61 -10.66
CA VAL A 6 19.00 -47.51 -9.75
C VAL A 6 18.31 -46.40 -10.53
N ASN A 7 17.02 -46.17 -10.25
CA ASN A 7 16.24 -45.20 -10.99
C ASN A 7 15.85 -43.95 -10.22
N VAL A 8 15.81 -42.80 -10.90
CA VAL A 8 15.44 -41.52 -10.27
C VAL A 8 14.45 -40.70 -11.08
N ALA A 9 13.34 -40.29 -10.48
CA ALA A 9 12.44 -39.38 -11.18
C ALA A 9 12.25 -38.18 -10.28
N LEU A 10 11.72 -37.08 -10.81
CA LEU A 10 11.39 -35.93 -9.97
C LEU A 10 10.04 -35.19 -10.24
N GLN A 11 9.22 -35.10 -9.19
CA GLN A 11 7.82 -34.66 -9.27
C GLN A 11 7.54 -33.34 -8.55
N ALA A 12 6.81 -32.47 -9.23
CA ALA A 12 6.35 -31.21 -8.67
C ALA A 12 5.35 -31.46 -7.56
N SER A 13 5.42 -30.67 -6.51
CA SER A 13 4.48 -30.82 -5.40
C SER A 13 3.05 -30.70 -5.88
N PHE A 14 2.75 -29.58 -6.52
CA PHE A 14 1.42 -29.31 -7.07
C PHE A 14 1.23 -29.99 -8.43
N ASP A 15 -0.02 -30.30 -8.77
CA ASP A 15 -0.29 -31.16 -9.91
C ASP A 15 -0.93 -30.45 -11.08
N ALA A 16 -0.62 -30.93 -12.29
CA ALA A 16 -0.99 -30.24 -13.52
C ALA A 16 -2.44 -30.44 -13.91
N GLY A 17 -2.98 -29.47 -14.62
CA GLY A 17 -4.32 -29.58 -15.17
C GLY A 17 -4.23 -30.27 -16.51
N PRO A 18 -5.31 -30.17 -17.32
CA PRO A 18 -5.38 -30.89 -18.61
C PRO A 18 -4.22 -30.47 -19.46
N TYR A 19 -3.55 -31.44 -20.07
CA TYR A 19 -2.29 -31.21 -20.75
C TYR A 19 -2.50 -30.22 -21.88
N LEU A 20 -3.76 -30.13 -22.28
CA LEU A 20 -4.25 -29.21 -23.29
C LEU A 20 -3.92 -27.72 -23.07
N LEU A 21 -4.13 -27.23 -21.86
CA LEU A 21 -3.87 -25.84 -21.54
C LEU A 21 -2.41 -25.53 -21.78
N GLU A 22 -1.60 -26.46 -21.27
CA GLU A 22 -0.18 -26.37 -21.30
C GLU A 22 0.20 -26.23 -22.77
N LEU A 23 -0.55 -26.86 -23.64
CA LEU A 23 -0.31 -26.65 -25.07
C LEU A 23 -0.44 -25.19 -25.40
N LEU A 24 -1.60 -24.63 -25.04
CA LEU A 24 -1.94 -23.29 -25.45
C LEU A 24 -0.93 -22.32 -24.91
N GLU A 25 -0.48 -22.56 -23.69
CA GLU A 25 0.37 -21.57 -23.08
C GLU A 25 1.80 -21.74 -23.51
N ALA A 26 2.11 -22.94 -24.02
CA ALA A 26 3.42 -23.20 -24.61
C ALA A 26 3.42 -22.61 -25.99
N ALA A 27 2.22 -22.52 -26.56
CA ALA A 27 2.07 -21.98 -27.90
C ALA A 27 2.44 -20.50 -27.98
N ALA A 28 1.89 -19.72 -27.06
CA ALA A 28 2.18 -18.29 -27.01
C ALA A 28 3.51 -18.03 -26.30
N ALA A 29 4.08 -19.07 -25.73
CA ALA A 29 5.42 -19.01 -25.16
C ALA A 29 6.40 -18.75 -26.31
N GLU A 30 6.15 -19.42 -27.43
CA GLU A 30 6.91 -19.09 -28.63
C GLU A 30 6.63 -17.72 -29.15
N ASN A 31 5.81 -17.67 -30.19
CA ASN A 31 5.34 -16.39 -30.62
C ASN A 31 4.04 -16.21 -29.85
N ALA A 32 3.88 -15.06 -29.22
CA ALA A 32 2.81 -14.86 -28.24
C ALA A 32 1.48 -14.48 -28.87
N SER A 33 1.50 -13.91 -30.06
CA SER A 33 0.26 -13.48 -30.67
C SER A 33 -0.62 -14.67 -31.05
N SER A 34 -0.01 -15.85 -31.10
CA SER A 34 -0.68 -17.12 -31.38
C SER A 34 -1.98 -17.33 -30.62
N TYR A 35 -2.01 -16.80 -29.40
CA TYR A 35 -3.04 -17.11 -28.42
C TYR A 35 -4.46 -17.11 -28.95
N PHE A 36 -5.05 -15.92 -29.00
CA PHE A 36 -6.47 -15.79 -29.33
C PHE A 36 -6.84 -16.38 -30.70
N PRO A 37 -6.00 -16.20 -31.73
CA PRO A 37 -6.44 -16.79 -33.00
C PRO A 37 -6.66 -18.29 -32.93
N LEU A 38 -5.76 -19.00 -32.26
CA LEU A 38 -5.95 -20.42 -32.01
C LEU A 38 -7.29 -20.58 -31.38
N LEU A 39 -7.44 -19.80 -30.32
CA LEU A 39 -8.63 -19.78 -29.52
C LEU A 39 -9.87 -19.48 -30.38
N ASP A 40 -9.75 -18.55 -31.33
CA ASP A 40 -10.86 -18.23 -32.24
C ASP A 40 -11.47 -19.49 -32.84
N ARG A 41 -10.59 -20.29 -33.46
CA ARG A 41 -10.95 -21.50 -34.19
C ARG A 41 -11.14 -22.71 -33.27
N ILE A 42 -10.34 -22.84 -32.22
CA ILE A 42 -10.49 -24.02 -31.37
C ILE A 42 -11.83 -23.98 -30.68
N ALA A 43 -12.44 -22.79 -30.72
CA ALA A 43 -13.81 -22.61 -30.28
C ALA A 43 -14.64 -23.59 -31.08
N GLU A 44 -14.26 -23.77 -32.34
CA GLU A 44 -14.91 -24.76 -33.19
C GLU A 44 -14.42 -26.19 -32.88
N GLY A 45 -13.64 -26.36 -31.80
CA GLY A 45 -13.47 -27.66 -31.20
C GLY A 45 -12.84 -28.73 -32.06
N VAL A 46 -11.73 -28.41 -32.71
CA VAL A 46 -11.09 -29.40 -33.54
C VAL A 46 -10.11 -30.20 -32.72
N LEU A 47 -10.24 -30.12 -31.41
CA LEU A 47 -9.53 -31.02 -30.51
C LEU A 47 -10.55 -31.55 -29.53
N ASP A 48 -11.82 -31.34 -29.87
CA ASP A 48 -12.92 -31.58 -28.96
C ASP A 48 -13.32 -33.06 -28.93
N ASP A 49 -12.73 -33.87 -29.80
CA ASP A 49 -12.92 -35.30 -29.63
C ASP A 49 -12.12 -35.73 -28.39
N ALA A 50 -11.47 -36.88 -28.39
CA ALA A 50 -10.96 -37.36 -27.10
C ALA A 50 -9.73 -36.58 -26.60
N VAL A 51 -9.74 -36.32 -25.29
CA VAL A 51 -8.73 -35.49 -24.65
C VAL A 51 -7.46 -36.25 -24.27
N THR A 52 -7.25 -37.45 -24.83
CA THR A 52 -6.01 -38.16 -24.51
C THR A 52 -4.88 -37.35 -25.13
N GLU A 53 -3.86 -37.15 -24.30
CA GLU A 53 -2.84 -36.14 -24.53
C GLU A 53 -2.27 -36.06 -25.92
N LYS A 54 -2.08 -37.17 -26.61
CA LYS A 54 -1.39 -37.01 -27.88
C LYS A 54 -2.32 -36.74 -29.05
N GLU A 55 -3.62 -36.95 -28.93
CA GLU A 55 -4.38 -36.52 -30.09
C GLU A 55 -4.51 -35.03 -30.02
N LEU A 56 -4.95 -34.53 -28.87
CA LEU A 56 -4.93 -33.08 -28.68
C LEU A 56 -3.52 -32.57 -28.86
N TYR A 57 -2.49 -33.34 -28.52
CA TYR A 57 -1.15 -32.86 -28.83
C TYR A 57 -0.95 -32.80 -30.34
N ASP A 58 -1.09 -33.90 -31.05
CA ASP A 58 -0.81 -33.84 -32.47
C ASP A 58 -1.83 -33.15 -33.27
N ARG A 59 -3.08 -33.24 -32.85
CA ARG A 59 -4.06 -32.42 -33.50
C ARG A 59 -3.76 -30.97 -33.09
N PHE A 60 -2.93 -30.76 -32.09
CA PHE A 60 -2.52 -29.38 -31.81
C PHE A 60 -1.38 -28.95 -32.69
N LEU A 61 -0.39 -29.80 -32.87
CA LEU A 61 0.76 -29.41 -33.66
C LEU A 61 0.33 -29.13 -35.08
N THR A 62 -0.55 -29.98 -35.61
CA THR A 62 -1.01 -29.83 -36.98
C THR A 62 -1.85 -28.54 -37.12
N ILE A 63 -2.18 -27.93 -35.97
CA ILE A 63 -2.96 -26.70 -35.90
C ILE A 63 -2.01 -25.50 -35.92
N VAL A 64 -1.03 -25.56 -35.03
CA VAL A 64 -0.09 -24.46 -34.89
C VAL A 64 0.81 -24.34 -36.10
N GLN A 65 0.92 -25.41 -36.88
CA GLN A 65 1.74 -25.29 -38.08
C GLN A 65 0.91 -24.57 -39.15
N ASP A 66 -0.28 -24.11 -38.76
CA ASP A 66 -1.01 -23.13 -39.53
C ASP A 66 -0.70 -21.71 -39.07
N GLU A 67 0.36 -21.53 -38.28
CA GLU A 67 0.69 -20.20 -37.75
C GLU A 67 2.08 -19.82 -38.16
N GLY A 68 2.26 -18.59 -38.63
CA GLY A 68 3.56 -18.18 -39.14
C GLY A 68 4.37 -17.76 -37.94
N HIS A 69 3.62 -17.57 -36.86
CA HIS A 69 4.14 -17.15 -35.59
C HIS A 69 5.02 -18.24 -35.03
N ILE A 70 4.61 -19.49 -35.28
CA ILE A 70 5.29 -20.64 -34.71
C ILE A 70 5.66 -21.68 -35.74
N ASN A 71 5.35 -21.43 -37.02
CA ASN A 71 5.75 -22.39 -38.04
C ASN A 71 6.98 -21.90 -38.83
N ASP A 72 7.90 -21.24 -38.15
CA ASP A 72 9.17 -20.84 -38.74
C ASP A 72 9.95 -22.10 -39.06
N ALA A 73 11.22 -21.93 -39.44
CA ALA A 73 12.12 -23.06 -39.47
C ALA A 73 12.16 -23.72 -38.07
N ALA A 74 12.65 -23.00 -37.08
CA ALA A 74 12.99 -23.57 -35.77
C ALA A 74 12.11 -23.21 -34.56
N ASP A 75 11.33 -22.11 -34.62
CA ASP A 75 10.32 -21.74 -33.58
C ASP A 75 9.58 -22.97 -33.16
N LEU A 76 9.25 -23.81 -34.12
CA LEU A 76 8.37 -24.88 -33.83
C LEU A 76 9.18 -25.96 -33.08
N SER A 77 10.49 -26.03 -33.32
CA SER A 77 11.35 -26.85 -32.45
C SER A 77 11.51 -26.37 -31.00
N SER A 78 11.65 -25.06 -30.82
CA SER A 78 11.68 -24.42 -29.51
C SER A 78 10.48 -24.78 -28.69
N PHE A 79 9.38 -24.92 -29.40
CA PHE A 79 8.11 -25.14 -28.79
C PHE A 79 8.15 -26.62 -28.33
N LYS A 80 8.61 -27.55 -29.21
CA LYS A 80 8.76 -28.98 -28.83
C LYS A 80 9.46 -29.06 -27.56
N PHE A 81 10.53 -28.28 -27.50
CA PHE A 81 11.40 -28.37 -26.38
C PHE A 81 10.59 -27.97 -25.17
N SER A 82 9.83 -26.88 -25.26
CA SER A 82 9.11 -26.33 -24.11
C SER A 82 8.12 -27.30 -23.46
N LEU A 83 7.70 -28.34 -24.19
CA LEU A 83 6.79 -29.35 -23.65
C LEU A 83 7.58 -30.50 -23.04
N ALA A 84 8.68 -30.85 -23.68
CA ALA A 84 9.60 -31.80 -23.08
C ALA A 84 10.18 -31.06 -21.90
N ILE A 85 10.00 -29.74 -21.97
CA ILE A 85 10.43 -28.77 -20.98
C ILE A 85 9.24 -28.43 -20.08
N ARG A 86 8.46 -29.44 -19.69
CA ARG A 86 7.69 -29.32 -18.44
C ARG A 86 6.76 -28.08 -18.26
N SER A 87 7.20 -26.92 -18.76
CA SER A 87 6.88 -25.54 -18.31
C SER A 87 5.68 -24.72 -18.76
N ALA A 88 4.78 -25.18 -19.61
CA ALA A 88 3.67 -24.25 -19.90
C ALA A 88 2.67 -24.22 -18.75
N VAL A 89 2.73 -25.25 -17.92
CA VAL A 89 1.84 -25.38 -16.78
C VAL A 89 1.89 -24.20 -15.79
N PRO A 90 3.10 -23.71 -15.42
CA PRO A 90 3.14 -22.67 -14.39
C PRO A 90 2.22 -21.48 -14.60
N ARG A 91 2.12 -20.98 -15.82
CA ARG A 91 1.23 -19.86 -16.01
C ARG A 91 -0.16 -20.37 -15.73
N VAL A 92 -0.45 -21.57 -16.25
CA VAL A 92 -1.73 -22.21 -16.01
C VAL A 92 -1.95 -22.24 -14.50
N GLU A 93 -0.96 -22.70 -13.76
CA GLU A 93 -1.07 -22.75 -12.31
C GLU A 93 -1.39 -21.40 -11.66
N ALA A 94 -0.99 -20.32 -12.31
CA ALA A 94 -1.24 -18.97 -11.79
C ALA A 94 -2.72 -18.65 -11.81
N HIS A 95 -3.33 -18.85 -12.98
CA HIS A 95 -4.75 -18.58 -13.18
C HIS A 95 -5.54 -19.26 -12.07
N TYR A 96 -5.06 -20.43 -11.69
CA TYR A 96 -5.70 -21.25 -10.69
C TYR A 96 -5.52 -20.67 -9.30
N GLN A 97 -4.28 -20.40 -8.93
CA GLN A 97 -3.98 -19.94 -7.58
C GLN A 97 -4.68 -18.62 -7.32
N TYR A 98 -4.88 -17.84 -8.37
CA TYR A 98 -5.68 -16.61 -8.22
C TYR A 98 -7.10 -17.05 -7.94
N TYR A 99 -7.59 -17.90 -8.84
CA TYR A 99 -9.00 -18.20 -8.84
C TYR A 99 -9.42 -18.95 -7.59
N ASN A 100 -8.48 -19.68 -7.02
CA ASN A 100 -8.77 -20.52 -5.87
C ASN A 100 -8.71 -19.71 -4.60
N THR A 101 -7.97 -18.61 -4.65
CA THR A 101 -7.77 -17.82 -3.45
C THR A 101 -8.40 -16.44 -3.55
N SER A 102 -8.54 -15.92 -4.76
CA SER A 102 -8.97 -14.54 -4.89
C SER A 102 -10.36 -14.46 -5.49
N VAL A 103 -10.76 -15.52 -6.17
CA VAL A 103 -12.02 -15.45 -6.89
C VAL A 103 -13.06 -16.36 -6.26
N GLU A 104 -12.83 -17.66 -6.20
CA GLU A 104 -13.86 -18.55 -5.67
C GLU A 104 -14.17 -18.25 -4.17
N PRO A 105 -13.16 -17.85 -3.38
CA PRO A 105 -13.53 -17.48 -2.01
C PRO A 105 -14.45 -16.27 -1.93
N ARG A 106 -14.16 -15.26 -2.74
CA ARG A 106 -14.88 -14.00 -2.65
C ARG A 106 -16.20 -14.10 -3.41
N LEU A 107 -16.80 -15.30 -3.47
CA LEU A 107 -17.95 -15.51 -4.35
C LEU A 107 -19.24 -16.03 -3.71
N GLY A 108 -19.15 -16.84 -2.66
CA GLY A 108 -20.40 -17.18 -1.96
C GLY A 108 -21.28 -18.23 -2.63
N THR A 109 -21.91 -19.05 -1.79
CA THR A 109 -22.78 -20.18 -2.15
C THR A 109 -21.94 -21.31 -2.74
N ALA A 113 -22.76 -20.97 -9.12
CA ALA A 113 -22.50 -22.34 -8.68
C ALA A 113 -23.08 -23.36 -9.67
N ALA A 114 -24.37 -23.20 -9.98
CA ALA A 114 -25.02 -24.04 -10.96
C ALA A 114 -24.39 -23.73 -12.30
N CYS A 115 -23.99 -22.48 -12.45
CA CYS A 115 -23.15 -22.11 -13.55
C CYS A 115 -21.66 -22.27 -13.35
N PRO A 116 -21.06 -23.03 -14.26
CA PRO A 116 -19.69 -23.50 -14.21
C PRO A 116 -18.70 -22.58 -14.90
N VAL A 117 -19.16 -21.66 -15.74
CA VAL A 117 -18.28 -20.67 -16.36
C VAL A 117 -19.05 -19.41 -16.64
N TRP A 118 -18.33 -18.30 -16.56
CA TRP A 118 -18.93 -16.99 -16.40
C TRP A 118 -17.81 -15.95 -16.40
N VAL A 119 -18.18 -14.67 -16.54
CA VAL A 119 -17.24 -13.56 -16.70
C VAL A 119 -17.33 -12.55 -15.54
N HIS A 120 -16.27 -11.79 -15.31
CA HIS A 120 -16.43 -10.71 -14.38
C HIS A 120 -16.74 -9.47 -15.19
N ASP A 122 -18.01 -5.75 -14.23
CA ASP A 122 -18.44 -4.62 -13.42
C ASP A 122 -19.23 -4.96 -12.15
N GLY A 123 -19.35 -6.24 -11.83
CA GLY A 123 -20.21 -6.67 -10.74
C GLY A 123 -20.46 -8.18 -10.67
N GLN A 125 -22.45 -11.91 -12.42
CA GLN A 125 -23.04 -12.37 -13.68
C GLN A 125 -23.67 -13.82 -13.64
N TYR A 126 -23.68 -14.40 -14.83
CA TYR A 126 -24.63 -15.34 -15.41
C TYR A 126 -23.94 -16.60 -15.94
N CYS A 127 -24.68 -17.69 -16.03
CA CYS A 127 -24.17 -18.93 -16.62
C CYS A 127 -24.49 -18.98 -18.09
N SER A 128 -25.17 -17.95 -18.57
CA SER A 128 -25.51 -17.84 -19.98
C SER A 128 -24.87 -16.62 -20.64
N PRO A 129 -24.37 -16.80 -21.87
CA PRO A 129 -23.74 -15.81 -22.75
C PRO A 129 -24.65 -14.81 -23.48
N THR A 130 -25.57 -14.19 -22.76
CA THR A 130 -26.49 -13.24 -23.37
C THR A 130 -26.23 -11.87 -22.78
N LEU A 131 -25.15 -11.79 -22.01
CA LEU A 131 -24.69 -10.62 -21.27
C LEU A 131 -25.68 -10.36 -20.14
N ALA A 140 -18.59 -8.57 -6.19
CA ALA A 140 -18.36 -7.30 -6.87
C ALA A 140 -17.48 -6.33 -6.07
N ASP A 141 -16.62 -6.87 -5.20
CA ASP A 141 -15.81 -6.02 -4.32
C ASP A 141 -14.33 -6.07 -4.72
N LEU A 142 -14.02 -7.04 -5.58
CA LEU A 142 -12.68 -7.21 -6.12
C LEU A 142 -12.74 -6.90 -7.62
N GLU A 143 -11.89 -5.97 -8.05
CA GLU A 143 -12.14 -5.30 -9.33
C GLU A 143 -11.40 -5.97 -10.51
N ALA A 144 -11.68 -5.50 -11.72
CA ALA A 144 -11.09 -6.05 -12.93
C ALA A 144 -9.66 -5.53 -13.12
N ARG A 145 -8.74 -5.88 -12.20
CA ARG A 145 -7.38 -5.33 -12.28
C ARG A 145 -6.50 -6.13 -13.23
N ASP A 146 -5.70 -5.42 -14.01
CA ASP A 146 -4.83 -6.02 -15.01
C ASP A 146 -3.80 -6.93 -14.37
N LEU A 147 -4.12 -8.22 -14.28
CA LEU A 147 -3.24 -9.16 -13.58
C LEU A 147 -2.05 -9.50 -14.44
N PRO A 148 -1.03 -10.11 -13.83
CA PRO A 148 0.18 -10.49 -14.58
C PRO A 148 -0.08 -11.41 -15.78
N PHE A 149 -0.78 -12.51 -15.58
CA PHE A 149 -0.86 -13.53 -16.62
C PHE A 149 -1.86 -13.18 -17.71
N ASP A 150 -2.51 -12.02 -17.59
CA ASP A 150 -3.60 -11.66 -18.49
C ASP A 150 -3.17 -11.52 -19.95
N ARG A 151 -4.13 -11.71 -20.84
CA ARG A 151 -3.92 -11.39 -22.25
C ARG A 151 -5.11 -10.59 -22.79
N LYS A 152 -4.80 -9.35 -23.17
CA LYS A 152 -5.80 -8.35 -23.55
C LYS A 152 -6.24 -8.56 -24.98
N LEU A 153 -7.53 -8.64 -25.22
CA LEU A 153 -7.95 -8.60 -26.61
C LEU A 153 -8.86 -7.41 -26.84
N GLY A 154 -8.60 -6.67 -27.91
CA GLY A 154 -9.11 -5.31 -28.07
C GLY A 154 -8.09 -4.35 -27.50
N ASP A 155 -8.19 -3.05 -27.74
CA ASP A 155 -7.23 -2.15 -27.10
C ASP A 155 -7.75 -1.74 -25.72
N PRO A 156 -6.84 -1.67 -24.75
CA PRO A 156 -7.08 -1.50 -23.32
C PRO A 156 -7.63 -0.14 -22.86
N THR A 157 -8.94 -0.04 -22.80
CA THR A 157 -9.60 1.18 -22.37
C THR A 157 -10.50 0.91 -21.18
N ALA A 158 -11.29 1.91 -20.83
CA ALA A 158 -12.22 1.85 -19.69
C ALA A 158 -12.99 0.52 -19.56
N PRO A 159 -13.41 -0.10 -20.68
CA PRO A 159 -14.07 -1.39 -20.49
C PRO A 159 -13.15 -2.63 -20.44
N LEU A 160 -13.39 -3.55 -19.50
CA LEU A 160 -12.71 -4.85 -19.39
C LEU A 160 -13.61 -6.06 -19.17
N ALA A 161 -13.46 -7.06 -20.03
CA ALA A 161 -14.19 -8.31 -19.89
C ALA A 161 -13.26 -9.45 -19.49
N ILE A 162 -13.42 -9.95 -18.26
CA ILE A 162 -12.55 -10.99 -17.74
C ILE A 162 -13.23 -12.35 -17.77
N LEU A 163 -12.92 -13.16 -18.77
CA LEU A 163 -13.53 -14.49 -18.91
C LEU A 163 -12.91 -15.55 -18.01
N TYR A 164 -13.76 -16.12 -17.16
CA TYR A 164 -13.39 -17.30 -16.39
C TYR A 164 -14.02 -18.59 -16.99
N ALA A 165 -13.16 -19.50 -17.42
CA ALA A 165 -13.61 -20.75 -18.02
C ALA A 165 -12.44 -21.74 -18.12
N ASP A 166 -12.76 -23.03 -17.99
CA ASP A 166 -11.84 -24.05 -18.43
C ASP A 166 -11.96 -24.20 -19.92
N VAL A 167 -10.86 -23.98 -20.63
CA VAL A 167 -10.93 -23.88 -22.06
C VAL A 167 -11.13 -25.25 -22.69
N ALA A 168 -11.06 -26.30 -21.88
CA ALA A 168 -10.98 -27.67 -22.42
C ALA A 168 -12.29 -28.30 -22.97
N SER A 169 -13.42 -28.14 -22.27
CA SER A 169 -14.72 -28.77 -22.63
C SER A 169 -15.59 -27.90 -23.52
N PRO A 170 -16.39 -28.54 -24.40
CA PRO A 170 -17.26 -27.87 -25.38
C PRO A 170 -18.35 -27.12 -24.67
N ALA A 171 -18.51 -27.44 -23.40
CA ALA A 171 -19.36 -26.70 -22.49
C ALA A 171 -19.05 -25.20 -22.58
N PHE A 172 -17.78 -24.84 -22.58
CA PHE A 172 -17.43 -23.44 -22.72
C PHE A 172 -17.77 -22.85 -24.09
N GLY A 173 -17.65 -23.68 -25.12
CA GLY A 173 -17.44 -23.23 -26.48
C GLY A 173 -18.01 -21.93 -27.01
N GLU A 174 -19.26 -21.64 -26.68
CA GLU A 174 -19.95 -20.57 -27.40
C GLU A 174 -19.99 -19.23 -26.65
N TYR A 175 -19.36 -19.16 -25.48
CA TYR A 175 -19.15 -17.87 -24.83
C TYR A 175 -18.26 -16.99 -25.68
N HIS A 176 -17.01 -17.41 -25.78
CA HIS A 176 -16.00 -16.71 -26.53
C HIS A 176 -16.43 -16.36 -27.91
N ARG A 177 -17.05 -17.30 -28.62
CA ARG A 177 -17.23 -17.16 -30.06
C ARG A 177 -17.76 -15.81 -30.48
N LYS A 178 -18.73 -15.30 -29.73
CA LYS A 178 -19.13 -13.92 -29.89
C LYS A 178 -19.11 -13.11 -28.58
N LEU A 179 -18.31 -13.56 -27.64
CA LEU A 179 -17.63 -12.58 -26.85
C LEU A 179 -16.38 -12.30 -27.64
N SER A 180 -16.16 -13.14 -28.64
CA SER A 180 -15.35 -12.74 -29.78
C SER A 180 -16.21 -11.95 -30.79
N ALA A 181 -17.19 -11.17 -30.34
CA ALA A 181 -17.97 -10.33 -31.28
C ALA A 181 -18.14 -8.96 -30.70
N ALA A 183 -15.14 -6.96 -29.13
CA ALA A 183 -14.06 -6.02 -29.34
C ALA A 183 -13.94 -5.77 -30.84
N LYS A 184 -14.04 -6.83 -31.59
CA LYS A 184 -14.32 -6.89 -33.02
C LYS A 184 -15.04 -5.66 -33.60
N GLU A 185 -16.19 -5.30 -33.00
CA GLU A 185 -17.01 -4.13 -33.36
C GLU A 185 -16.36 -2.90 -32.67
N GLY A 186 -15.88 -3.17 -31.44
CA GLY A 186 -15.32 -2.20 -30.49
C GLY A 186 -16.09 -1.70 -29.26
N GLN A 187 -16.18 -2.50 -28.19
CA GLN A 187 -17.12 -2.22 -27.07
C GLN A 187 -16.42 -2.38 -25.70
N VAL A 188 -15.96 -3.61 -25.38
CA VAL A 188 -15.28 -3.90 -24.11
C VAL A 188 -14.03 -4.74 -24.37
N SER A 189 -12.93 -4.34 -23.76
CA SER A 189 -11.66 -5.06 -23.75
C SER A 189 -11.81 -6.45 -23.12
N TYR A 190 -11.28 -7.46 -23.80
CA TYR A 190 -11.44 -8.85 -23.39
C TYR A 190 -10.15 -9.65 -23.12
N VAL A 191 -10.17 -10.36 -22.00
CA VAL A 191 -9.02 -11.06 -21.48
C VAL A 191 -9.44 -12.42 -20.98
N VAL A 192 -8.66 -13.45 -21.28
CA VAL A 192 -8.99 -14.79 -20.81
C VAL A 192 -8.17 -15.33 -19.63
N ARG A 193 -8.88 -15.61 -18.53
CA ARG A 193 -8.32 -16.32 -17.38
C ARG A 193 -8.95 -17.72 -17.24
N TYR A 194 -8.15 -18.74 -16.96
CA TYR A 194 -8.64 -20.13 -16.96
C TYR A 194 -9.25 -20.54 -15.62
N ARG A 195 -10.19 -21.48 -15.68
CA ARG A 195 -10.77 -22.10 -14.48
C ARG A 195 -10.02 -23.36 -14.06
N PRO A 196 -9.94 -23.61 -12.75
CA PRO A 196 -9.49 -24.94 -12.32
C PRO A 196 -10.67 -25.90 -12.31
N PRO A 197 -10.41 -27.14 -12.66
CA PRO A 197 -11.37 -28.25 -12.69
C PRO A 197 -11.71 -28.77 -11.29
N PRO A 198 -12.53 -29.85 -11.22
CA PRO A 198 -12.65 -30.48 -9.90
C PRO A 198 -11.27 -30.96 -9.53
N SER A 199 -10.95 -30.97 -8.24
CA SER A 199 -9.61 -31.31 -7.80
C SER A 199 -9.24 -32.73 -8.27
N ALA A 200 -10.24 -33.46 -8.74
CA ALA A 200 -10.06 -34.83 -9.21
C ALA A 200 -9.55 -34.90 -10.62
N SER A 201 -9.51 -33.76 -11.29
CA SER A 201 -9.14 -33.77 -12.70
C SER A 201 -7.63 -33.75 -12.91
N PHE A 202 -6.91 -33.12 -11.98
CA PHE A 202 -5.46 -32.98 -12.11
C PHE A 202 -4.79 -34.35 -12.23
N ARG A 203 -3.90 -34.49 -13.20
CA ARG A 203 -3.01 -35.63 -13.24
C ARG A 203 -1.54 -35.18 -13.10
N PRO A 204 -0.60 -36.12 -12.78
CA PRO A 204 0.64 -35.58 -12.22
C PRO A 204 1.65 -35.03 -13.21
N LEU A 205 2.64 -34.38 -12.60
CA LEU A 205 3.60 -33.54 -13.30
C LEU A 205 5.04 -33.92 -13.09
N PHE A 206 5.62 -34.75 -13.94
CA PHE A 206 7.03 -35.01 -13.72
C PHE A 206 7.91 -34.06 -14.53
N LEU A 207 9.09 -33.78 -13.98
CA LEU A 207 9.91 -32.64 -14.44
C LEU A 207 11.19 -33.10 -15.11
N ALA A 208 11.90 -32.14 -15.65
CA ALA A 208 13.22 -32.36 -16.22
C ALA A 208 14.13 -31.18 -15.90
N GLY A 209 15.30 -31.16 -16.54
CA GLY A 209 16.28 -30.10 -16.39
C GLY A 209 16.98 -30.16 -15.06
N TYR A 210 17.21 -31.39 -14.61
CA TYR A 210 17.97 -31.59 -13.40
C TYR A 210 18.95 -32.70 -13.68
N GLY A 211 19.86 -32.95 -12.75
CA GLY A 211 20.83 -34.01 -12.95
C GLY A 211 20.87 -34.89 -11.74
N VAL A 212 21.39 -36.11 -11.91
CA VAL A 212 21.35 -37.09 -10.85
C VAL A 212 22.77 -37.54 -10.50
N GLU A 213 23.19 -37.23 -9.29
CA GLU A 213 24.53 -37.61 -8.85
C GLU A 213 24.58 -39.02 -8.37
N LEU A 214 25.67 -39.70 -8.69
CA LEU A 214 26.00 -40.86 -7.89
C LEU A 214 27.47 -40.85 -7.56
N THR A 215 27.78 -40.18 -6.46
CA THR A 215 29.16 -39.93 -6.08
C THR A 215 29.73 -41.14 -5.33
N LEU A 216 31.04 -41.36 -5.51
CA LEU A 216 31.70 -42.53 -4.97
C LEU A 216 32.03 -42.34 -3.48
N LYS A 217 31.26 -42.92 -2.57
CA LYS A 217 31.45 -42.62 -1.16
C LYS A 217 32.55 -43.42 -0.49
N ARG A 218 32.57 -44.71 -0.75
CA ARG A 218 33.68 -45.53 -0.36
C ARG A 218 33.99 -46.30 -1.61
N THR A 219 35.24 -46.25 -2.05
CA THR A 219 35.60 -46.85 -3.33
C THR A 219 37.09 -47.17 -3.36
N ASP A 220 37.49 -47.96 -4.34
CA ASP A 220 38.88 -48.21 -4.60
C ASP A 220 39.32 -47.23 -5.65
N TYR A 221 38.39 -46.43 -6.16
CA TYR A 221 38.76 -45.49 -7.20
C TYR A 221 39.51 -44.30 -6.65
N ILE A 222 40.60 -44.64 -5.98
CA ILE A 222 41.40 -43.71 -5.22
C ILE A 222 42.80 -43.66 -5.79
N ILE A 224 47.14 -43.28 -5.57
CA ILE A 224 48.30 -43.49 -4.77
C ILE A 224 49.57 -43.31 -5.59
N ASP A 257 33.85 -53.07 -12.43
CA ASP A 257 32.58 -53.61 -11.94
C ASP A 257 32.65 -54.04 -10.49
N LEU A 258 33.81 -54.55 -10.07
CA LEU A 258 33.96 -54.87 -8.65
C LEU A 258 34.06 -53.51 -8.00
N LYS A 259 35.09 -52.74 -8.38
CA LYS A 259 35.20 -51.35 -7.99
C LYS A 259 36.52 -50.69 -8.46
N PRO A 260 36.42 -49.69 -9.34
CA PRO A 260 37.50 -49.12 -10.16
C PRO A 260 38.77 -48.77 -9.38
N LEU A 261 39.88 -48.55 -10.08
CA LEU A 261 41.02 -47.88 -9.44
C LEU A 261 41.72 -46.94 -10.46
N SER A 262 42.74 -46.20 -10.00
CA SER A 262 43.62 -45.35 -10.83
C SER A 262 44.71 -44.77 -9.93
N SER A 263 45.83 -44.31 -10.49
CA SER A 263 46.88 -43.69 -9.67
C SER A 263 47.18 -42.26 -10.11
N SER A 264 48.42 -41.81 -9.93
CA SER A 264 48.81 -40.44 -10.31
C SER A 264 49.36 -40.37 -11.75
N GLU A 265 48.63 -41.01 -12.66
CA GLU A 265 48.72 -40.76 -14.09
C GLU A 265 47.67 -39.71 -14.45
N VAL A 266 47.42 -38.80 -13.51
CA VAL A 266 46.20 -38.00 -13.50
C VAL A 266 46.26 -36.61 -14.06
N ALA A 267 47.31 -35.85 -13.71
CA ALA A 267 47.56 -34.57 -14.33
C ALA A 267 47.49 -34.79 -15.83
N ARG A 268 47.83 -36.03 -16.19
CA ARG A 268 47.69 -36.61 -17.49
C ARG A 268 46.23 -36.93 -17.80
N LEU A 269 45.55 -37.60 -16.88
CA LEU A 269 44.16 -38.00 -17.04
C LEU A 269 43.27 -36.97 -17.73
N GLY A 270 43.54 -35.71 -17.46
CA GLY A 270 42.72 -34.62 -17.99
C GLY A 270 43.12 -34.34 -19.41
N ASN A 272 44.85 -36.29 -21.52
CA ASN A 272 44.58 -37.42 -22.41
C ASN A 272 43.13 -37.56 -22.79
N ALA A 273 42.26 -37.32 -21.81
CA ALA A 273 40.82 -37.53 -21.93
C ALA A 273 40.25 -36.88 -23.19
N ALA A 274 40.85 -35.76 -23.60
CA ALA A 274 40.45 -35.05 -24.81
C ALA A 274 40.83 -35.84 -26.07
N SER A 275 42.13 -36.06 -26.31
CA SER A 275 42.58 -36.78 -27.52
C SER A 275 41.76 -38.01 -27.75
N PHE A 276 41.57 -38.68 -26.63
CA PHE A 276 40.74 -39.84 -26.48
C PHE A 276 39.40 -39.67 -27.20
N ILE A 277 38.71 -38.58 -26.88
CA ILE A 277 37.43 -38.24 -27.51
C ILE A 277 37.63 -37.86 -28.98
N LEU A 278 38.70 -37.13 -29.22
CA LEU A 278 39.04 -36.64 -30.54
C LEU A 278 39.41 -37.76 -31.51
N ASP A 279 39.87 -38.89 -31.02
CA ASP A 279 40.32 -39.93 -31.93
C ASP A 279 39.26 -40.97 -32.20
N SER A 280 38.21 -41.02 -31.40
CA SER A 280 37.11 -41.91 -31.72
C SER A 280 36.47 -41.45 -33.03
N PRO A 281 35.88 -42.38 -33.81
CA PRO A 281 35.22 -42.06 -35.09
C PRO A 281 34.14 -41.00 -34.89
N ASP A 282 33.19 -41.32 -34.01
CA ASP A 282 32.15 -40.39 -33.64
C ASP A 282 32.56 -39.97 -32.25
N PRO A 283 32.93 -38.69 -32.10
CA PRO A 283 33.54 -38.23 -30.86
C PRO A 283 32.52 -37.73 -29.85
N PHE A 284 31.49 -37.05 -30.34
CA PHE A 284 30.54 -36.44 -29.45
C PHE A 284 29.87 -37.50 -28.61
N ALA A 285 29.54 -38.60 -29.25
CA ALA A 285 28.99 -39.72 -28.50
C ALA A 285 30.00 -40.25 -27.46
N THR A 286 31.29 -40.26 -27.80
CA THR A 286 32.33 -40.75 -26.90
C THR A 286 32.39 -39.88 -25.69
N LEU A 287 32.31 -38.59 -25.99
CA LEU A 287 32.24 -37.57 -25.01
C LEU A 287 31.17 -37.95 -23.99
N THR A 288 29.95 -38.13 -24.49
CA THR A 288 28.81 -38.41 -23.63
C THR A 288 28.99 -39.60 -22.68
N LYS A 289 29.34 -40.79 -23.17
CA LYS A 289 29.45 -41.93 -22.27
C LYS A 289 30.58 -41.71 -21.30
N LEU A 290 31.65 -41.11 -21.81
CA LEU A 290 32.86 -40.92 -21.05
C LEU A 290 32.63 -40.09 -19.77
N SER A 291 32.01 -38.95 -19.94
CA SER A 291 31.69 -38.10 -18.80
C SER A 291 30.79 -38.90 -17.85
N GLN A 292 29.72 -39.47 -18.42
CA GLN A 292 28.66 -40.10 -17.65
C GLN A 292 29.15 -40.93 -16.53
N ASP A 293 30.16 -41.74 -16.85
CA ASP A 293 30.69 -42.68 -15.90
C ASP A 293 32.20 -42.67 -15.92
N PHE A 294 32.74 -41.49 -15.68
CA PHE A 294 34.16 -41.28 -15.71
C PHE A 294 34.94 -42.23 -14.80
N PRO A 295 34.60 -42.30 -13.50
CA PRO A 295 35.52 -42.97 -12.57
C PRO A 295 35.91 -44.40 -12.91
N LYS A 296 35.06 -45.09 -13.64
CA LYS A 296 35.34 -46.47 -14.00
C LYS A 296 36.15 -46.57 -15.26
N TYR A 297 36.00 -45.61 -16.17
CA TYR A 297 36.77 -45.65 -17.39
C TYR A 297 38.21 -45.17 -17.13
N SER A 298 38.46 -44.61 -15.95
CA SER A 298 39.70 -43.90 -15.67
C SER A 298 40.95 -44.73 -15.86
N SER A 299 40.97 -45.92 -15.28
CA SER A 299 42.19 -46.69 -15.33
C SER A 299 42.47 -47.15 -16.74
N ALA A 300 41.46 -47.05 -17.60
CA ALA A 300 41.70 -47.23 -19.02
C ALA A 300 42.42 -46.04 -19.65
N VAL A 301 41.81 -44.86 -19.52
CA VAL A 301 42.29 -43.63 -20.17
C VAL A 301 43.64 -43.14 -19.68
N ALA A 302 44.20 -43.81 -18.70
CA ALA A 302 45.55 -43.51 -18.25
C ALA A 302 46.61 -43.87 -19.30
N ALA A 303 46.38 -44.88 -20.14
CA ALA A 303 47.41 -45.31 -21.08
C ALA A 303 47.05 -45.02 -22.54
N TYR A 304 46.82 -43.74 -22.82
CA TYR A 304 46.49 -43.24 -24.15
C TYR A 304 46.91 -41.81 -24.27
N ASN A 305 48.14 -41.57 -24.72
CA ASN A 305 48.75 -40.27 -24.58
C ASN A 305 47.94 -39.24 -25.37
N VAL A 306 48.25 -37.96 -25.22
CA VAL A 306 47.40 -36.91 -25.76
C VAL A 306 47.88 -36.43 -27.16
N THR A 307 46.96 -36.29 -28.13
CA THR A 307 47.31 -36.16 -29.58
C THR A 307 48.03 -34.88 -30.06
N GLN A 308 48.18 -34.67 -31.37
CA GLN A 308 48.91 -33.50 -31.86
C GLN A 308 48.29 -32.13 -31.56
N GLU A 309 46.97 -32.05 -31.49
CA GLU A 309 46.38 -30.78 -31.11
C GLU A 309 46.06 -30.76 -29.63
N PHE A 310 46.99 -31.40 -28.95
CA PHE A 310 47.25 -31.23 -27.57
C PHE A 310 47.75 -29.81 -27.53
N LEU A 311 48.93 -29.57 -28.07
CA LEU A 311 49.51 -28.23 -27.95
C LEU A 311 49.53 -27.16 -29.06
N ASP A 312 48.98 -27.40 -30.24
CA ASP A 312 48.91 -26.27 -31.13
C ASP A 312 47.66 -25.49 -30.78
N GLU A 313 46.88 -25.99 -29.81
CA GLU A 313 45.75 -25.27 -29.25
C GLU A 313 45.89 -24.81 -27.78
N TYR A 314 47.04 -25.13 -27.19
CA TYR A 314 47.47 -24.84 -25.81
C TYR A 314 48.18 -23.50 -25.79
N TYR A 315 48.82 -23.19 -26.91
CA TYR A 315 49.23 -21.84 -27.13
C TYR A 315 48.19 -21.20 -28.07
N ALA A 316 47.51 -22.00 -28.87
CA ALA A 316 46.41 -21.42 -29.64
C ALA A 316 45.18 -21.19 -28.79
N ASN A 317 45.30 -21.27 -27.48
CA ASN A 317 44.17 -20.87 -26.67
C ASN A 317 44.49 -19.44 -26.26
N ARG A 318 45.75 -19.06 -26.30
CA ARG A 318 46.08 -17.71 -25.90
C ARG A 318 45.86 -16.69 -26.99
N ALA A 319 45.34 -17.12 -28.14
CA ALA A 319 44.84 -16.19 -29.16
C ALA A 319 43.33 -16.16 -29.20
N ALA A 320 42.78 -17.33 -29.47
CA ALA A 320 41.37 -17.44 -29.63
C ALA A 320 40.89 -18.48 -28.68
N SER A 321 39.66 -18.29 -28.26
CA SER A 321 39.18 -18.94 -27.06
C SER A 321 40.27 -18.97 -25.96
N LEU A 322 40.41 -17.87 -25.20
CA LEU A 322 41.35 -17.83 -24.05
C LEU A 322 40.81 -18.34 -22.69
N PRO A 323 39.99 -19.40 -22.70
CA PRO A 323 40.02 -20.08 -21.41
C PRO A 323 40.88 -21.31 -21.47
N GLY A 324 41.30 -21.83 -20.33
CA GLY A 324 42.35 -22.83 -20.30
C GLY A 324 41.77 -24.19 -20.00
N GLY A 325 41.29 -24.33 -18.77
CA GLY A 325 40.49 -25.44 -18.36
C GLY A 325 39.35 -24.85 -17.57
N ARG A 326 38.38 -24.23 -18.24
CA ARG A 326 37.19 -23.83 -17.50
C ARG A 326 35.99 -23.96 -18.42
N ASN A 327 34.80 -23.81 -17.89
CA ASN A 327 33.63 -24.04 -18.69
C ASN A 327 32.90 -22.70 -18.83
N VAL A 328 32.84 -22.17 -20.04
CA VAL A 328 32.03 -20.98 -20.31
C VAL A 328 31.18 -21.30 -21.51
N LEU A 329 30.08 -20.58 -21.69
CA LEU A 329 29.21 -20.87 -22.80
C LEU A 329 28.80 -19.60 -23.52
N TRP A 330 28.79 -19.63 -24.85
CA TRP A 330 28.24 -18.53 -25.59
C TRP A 330 27.06 -18.93 -26.44
N ILE A 331 26.15 -18.00 -26.55
CA ILE A 331 25.11 -18.10 -27.53
C ILE A 331 25.34 -16.98 -28.50
N ASN A 332 25.86 -17.32 -29.67
CA ASN A 332 26.30 -16.29 -30.62
C ASN A 332 27.34 -15.40 -29.98
N GLY A 333 28.38 -16.01 -29.43
CA GLY A 333 29.51 -15.25 -28.93
C GLY A 333 29.24 -14.56 -27.63
N LEU A 334 27.97 -14.58 -27.24
CA LEU A 334 27.44 -13.95 -26.03
C LEU A 334 27.51 -14.88 -24.81
N GLN A 335 28.57 -14.74 -24.00
CA GLN A 335 28.77 -15.61 -22.81
C GLN A 335 27.54 -15.78 -21.94
N ILE A 336 27.28 -17.02 -21.57
CA ILE A 336 26.23 -17.33 -20.62
C ILE A 336 26.89 -17.59 -19.27
N ASP A 337 26.20 -17.25 -18.17
CA ASP A 337 26.79 -17.45 -16.84
C ASP A 337 26.45 -18.82 -16.30
N SER A 338 27.42 -19.43 -15.61
CA SER A 338 27.30 -20.80 -15.10
C SER A 338 26.16 -20.99 -14.11
N ARG A 339 25.41 -19.92 -13.82
CA ARG A 339 24.25 -20.07 -12.95
C ARG A 339 22.94 -20.15 -13.76
N GLN A 340 23.01 -19.82 -15.05
CA GLN A 340 21.90 -20.16 -15.94
C GLN A 340 22.28 -21.16 -17.00
N VAL A 341 23.20 -22.06 -16.68
CA VAL A 341 23.37 -23.19 -17.54
C VAL A 341 22.24 -24.15 -17.22
N ASP A 342 21.01 -23.65 -17.35
CA ASP A 342 19.87 -24.50 -17.08
C ASP A 342 18.87 -24.42 -18.23
N ALA A 343 18.17 -25.54 -18.42
CA ALA A 343 17.27 -25.78 -19.53
C ALA A 343 16.24 -24.67 -19.73
N TYR A 344 15.78 -24.09 -18.63
CA TYR A 344 14.72 -23.10 -18.68
C TYR A 344 15.32 -21.84 -19.22
N SER A 345 16.31 -21.37 -18.48
CA SER A 345 17.10 -20.23 -18.88
C SER A 345 17.40 -20.30 -20.35
N LEU A 346 18.12 -21.34 -20.75
CA LEU A 346 18.49 -21.49 -22.14
C LEU A 346 17.35 -21.34 -23.11
N LEU A 347 16.21 -21.95 -22.83
CA LEU A 347 15.11 -21.89 -23.78
C LEU A 347 14.67 -20.44 -24.08
N GLU A 348 14.40 -19.64 -23.05
CA GLU A 348 13.87 -18.31 -23.35
C GLU A 348 14.98 -17.35 -23.75
N HIS A 349 16.23 -17.71 -23.49
CA HIS A 349 17.32 -16.95 -24.10
C HIS A 349 17.49 -17.28 -25.56
N LEU A 350 17.39 -18.57 -25.84
CA LEU A 350 17.49 -19.05 -27.21
C LEU A 350 16.54 -18.36 -28.18
N ARG A 351 15.28 -18.16 -27.83
CA ARG A 351 14.35 -17.46 -28.73
C ARG A 351 14.14 -15.97 -28.48
N HIS A 352 14.69 -15.45 -27.38
CA HIS A 352 14.84 -14.00 -27.29
C HIS A 352 16.26 -13.84 -27.74
N GLU A 353 16.53 -14.50 -28.85
CA GLU A 353 17.75 -14.35 -29.58
C GLU A 353 17.46 -14.54 -31.06
N ARG A 354 16.79 -15.64 -31.44
CA ARG A 354 16.45 -15.94 -32.85
C ARG A 354 15.59 -14.83 -33.44
N GLN A 355 14.64 -14.26 -32.70
CA GLN A 355 13.83 -13.22 -33.35
C GLN A 355 14.60 -11.93 -33.46
N PHE A 356 15.45 -11.67 -32.48
CA PHE A 356 16.15 -10.40 -32.42
C PHE A 356 17.01 -10.39 -33.66
N ILE A 357 17.55 -11.54 -33.97
CA ILE A 357 18.30 -11.66 -35.18
C ILE A 357 17.31 -11.81 -36.30
N GLY A 358 16.20 -12.47 -35.99
CA GLY A 358 15.20 -12.79 -36.99
C GLY A 358 14.67 -11.46 -37.43
N GLN A 359 14.88 -10.49 -36.57
CA GLN A 359 14.44 -9.18 -36.91
C GLN A 359 15.33 -8.62 -37.95
N PHE A 360 16.50 -9.18 -38.20
CA PHE A 360 17.35 -8.58 -39.24
C PHE A 360 17.01 -8.91 -40.71
N ARG A 361 16.30 -9.99 -40.97
CA ARG A 361 16.09 -10.41 -42.35
C ARG A 361 14.96 -9.61 -42.99
N LYS A 362 14.47 -8.65 -42.21
CA LYS A 362 13.56 -7.60 -42.67
C LYS A 362 14.20 -6.75 -43.76
N LEU A 363 15.49 -6.47 -43.55
CA LEU A 363 16.30 -5.65 -44.43
C LEU A 363 16.98 -6.52 -45.46
N GLY A 364 16.61 -7.80 -45.44
CA GLY A 364 17.14 -8.72 -46.42
C GLY A 364 18.58 -8.97 -46.08
N LEU A 365 18.85 -9.77 -45.07
CA LEU A 365 20.24 -10.07 -44.83
C LEU A 365 20.51 -11.56 -44.76
N SER A 366 21.60 -11.96 -45.39
CA SER A 366 22.42 -13.04 -44.86
C SER A 366 22.78 -12.75 -43.40
N ASN A 367 22.85 -13.77 -42.55
CA ASN A 367 23.55 -13.53 -41.30
C ASN A 367 24.61 -14.55 -40.92
N ILE A 368 25.24 -15.13 -41.93
CA ILE A 368 26.53 -15.68 -41.63
C ILE A 368 27.33 -14.37 -41.60
N GLU A 369 26.76 -13.33 -42.19
CA GLU A 369 27.35 -12.01 -42.10
C GLU A 369 27.02 -11.25 -40.78
N ALA A 370 25.76 -11.29 -40.32
CA ALA A 370 25.34 -10.42 -39.21
C ALA A 370 26.06 -10.63 -37.89
N LEU A 371 26.40 -11.84 -37.49
CA LEU A 371 26.94 -11.80 -36.13
C LEU A 371 28.46 -11.69 -36.10
N ASP A 372 29.12 -11.95 -37.22
CA ASP A 372 30.48 -11.49 -37.29
C ASP A 372 30.44 -10.02 -37.71
N LEU A 373 29.23 -9.49 -37.86
CA LEU A 373 29.04 -8.04 -37.83
C LEU A 373 29.20 -7.62 -36.42
N LEU A 374 28.34 -8.18 -35.56
CA LEU A 374 28.43 -7.91 -34.15
C LEU A 374 29.79 -8.34 -33.71
N LEU A 375 30.84 -7.61 -34.13
CA LEU A 375 32.23 -7.72 -33.62
C LEU A 375 33.36 -6.95 -34.33
N HIS A 376 34.35 -6.50 -33.55
CA HIS A 376 35.14 -5.35 -33.96
C HIS A 376 35.95 -4.82 -32.76
N GLN A 389 32.13 9.72 -15.71
CA GLN A 389 32.10 8.99 -14.44
C GLN A 389 32.11 10.04 -13.32
N ARG A 390 33.00 11.03 -13.41
CA ARG A 390 32.98 12.14 -12.46
C ARG A 390 32.22 13.34 -13.04
N TYR A 391 31.93 14.33 -12.19
CA TYR A 391 31.32 15.60 -12.61
C TYR A 391 32.06 16.75 -11.95
N ASP A 392 32.04 17.94 -12.55
CA ASP A 392 32.71 19.09 -11.93
C ASP A 392 31.86 19.70 -10.83
N TRP A 393 32.39 19.76 -9.61
CA TRP A 393 31.54 20.09 -8.49
C TRP A 393 31.60 21.56 -8.08
N ARG A 394 32.60 22.27 -8.54
CA ARG A 394 32.71 23.60 -7.99
C ARG A 394 31.70 24.56 -8.63
N ASP A 395 31.06 25.37 -7.78
CA ASP A 395 30.07 26.37 -8.18
C ASP A 395 30.59 27.50 -9.05
N GLU A 396 31.92 27.58 -9.16
CA GLU A 396 32.61 28.55 -10.02
C GLU A 396 31.80 29.11 -11.17
N VAL A 397 31.40 28.19 -12.03
CA VAL A 397 30.91 28.47 -13.37
C VAL A 397 29.99 29.69 -13.41
N GLU A 398 29.18 29.89 -12.38
CA GLU A 398 28.54 31.20 -12.28
C GLU A 398 28.57 31.66 -10.83
N GLY A 399 29.44 32.60 -10.48
CA GLY A 399 29.31 33.28 -9.21
C GLY A 399 30.39 33.07 -8.17
N GLY A 400 30.53 31.86 -7.67
CA GLY A 400 31.65 31.60 -6.80
C GLY A 400 31.38 31.54 -5.30
N ASP A 401 30.14 31.73 -4.88
CA ASP A 401 29.80 31.34 -3.51
C ASP A 401 28.34 30.89 -3.40
N VAL A 402 28.04 29.88 -4.22
CA VAL A 402 26.83 29.10 -4.08
C VAL A 402 26.88 28.11 -2.95
N ILE A 403 27.97 27.37 -2.95
CA ILE A 403 28.11 26.25 -2.06
C ILE A 403 28.53 26.71 -0.70
N ILE A 404 27.85 26.21 0.30
CA ILE A 404 28.24 26.53 1.66
C ILE A 404 29.15 25.47 2.24
N TRP A 405 30.43 25.79 2.40
CA TRP A 405 31.40 24.85 2.93
C TRP A 405 31.53 24.95 4.42
N LEU A 406 31.14 23.88 5.09
CA LEU A 406 31.16 23.81 6.54
C LEU A 406 32.61 23.61 6.94
N ASN A 407 33.33 22.95 6.05
CA ASN A 407 34.69 22.61 6.34
C ASN A 407 35.66 23.48 5.56
N ASP A 408 36.87 23.63 6.08
CA ASP A 408 37.95 24.19 5.30
C ASP A 408 39.29 23.72 5.83
N LEU A 409 39.90 22.81 5.11
CA LEU A 409 41.12 22.20 5.57
C LEU A 409 42.17 23.27 5.72
N THR A 410 42.33 24.02 4.64
CA THR A 410 43.41 24.98 4.52
C THR A 410 43.21 26.18 5.45
N LYS A 411 42.05 26.31 6.09
CA LYS A 411 41.84 27.47 6.96
C LYS A 411 41.26 27.23 8.36
N ASP A 412 40.26 26.36 8.47
CA ASP A 412 39.73 26.01 9.79
C ASP A 412 40.90 25.64 10.70
N LYS A 413 40.80 26.00 11.99
CA LYS A 413 41.92 25.77 12.89
C LYS A 413 41.78 24.43 13.61
N ARG A 414 40.59 23.85 13.49
CA ARG A 414 40.31 22.49 13.98
C ARG A 414 41.36 21.49 13.43
N TYR A 415 41.77 21.70 12.18
CA TYR A 415 42.78 20.88 11.49
C TYR A 415 44.21 21.36 11.79
N SER A 416 44.34 21.95 12.97
CA SER A 416 45.61 22.43 13.54
C SER A 416 46.69 22.92 12.57
N ASP A 417 47.92 22.48 12.81
CA ASP A 417 49.09 23.09 12.20
C ASP A 417 49.94 21.99 11.54
N PHE A 418 49.36 20.81 11.38
CA PHE A 418 50.13 19.70 10.79
C PHE A 418 50.46 19.87 9.34
N PRO A 419 51.69 19.52 8.96
CA PRO A 419 52.21 19.97 7.65
C PRO A 419 51.50 19.42 6.42
N SER A 420 51.88 19.99 5.27
CA SER A 420 51.28 19.74 3.97
C SER A 420 52.13 18.89 3.02
N ASP A 421 53.34 18.52 3.46
CA ASP A 421 54.23 17.64 2.70
C ASP A 421 53.39 16.56 2.05
N ILE A 422 53.25 16.58 0.73
CA ILE A 422 52.42 15.56 0.15
C ILE A 422 53.02 14.17 0.22
N ASP A 423 54.34 14.06 0.02
CA ASP A 423 55.02 12.75 -0.02
C ASP A 423 55.07 12.15 1.35
N ALA A 424 54.83 12.98 2.36
CA ALA A 424 54.51 12.50 3.68
C ALA A 424 53.00 12.35 3.76
N LEU A 425 52.50 11.35 3.05
CA LEU A 425 51.09 11.09 3.08
C LEU A 425 50.95 9.63 2.70
N LEU A 426 51.24 8.81 3.71
CA LEU A 426 51.51 7.40 3.56
C LEU A 426 50.80 6.57 4.62
N GLN A 427 51.27 5.33 4.72
CA GLN A 427 50.92 4.32 5.71
C GLN A 427 49.79 4.64 6.71
N PRO A 428 48.54 4.41 6.29
CA PRO A 428 47.47 4.65 7.26
C PRO A 428 46.93 3.37 7.89
N THR A 429 46.67 3.39 9.20
CA THR A 429 45.85 2.35 9.83
C THR A 429 44.50 2.99 9.74
N TYR A 430 43.43 2.21 9.81
CA TYR A 430 42.11 2.82 9.72
C TYR A 430 41.61 3.50 11.03
N PRO A 431 42.30 3.31 12.16
CA PRO A 431 42.18 4.48 13.02
C PRO A 431 43.09 5.56 12.41
N GLY A 432 42.67 6.08 11.26
CA GLY A 432 43.37 7.13 10.54
C GLY A 432 43.66 6.92 9.04
N GLN A 433 42.63 7.07 8.20
CA GLN A 433 42.76 7.07 6.74
C GLN A 433 43.29 8.42 6.22
N LEU A 434 44.63 8.51 6.23
CA LEU A 434 45.48 9.66 5.91
C LEU A 434 45.94 10.33 7.17
N PRO A 435 47.19 10.80 7.16
CA PRO A 435 47.66 11.59 8.28
C PRO A 435 46.98 12.96 8.29
N ALA A 436 47.26 13.77 9.31
CA ALA A 436 46.69 15.11 9.38
C ALA A 436 47.52 16.08 8.57
N VAL A 437 47.02 16.41 7.39
CA VAL A 437 47.74 17.29 6.50
C VAL A 437 46.78 18.33 5.93
N ARG A 438 47.17 19.60 5.98
CA ARG A 438 46.27 20.70 5.60
C ARG A 438 46.18 20.94 4.10
N ARG A 439 46.20 19.87 3.31
CA ARG A 439 45.93 19.99 1.88
C ARG A 439 44.47 19.82 1.42
N ASP A 440 44.11 20.54 0.37
CA ASP A 440 42.84 20.31 -0.30
C ASP A 440 42.97 19.05 -1.13
N VAL A 441 42.23 18.02 -0.74
CA VAL A 441 42.33 16.73 -1.38
C VAL A 441 40.98 16.17 -1.71
N HIS A 442 40.25 15.97 -0.63
CA HIS A 442 38.95 15.36 -0.64
C HIS A 442 37.90 16.40 -0.38
N ASN A 443 36.88 16.42 -1.22
CA ASN A 443 35.82 17.43 -1.20
C ASN A 443 34.44 16.78 -1.41
N VAL A 444 33.56 16.96 -0.44
CA VAL A 444 32.24 16.38 -0.55
C VAL A 444 31.18 17.45 -0.50
N VAL A 445 30.35 17.42 -1.53
CA VAL A 445 29.34 18.45 -1.70
C VAL A 445 27.97 17.83 -1.47
N ILE A 446 27.30 18.27 -0.41
CA ILE A 446 26.02 17.68 -0.02
C ILE A 446 24.86 18.63 -0.27
N PRO A 447 24.12 18.41 -1.35
CA PRO A 447 22.96 19.22 -1.67
C PRO A 447 21.87 18.94 -0.65
N ILE A 448 21.26 19.98 -0.11
CA ILE A 448 20.27 19.81 0.94
C ILE A 448 19.04 20.67 0.80
N ASP A 449 17.90 20.07 1.13
CA ASP A 449 16.69 20.82 1.41
C ASP A 449 16.63 21.11 2.88
N LEU A 450 16.63 22.38 3.21
CA LEU A 450 16.54 22.73 4.61
C LEU A 450 15.11 22.57 5.10
N THR A 451 14.24 22.08 4.22
CA THR A 451 12.86 21.74 4.59
C THR A 451 12.83 20.28 4.93
N ASN A 452 13.73 19.53 4.33
CA ASN A 452 13.75 18.11 4.60
C ASN A 452 14.37 17.87 5.96
N GLU A 453 13.68 17.12 6.82
CA GLU A 453 14.18 16.90 8.16
C GLU A 453 15.35 15.92 8.12
N ASP A 454 15.24 14.92 7.25
CA ASP A 454 16.27 13.89 7.13
C ASP A 454 17.61 14.57 6.90
N ASP A 455 17.64 15.45 5.89
CA ASP A 455 18.84 16.21 5.52
C ASP A 455 19.54 16.84 6.72
N VAL A 456 18.77 17.58 7.50
CA VAL A 456 19.38 18.38 8.52
C VAL A 456 20.03 17.49 9.58
N TYR A 457 19.28 16.51 10.07
CA TYR A 457 19.78 15.56 11.07
C TYR A 457 21.12 15.00 10.59
N VAL A 459 23.35 16.52 8.93
CA VAL A 459 24.46 17.44 9.03
C VAL A 459 24.73 17.83 10.46
N VAL A 460 23.66 18.07 11.21
CA VAL A 460 23.82 18.57 12.55
C VAL A 460 24.52 17.56 13.43
N GLN A 461 24.29 16.27 13.24
CA GLN A 461 25.07 15.38 14.08
C GLN A 461 26.35 14.99 13.33
N HIS A 462 26.25 14.10 12.35
CA HIS A 462 27.49 13.50 11.95
C HIS A 462 28.22 14.12 10.79
N ILE A 463 27.62 15.02 10.02
CA ILE A 463 28.49 15.83 9.18
C ILE A 463 29.29 16.66 10.12
N GLN A 464 28.69 17.01 11.24
CA GLN A 464 29.37 17.87 12.17
C GLN A 464 30.44 17.05 12.91
N THR A 465 30.19 15.77 13.16
CA THR A 465 31.16 15.02 13.93
C THR A 465 32.44 14.70 13.19
N PHE A 466 32.33 14.30 11.93
CA PHE A 466 33.52 13.94 11.18
C PHE A 466 34.49 15.05 11.13
N ILE A 467 33.97 16.23 10.86
CA ILE A 467 34.77 17.42 10.93
C ILE A 467 35.42 17.45 12.29
N LYS A 468 34.57 17.40 13.29
CA LYS A 468 35.01 17.53 14.66
C LYS A 468 36.01 16.42 15.02
N ARG A 469 35.79 15.20 14.51
CA ARG A 469 36.74 14.11 14.75
C ARG A 469 37.86 14.18 13.70
N LEU A 470 38.18 15.41 13.31
CA LEU A 470 39.37 15.72 12.53
C LEU A 470 39.50 14.82 11.33
N ILE A 471 38.39 14.52 10.67
CA ILE A 471 38.50 13.79 9.42
C ILE A 471 38.94 14.72 8.32
N PRO A 472 40.05 14.36 7.67
CA PRO A 472 40.67 15.16 6.60
C PRO A 472 39.86 15.11 5.33
N VAL A 473 38.57 15.36 5.48
CA VAL A 473 37.70 15.49 4.35
C VAL A 473 36.98 16.83 4.48
N ARG A 474 36.77 17.52 3.38
CA ARG A 474 36.13 18.82 3.45
C ARG A 474 34.66 18.79 2.98
N PHE A 475 33.75 19.38 3.76
CA PHE A 475 32.32 19.27 3.43
C PHE A 475 31.64 20.57 3.14
N GLY A 476 30.64 20.50 2.27
CA GLY A 476 29.87 21.66 1.89
C GLY A 476 28.43 21.32 1.55
N LEU A 477 27.58 22.34 1.45
CA LEU A 477 26.19 22.13 1.07
C LEU A 477 25.77 23.05 -0.04
N VAL A 478 24.88 22.59 -0.91
CA VAL A 478 24.09 23.56 -1.65
C VAL A 478 22.68 23.41 -1.14
N PRO A 479 22.12 24.53 -0.75
CA PRO A 479 20.76 24.39 -0.28
C PRO A 479 19.87 24.25 -1.46
N LEU A 480 19.11 23.18 -1.49
CA LEU A 480 18.07 23.09 -2.50
C LEU A 480 17.03 24.21 -2.33
N VAL A 481 16.73 24.82 -3.46
CA VAL A 481 15.82 25.93 -3.49
C VAL A 481 14.63 25.46 -4.29
N HIS A 482 14.08 24.33 -3.87
CA HIS A 482 13.16 23.64 -4.72
C HIS A 482 11.75 23.70 -4.16
N SER A 483 11.53 24.58 -3.19
CA SER A 483 10.18 24.91 -2.75
C SER A 483 10.20 26.28 -2.11
N GLU A 484 9.05 26.94 -2.20
CA GLU A 484 8.89 28.28 -1.66
C GLU A 484 9.49 28.31 -0.25
N PRO A 485 9.21 27.30 0.60
CA PRO A 485 9.96 27.27 1.88
C PRO A 485 11.47 26.88 1.79
N ALA A 486 11.87 25.92 0.95
CA ALA A 486 13.27 25.47 0.90
C ALA A 486 14.25 26.60 0.58
N LYS A 487 13.78 27.55 -0.22
CA LYS A 487 14.54 28.75 -0.55
C LYS A 487 14.71 29.67 0.64
N SER A 488 13.58 30.13 1.16
CA SER A 488 13.54 30.99 2.33
C SER A 488 14.49 30.55 3.44
N GLN A 489 14.45 29.27 3.76
CA GLN A 489 15.37 28.75 4.73
C GLN A 489 16.76 28.91 4.18
N ALA A 490 16.93 28.62 2.90
CA ALA A 490 18.23 28.75 2.27
C ALA A 490 18.62 30.22 2.35
N LYS A 491 17.64 31.09 2.07
CA LYS A 491 17.87 32.52 2.10
C LYS A 491 18.46 32.83 3.46
N ILE A 492 17.63 32.57 4.46
CA ILE A 492 17.99 32.67 5.86
C ILE A 492 19.35 32.06 6.10
N ALA A 493 19.49 30.84 5.61
CA ALA A 493 20.72 30.14 5.79
C ALA A 493 21.87 31.00 5.28
N ARG A 494 21.82 31.34 4.00
CA ARG A 494 22.89 32.10 3.41
C ARG A 494 23.17 33.35 4.23
N TYR A 495 22.13 34.11 4.52
CA TYR A 495 22.28 35.38 5.23
C TYR A 495 23.06 35.31 6.56
N LEU A 496 23.11 34.15 7.19
CA LEU A 496 23.80 34.09 8.46
C LEU A 496 25.31 34.11 8.25
N GLN A 497 25.84 33.19 7.44
CA GLN A 497 27.25 33.28 7.04
C GLN A 497 27.46 34.17 5.86
N THR A 499 26.82 37.58 7.11
CA THR A 499 26.55 38.69 8.01
C THR A 499 26.77 38.32 9.47
N HIS A 500 26.25 37.17 9.89
CA HIS A 500 26.21 36.79 11.30
C HIS A 500 27.04 35.54 11.37
N GLY A 501 28.11 35.55 10.60
CA GLY A 501 29.09 34.49 10.37
C GLY A 501 28.89 32.99 10.52
N LEU A 502 30.05 32.33 10.66
CA LEU A 502 30.21 30.92 10.35
C LEU A 502 29.60 29.81 11.27
N ALA A 503 29.00 30.12 12.41
CA ALA A 503 28.37 29.04 13.19
C ALA A 503 26.87 29.26 13.44
N ALA A 504 26.44 30.52 13.39
CA ALA A 504 25.06 30.86 13.70
C ALA A 504 24.11 30.04 12.92
N LYS A 507 23.79 26.68 14.36
CA LYS A 507 23.19 26.84 15.69
C LYS A 507 21.85 27.59 15.60
N TYR A 508 21.41 27.87 14.37
CA TYR A 508 20.00 28.13 14.08
C TYR A 508 19.41 26.76 13.74
N PHE A 509 19.96 26.17 12.70
CA PHE A 509 19.44 24.92 12.20
C PHE A 509 19.54 23.82 13.20
N GLN A 510 20.40 23.98 14.21
CA GLN A 510 20.37 23.00 15.29
C GLN A 510 19.07 23.22 16.00
N ARG A 511 18.84 24.41 16.51
CA ARG A 511 17.65 24.55 17.33
C ARG A 511 16.39 24.53 16.47
N ALA A 512 16.54 24.83 15.18
CA ALA A 512 15.35 24.85 14.32
C ALA A 512 14.88 23.45 14.06
N LEU A 513 15.86 22.61 13.77
CA LEU A 513 15.66 21.18 13.61
C LEU A 513 14.85 20.53 14.67
N GLU A 514 15.26 20.77 15.89
CA GLU A 514 14.90 19.81 16.90
C GLU A 514 13.47 19.96 17.35
N LYS A 515 13.16 20.80 18.33
CA LYS A 515 11.80 20.72 18.82
C LYS A 515 10.85 21.63 18.04
N ASP A 516 11.38 22.62 17.34
CA ASP A 516 10.54 23.28 16.35
C ASP A 516 10.72 22.38 15.16
N LYS A 517 9.90 22.57 14.15
CA LYS A 517 10.11 21.79 12.98
C LYS A 517 10.25 22.80 11.86
N LEU A 518 11.33 22.57 11.13
CA LEU A 518 11.78 23.30 9.95
C LEU A 518 10.82 23.45 8.79
N ALA A 519 9.54 23.19 9.00
CA ALA A 519 8.64 22.91 7.88
C ALA A 519 8.51 24.22 7.16
N ARG A 520 8.39 25.24 7.99
CA ARG A 520 8.62 26.59 7.57
C ARG A 520 9.51 27.28 8.60
N PRO A 521 10.25 28.29 8.14
CA PRO A 521 11.14 29.11 8.95
C PRO A 521 10.42 30.19 9.71
N ASP A 522 10.32 30.13 11.03
CA ASP A 522 9.73 31.28 11.68
C ASP A 522 10.86 32.20 12.13
N GLN A 523 10.64 33.49 11.91
CA GLN A 523 11.56 34.55 12.29
C GLN A 523 11.69 34.69 13.80
N ALA A 524 10.70 34.16 14.53
CA ALA A 524 10.78 34.16 16.00
C ALA A 524 12.13 33.58 16.39
N LEU A 525 12.54 32.49 15.72
CA LEU A 525 13.84 31.86 15.94
C LEU A 525 14.99 32.64 15.38
N PHE A 526 14.79 33.17 14.18
CA PHE A 526 15.76 34.00 13.47
C PHE A 526 16.43 35.02 14.35
N ASP A 527 15.62 35.85 14.98
CA ASP A 527 16.12 36.96 15.76
C ASP A 527 16.86 36.53 17.02
N GLU A 528 16.49 35.37 17.54
CA GLU A 528 17.09 34.85 18.75
C GLU A 528 18.55 34.42 18.57
N THR A 529 18.88 33.89 17.39
CA THR A 529 20.22 33.39 17.12
C THR A 529 21.12 34.47 16.57
N ILE A 530 20.51 35.55 16.09
CA ILE A 530 21.25 36.74 15.70
C ILE A 530 21.89 37.31 16.95
N ALA A 531 21.12 37.31 18.02
CA ALA A 531 21.61 37.74 19.31
C ALA A 531 22.82 36.92 19.71
N SER A 532 22.84 35.67 19.27
CA SER A 532 23.98 34.83 19.55
C SER A 532 25.10 35.21 18.58
N ALA A 533 26.30 35.19 19.12
CA ALA A 533 27.49 35.42 18.34
C ALA A 533 28.64 34.80 19.13
N ARG A 534 28.24 34.10 20.21
CA ARG A 534 29.02 33.13 20.98
C ARG A 534 30.37 32.67 20.40
N VAL A 535 30.30 31.72 19.46
CA VAL A 535 31.46 31.14 18.76
C VAL A 535 31.83 32.09 17.65
N LEU A 536 30.81 32.82 17.24
CA LEU A 536 30.80 33.57 16.01
C LEU A 536 31.42 34.94 16.08
N ARG A 537 30.77 35.87 15.35
CA ARG A 537 30.18 37.10 15.82
C ARG A 537 29.41 37.83 14.76
N GLY A 538 29.93 38.93 14.21
CA GLY A 538 29.08 39.46 13.16
C GLY A 538 29.13 40.68 12.26
N LYS A 539 29.81 40.68 11.11
CA LYS A 539 29.67 41.89 10.29
C LYS A 539 28.94 41.71 8.96
N ALA A 540 28.39 42.82 8.45
CA ALA A 540 27.33 42.98 7.42
C ALA A 540 25.84 42.81 7.83
N GLN A 541 25.39 43.60 8.81
CA GLN A 541 24.00 43.61 9.29
C GLN A 541 22.88 43.65 8.21
N SER A 542 21.79 42.90 8.41
CA SER A 542 20.52 43.11 7.68
C SER A 542 19.27 42.86 8.54
N PHE A 543 19.32 41.83 9.38
CA PHE A 543 18.24 41.38 10.27
C PHE A 543 16.89 41.20 9.58
N GLU A 544 15.82 41.34 10.36
CA GLU A 544 14.44 41.49 9.89
C GLU A 544 13.94 40.41 8.91
N GLU A 545 13.08 40.88 8.02
CA GLU A 545 12.58 40.12 6.94
C GLU A 545 13.63 40.35 5.86
N ALA A 546 14.43 39.30 5.70
CA ALA A 546 15.50 39.17 4.70
C ALA A 546 14.87 38.85 3.35
N LEU A 547 14.15 39.84 2.87
CA LEU A 547 13.56 39.87 1.55
C LEU A 547 14.37 40.63 0.49
N SER A 548 15.70 40.60 0.61
CA SER A 548 16.56 41.48 -0.19
C SER A 548 16.58 40.99 -1.60
N SER A 549 16.84 41.90 -2.52
CA SER A 549 17.03 41.58 -3.92
C SER A 549 18.42 41.04 -4.17
N THR A 550 19.31 41.42 -3.26
CA THR A 550 20.71 41.05 -3.33
C THR A 550 20.80 39.58 -3.04
N THR A 551 19.68 39.00 -2.70
CA THR A 551 19.63 37.60 -2.32
C THR A 551 18.61 36.87 -3.11
N LEU A 552 17.45 37.50 -3.25
CA LEU A 552 16.28 36.84 -3.81
C LEU A 552 16.60 36.08 -5.06
N GLU A 553 17.51 36.56 -5.88
CA GLU A 553 17.84 35.77 -7.03
C GLU A 553 19.31 35.48 -7.12
N GLU A 554 20.25 36.37 -6.83
CA GLU A 554 21.56 35.83 -7.15
C GLU A 554 22.49 35.35 -6.10
N VAL A 555 21.87 34.82 -5.07
CA VAL A 555 22.52 33.71 -4.52
C VAL A 555 21.59 32.61 -4.93
N ASP A 557 19.27 32.08 -8.02
CA ASP A 557 19.37 31.44 -9.33
C ASP A 557 20.77 30.89 -9.48
N LYS A 558 21.68 31.51 -8.74
CA LYS A 558 23.08 31.14 -8.75
C LYS A 558 23.15 29.81 -8.04
N THR A 559 22.42 29.63 -6.94
CA THR A 559 22.27 28.26 -6.46
C THR A 559 21.36 27.56 -7.49
N GLY A 560 20.28 28.24 -7.87
CA GLY A 560 19.32 27.70 -8.82
C GLY A 560 19.88 27.01 -10.04
N ARG A 561 20.77 27.65 -10.78
CA ARG A 561 21.27 26.93 -11.93
C ARG A 561 22.39 25.94 -11.59
N TYR A 562 23.21 26.19 -10.58
CA TYR A 562 24.24 25.21 -10.18
C TYR A 562 23.58 23.88 -9.96
N ILE A 563 22.44 23.96 -9.31
CA ILE A 563 21.62 22.80 -9.11
C ILE A 563 21.25 22.26 -10.46
N LYS A 564 20.57 23.07 -11.24
CA LYS A 564 20.05 22.56 -12.47
C LYS A 564 21.22 22.34 -13.42
N ARG A 565 22.34 23.01 -13.20
CA ARG A 565 23.56 22.64 -13.93
C ARG A 565 23.84 21.20 -13.62
N LEU A 566 23.86 20.86 -12.33
CA LEU A 566 24.22 19.50 -11.96
C LEU A 566 23.02 18.60 -11.77
N ASP A 567 21.83 19.12 -12.04
CA ASP A 567 20.62 18.31 -12.06
C ASP A 567 20.27 17.76 -10.69
N LEU A 568 19.97 18.63 -9.74
CA LEU A 568 19.78 18.23 -8.33
C LEU A 568 18.42 18.65 -7.73
N GLY A 569 17.43 18.89 -8.58
CA GLY A 569 16.11 19.31 -8.13
C GLY A 569 15.33 18.14 -7.59
N GLY A 570 14.04 18.36 -7.37
CA GLY A 570 13.15 17.28 -6.98
C GLY A 570 13.32 16.72 -5.59
N ARG A 571 12.73 15.54 -5.39
CA ARG A 571 12.72 14.87 -4.10
C ARG A 571 14.11 14.59 -3.48
N SER A 572 14.89 13.69 -4.08
CA SER A 572 16.25 13.37 -3.59
C SER A 572 17.36 13.37 -4.63
N PRO A 573 18.23 14.39 -4.58
CA PRO A 573 19.40 14.64 -5.44
C PRO A 573 20.61 13.88 -4.91
N PRO A 574 21.56 13.47 -5.75
CA PRO A 574 22.69 12.66 -5.28
C PRO A 574 23.65 13.41 -4.34
N VAL A 575 24.84 12.86 -4.12
CA VAL A 575 25.85 13.58 -3.34
C VAL A 575 27.12 13.70 -4.18
N LEU A 576 27.80 14.83 -4.09
CA LEU A 576 29.09 14.93 -4.76
C LEU A 576 30.24 14.55 -3.86
N ALA A 577 30.77 13.37 -4.12
CA ALA A 577 31.93 12.88 -3.41
C ALA A 577 33.11 12.91 -4.34
N ASN A 578 34.03 13.86 -4.12
CA ASN A 578 35.14 14.07 -5.04
C ASN A 578 34.72 13.99 -6.48
N GLY A 579 33.53 14.49 -6.80
CA GLY A 579 33.05 14.40 -8.17
C GLY A 579 32.23 13.14 -8.47
N VAL A 580 32.33 12.10 -7.66
CA VAL A 580 31.50 10.95 -7.99
C VAL A 580 30.19 11.09 -7.23
N LEU A 581 29.11 10.75 -7.91
CA LEU A 581 27.79 10.84 -7.33
C LEU A 581 27.48 9.71 -6.38
N LEU A 582 26.96 10.06 -5.21
CA LEU A 582 26.52 9.03 -4.30
C LEU A 582 25.03 9.24 -4.14
N GLY A 583 24.25 8.18 -4.33
CA GLY A 583 22.82 8.31 -4.19
C GLY A 583 22.65 8.45 -2.71
N ARG A 584 21.85 9.40 -2.25
CA ARG A 584 21.71 9.51 -0.80
C ARG A 584 20.50 8.68 -0.44
N GLY A 585 19.71 8.34 -1.45
CA GLY A 585 18.56 7.51 -1.17
C GLY A 585 19.03 6.20 -0.58
N ASP A 586 20.03 5.60 -1.22
CA ASP A 586 20.74 4.40 -0.76
C ASP A 586 21.54 4.79 0.49
N ASN A 587 21.84 3.87 1.39
CA ASN A 587 22.93 4.22 2.30
C ASN A 587 24.13 4.65 1.49
N PHE A 588 24.97 5.49 2.07
CA PHE A 588 26.07 6.01 1.29
C PHE A 588 27.22 6.39 2.21
N LEU A 589 26.95 6.54 3.50
CA LEU A 589 27.98 7.05 4.40
C LEU A 589 29.20 6.12 4.44
N GLN A 590 29.00 4.81 4.30
CA GLN A 590 30.18 3.97 4.25
C GLN A 590 30.71 3.93 2.84
N GLU A 591 29.82 4.01 1.85
CA GLU A 591 30.27 4.12 0.45
C GLU A 591 30.98 5.46 0.30
N LEU A 592 30.54 6.43 1.09
CA LEU A 592 31.28 7.66 1.17
C LEU A 592 32.62 7.27 1.71
N SER A 593 32.63 6.70 2.91
CA SER A 593 33.87 6.35 3.59
C SER A 593 34.74 5.44 2.71
N ARG A 595 34.32 5.14 -1.03
CA ARG A 595 34.69 5.76 -2.28
C ARG A 595 35.78 6.80 -2.03
N VAL A 596 35.89 7.27 -0.80
CA VAL A 596 37.03 8.09 -0.43
C VAL A 596 38.29 7.25 -0.43
N ALA A 597 38.26 6.18 0.35
CA ALA A 597 39.45 5.36 0.59
C ALA A 597 39.89 4.72 -0.73
N ILE A 598 38.94 4.53 -1.63
CA ILE A 598 39.29 4.25 -3.03
C ILE A 598 40.02 5.46 -3.61
N ASP A 599 39.28 6.57 -3.67
CA ASP A 599 39.77 7.81 -4.27
C ASP A 599 41.08 8.27 -3.65
N LEU A 600 41.25 7.98 -2.37
CA LEU A 600 42.51 8.24 -1.71
C LEU A 600 43.70 7.62 -2.43
N GLN A 601 43.63 6.32 -2.66
CA GLN A 601 44.80 5.61 -3.14
C GLN A 601 45.11 6.03 -4.56
N LEU A 602 44.08 6.30 -5.34
CA LEU A 602 44.23 6.80 -6.71
C LEU A 602 45.10 8.03 -6.74
N ILE A 603 45.07 8.78 -5.64
CA ILE A 603 45.90 9.96 -5.55
C ILE A 603 47.25 9.57 -5.04
N GLN A 604 47.26 8.74 -4.00
CA GLN A 604 48.52 8.18 -3.59
C GLN A 604 49.17 7.50 -4.75
N GLN A 605 48.39 6.84 -5.60
CA GLN A 605 48.96 6.21 -6.78
C GLN A 605 49.59 7.28 -7.64
N SER A 606 48.96 8.46 -7.65
CA SER A 606 49.42 9.54 -8.52
C SER A 606 50.75 9.98 -7.96
N ILE A 607 50.72 10.50 -6.74
CA ILE A 607 51.91 11.07 -6.12
C ILE A 607 53.08 10.09 -5.97
N VAL A 608 52.83 8.87 -5.45
CA VAL A 608 53.91 7.87 -5.29
C VAL A 608 54.74 7.71 -6.53
N GLN A 609 54.04 7.78 -7.64
CA GLN A 609 54.56 7.47 -8.94
C GLN A 609 54.60 8.80 -9.66
N ASP A 610 54.85 8.69 -10.95
CA ASP A 610 54.67 9.68 -11.98
C ASP A 610 53.87 10.91 -11.58
N ALA A 611 54.26 11.65 -10.56
CA ALA A 611 53.35 12.74 -10.27
C ALA A 611 54.00 14.06 -10.19
N VAL A 612 53.11 15.01 -9.94
CA VAL A 612 53.46 16.36 -9.75
C VAL A 612 53.94 16.57 -8.32
N GLU A 613 54.58 17.71 -8.11
CA GLU A 613 55.06 18.12 -6.83
C GLU A 613 53.98 18.83 -6.06
N GLU A 614 54.42 19.56 -5.05
CA GLU A 614 53.55 20.23 -4.08
C GLU A 614 52.78 21.47 -4.53
N ASP A 615 53.07 22.01 -5.70
CA ASP A 615 52.43 23.27 -6.12
C ASP A 615 51.20 22.97 -6.97
N THR A 616 50.62 21.79 -6.81
CA THR A 616 49.37 21.47 -7.49
C THR A 616 48.19 21.13 -6.60
N TRP A 617 47.06 21.62 -7.05
CA TRP A 617 45.80 21.42 -6.38
C TRP A 617 45.28 20.02 -6.63
N LEU A 618 45.31 19.21 -5.59
CA LEU A 618 45.08 17.80 -5.74
C LEU A 618 43.71 17.46 -6.29
N PRO A 619 42.66 18.12 -5.80
CA PRO A 619 41.37 17.71 -6.35
C PRO A 619 41.24 17.90 -7.87
N SER A 620 42.08 18.75 -8.47
CA SER A 620 42.19 18.83 -9.93
C SER A 620 42.29 17.45 -10.52
N TYR A 621 43.12 16.63 -9.88
CA TYR A 621 43.37 15.26 -10.30
C TYR A 621 42.06 14.47 -10.54
N PHE A 622 41.21 14.46 -9.53
CA PHE A 622 39.91 13.82 -9.67
C PHE A 622 39.12 14.41 -10.78
N LEU A 623 39.24 15.72 -10.88
CA LEU A 623 38.25 16.50 -11.56
C LEU A 623 38.64 16.59 -13.04
N SER A 624 39.90 16.32 -13.26
CA SER A 624 40.49 16.36 -14.59
C SER A 624 40.23 15.08 -15.36
N GLN A 625 39.05 14.94 -15.99
CA GLN A 625 38.76 13.69 -16.67
C GLN A 625 38.46 13.81 -18.17
N ALA A 626 37.42 14.59 -18.49
CA ALA A 626 36.93 14.94 -19.84
C ALA A 626 35.45 15.28 -19.72
N ALA A 627 34.85 14.86 -18.60
CA ALA A 627 33.42 15.03 -18.28
C ALA A 627 33.08 16.27 -17.41
N LEU A 628 32.34 17.21 -17.99
CA LEU A 628 32.10 18.52 -17.38
C LEU A 628 31.05 18.51 -16.30
N THR A 629 29.90 19.11 -16.62
CA THR A 629 29.00 19.68 -15.63
C THR A 629 27.47 19.46 -15.73
N ARG A 630 26.91 18.25 -15.91
CA ARG A 630 25.43 18.18 -15.96
C ARG A 630 24.59 17.03 -15.35
N ASN A 631 23.73 16.50 -16.21
CA ASN A 631 22.49 15.75 -15.91
C ASN A 631 22.65 14.25 -15.58
N GLU A 632 21.67 13.69 -14.84
CA GLU A 632 21.67 12.26 -14.41
C GLU A 632 20.59 11.40 -15.12
N LEU A 633 19.97 11.98 -16.13
CA LEU A 633 18.86 11.37 -16.83
C LEU A 633 19.22 10.97 -18.24
N ILE A 634 19.69 11.96 -18.99
CA ILE A 634 20.16 11.78 -20.34
C ILE A 634 21.30 10.80 -20.30
N PRO A 636 22.45 8.66 -17.69
CA PRO A 636 21.90 8.22 -16.41
C PRO A 636 22.82 7.26 -15.74
N GLN A 637 24.10 7.58 -15.67
CA GLN A 637 25.01 6.52 -15.28
C GLN A 637 24.92 6.20 -13.79
N ASP A 638 23.89 6.72 -13.10
CA ASP A 638 23.57 6.13 -11.81
C ASP A 638 22.45 5.04 -11.94
N PRO A 639 21.22 5.34 -12.38
CA PRO A 639 20.64 4.08 -12.85
C PRO A 639 21.05 3.81 -14.31
N SER A 640 21.94 2.87 -14.62
CA SER A 640 22.31 2.67 -16.04
C SER A 640 21.09 2.13 -16.80
N LYS A 641 20.04 2.94 -16.71
CA LYS A 641 18.86 2.94 -17.53
C LYS A 641 19.11 3.59 -18.87
N ILE A 642 19.37 2.76 -19.86
CA ILE A 642 19.44 3.26 -21.21
C ILE A 642 18.27 2.62 -21.91
N ARG A 643 17.29 3.43 -22.30
CA ARG A 643 16.16 2.92 -23.07
C ARG A 643 16.40 2.96 -24.55
N ILE A 644 16.40 1.77 -25.13
CA ILE A 644 16.45 1.69 -26.55
C ILE A 644 15.11 1.18 -27.01
N VAL A 645 14.60 1.78 -28.07
CA VAL A 645 13.26 1.49 -28.54
C VAL A 645 13.25 1.44 -30.04
N ASN A 646 13.20 0.24 -30.58
CA ASN A 646 12.94 0.10 -32.00
C ASN A 646 12.35 -1.25 -32.27
N LEU A 647 12.78 -1.82 -33.41
CA LEU A 647 12.48 -3.18 -33.81
C LEU A 647 11.05 -3.32 -34.31
N VAL A 648 10.20 -3.51 -33.33
CA VAL A 648 8.75 -3.45 -33.43
C VAL A 648 8.10 -2.17 -34.10
N GLN A 649 8.29 -1.98 -35.41
CA GLN A 649 7.49 -0.92 -36.06
C GLN A 649 6.86 -1.32 -37.34
N VAL A 650 6.59 -2.61 -37.42
CA VAL A 650 5.72 -3.05 -38.46
C VAL A 650 4.33 -2.78 -37.88
N ALA A 651 4.20 -1.63 -37.24
CA ALA A 651 2.97 -1.11 -36.67
C ALA A 651 1.97 -0.64 -37.72
N GLU A 652 1.01 0.18 -37.31
CA GLU A 652 0.03 0.74 -38.22
C GLU A 652 0.55 2.13 -38.57
N SER A 653 1.86 2.28 -38.38
CA SER A 653 2.59 3.49 -38.72
C SER A 653 3.13 3.54 -40.14
N HIS A 654 4.23 2.82 -40.35
CA HIS A 654 5.12 2.88 -41.53
C HIS A 654 5.17 4.17 -42.33
N ASP A 655 4.66 5.24 -41.75
CA ASP A 655 4.63 6.49 -42.45
C ASP A 655 6.03 6.94 -42.83
N LEU A 656 6.22 7.20 -44.12
CA LEU A 656 7.40 7.90 -44.59
C LEU A 656 7.09 9.38 -44.30
N THR A 657 8.09 10.19 -43.96
CA THR A 657 7.97 11.66 -43.97
C THR A 657 9.33 12.27 -44.32
N GLY A 668 23.29 16.10 -47.38
CA GLY A 668 22.72 15.02 -46.58
C GLY A 668 22.96 13.62 -47.15
N THR A 669 23.90 12.89 -46.53
CA THR A 669 24.24 11.52 -46.92
C THR A 669 23.51 10.37 -46.21
N ASN A 670 24.18 9.78 -45.22
CA ASN A 670 23.65 8.65 -44.45
C ASN A 670 22.77 9.09 -43.30
N SER A 671 23.36 9.82 -42.37
CA SER A 671 22.66 10.55 -41.31
C SER A 671 22.00 9.66 -40.23
N LEU A 672 22.20 10.09 -39.00
CA LEU A 672 21.66 9.54 -37.77
C LEU A 672 20.25 10.18 -37.68
N LEU A 673 19.41 9.72 -36.75
CA LEU A 673 18.04 10.22 -36.78
C LEU A 673 17.50 10.67 -35.41
N ALA A 675 14.09 12.35 -33.42
CA ALA A 675 12.74 12.88 -33.28
C ALA A 675 12.63 13.74 -32.03
N VAL A 676 12.02 14.90 -32.17
CA VAL A 676 11.77 15.71 -30.99
C VAL A 676 10.29 15.62 -30.80
N VAL A 677 9.94 14.84 -29.81
CA VAL A 677 8.58 14.55 -29.67
C VAL A 677 8.25 15.57 -28.59
N GLY A 678 7.12 16.27 -28.68
CA GLY A 678 6.89 17.30 -27.67
C GLY A 678 5.44 17.59 -27.34
N ASP A 679 5.21 18.61 -26.50
CA ASP A 679 3.87 19.17 -26.40
C ASP A 679 4.03 20.60 -26.77
N PHE A 680 4.29 20.74 -28.05
CA PHE A 680 4.41 22.02 -28.64
C PHE A 680 3.04 22.65 -28.31
N ASP A 681 3.07 23.95 -28.01
CA ASP A 681 1.93 24.83 -27.66
C ASP A 681 2.02 25.16 -26.17
N SER A 682 3.06 24.66 -25.52
CA SER A 682 3.09 24.70 -24.06
C SER A 682 4.47 24.89 -23.45
N GLU A 683 4.49 24.78 -22.12
CA GLU A 683 5.70 24.57 -21.32
C GLU A 683 6.56 23.53 -22.01
N ALA A 684 7.88 23.74 -22.03
CA ALA A 684 8.81 22.82 -22.67
C ALA A 684 8.35 22.37 -24.06
N GLY A 685 7.23 22.90 -24.54
CA GLY A 685 6.71 22.48 -25.83
C GLY A 685 7.63 23.09 -26.85
N LEU A 686 7.58 24.40 -26.98
CA LEU A 686 8.45 25.03 -27.96
C LEU A 686 9.82 25.07 -27.32
N ASN A 687 9.82 25.09 -26.00
CA ASN A 687 11.04 25.22 -25.25
C ASN A 687 11.98 24.06 -25.47
N LEU A 688 11.40 22.87 -25.63
CA LEU A 688 12.17 21.71 -26.06
C LEU A 688 12.49 21.86 -27.53
N LEU A 689 11.45 22.20 -28.26
CA LEU A 689 11.52 22.32 -29.70
C LEU A 689 12.49 23.40 -30.14
N ILE A 690 12.39 24.62 -29.59
CA ILE A 690 13.37 25.64 -29.94
C ILE A 690 14.72 25.14 -29.49
N SER A 691 14.79 24.51 -28.31
CA SER A 691 16.07 24.01 -27.82
C SER A 691 16.59 22.97 -28.80
N ALA A 692 15.65 22.16 -29.29
CA ALA A 692 15.98 21.13 -30.25
C ALA A 692 16.44 21.75 -31.56
N LEU A 693 15.83 22.87 -31.92
CA LEU A 693 16.12 23.43 -33.22
C LEU A 693 17.40 24.24 -33.29
N LYS A 694 17.68 25.07 -32.28
CA LYS A 694 18.97 25.75 -32.26
C LYS A 694 20.01 24.64 -32.29
N PHE A 695 19.61 23.48 -31.81
CA PHE A 695 20.46 22.30 -31.86
C PHE A 695 20.64 21.70 -33.28
N ARG A 696 19.57 21.67 -34.08
CA ARG A 696 19.67 21.17 -35.45
C ARG A 696 20.59 22.04 -36.29
N LEU A 697 20.70 23.30 -35.93
CA LEU A 697 21.59 24.20 -36.63
C LEU A 697 23.01 23.85 -36.27
N ALA A 698 23.26 23.79 -34.96
CA ALA A 698 24.58 23.54 -34.39
C ALA A 698 25.11 22.26 -34.95
N HIS A 699 24.20 21.34 -35.22
CA HIS A 699 24.57 20.03 -35.69
C HIS A 699 23.62 19.67 -36.83
N PRO A 700 24.05 19.98 -38.06
CA PRO A 700 23.33 19.86 -39.32
C PRO A 700 23.44 18.47 -39.87
N GLU A 701 24.19 17.65 -39.16
CA GLU A 701 24.29 16.25 -39.49
C GLU A 701 22.90 15.65 -39.67
N ILE A 702 21.98 15.97 -38.77
CA ILE A 702 20.70 15.27 -38.79
C ILE A 702 19.43 16.13 -38.92
N GLU A 703 18.48 15.56 -39.64
CA GLU A 703 17.21 16.18 -39.90
C GLU A 703 16.26 15.56 -38.85
N VAL A 704 15.46 16.42 -38.23
CA VAL A 704 14.61 16.09 -37.11
C VAL A 704 13.17 15.89 -37.51
N VAL A 705 12.51 14.93 -36.87
CA VAL A 705 11.09 14.82 -37.10
C VAL A 705 10.33 14.85 -35.80
N PRO A 706 9.86 16.04 -35.45
CA PRO A 706 9.11 16.34 -34.24
C PRO A 706 7.76 15.70 -34.23
N LEU A 707 7.21 15.48 -33.04
CA LEU A 707 5.88 14.90 -32.93
C LEU A 707 5.24 15.26 -31.59
N HIS A 708 3.92 15.36 -31.53
CA HIS A 708 3.32 15.80 -30.27
C HIS A 708 2.03 15.16 -29.81
N THR A 709 1.70 15.51 -28.56
CA THR A 709 0.62 14.94 -27.77
C THR A 709 -0.08 15.97 -26.90
N SER A 710 -1.34 16.28 -27.21
CA SER A 710 -2.18 17.14 -26.37
C SER A 710 -3.60 16.60 -26.11
N ASP A 711 -4.56 17.52 -26.02
CA ASP A 711 -5.97 17.17 -26.07
C ASP A 711 -6.83 18.36 -26.56
N THR A 716 -6.94 23.60 -30.31
CA THR A 716 -6.42 24.94 -30.50
C THR A 716 -5.78 25.14 -31.88
N HIS A 717 -5.95 26.34 -32.43
CA HIS A 717 -5.31 26.77 -33.68
C HIS A 717 -4.05 27.63 -33.44
N VAL A 718 -3.10 27.14 -32.63
CA VAL A 718 -1.83 27.85 -32.42
C VAL A 718 -0.55 26.97 -32.55
N SER A 719 -0.68 25.66 -32.72
CA SER A 719 0.42 24.89 -33.32
C SER A 719 0.21 24.58 -34.78
N SER A 720 -0.41 25.45 -35.53
CA SER A 720 -0.92 24.97 -36.80
C SER A 720 0.02 25.29 -37.94
N GLN A 721 0.94 26.22 -37.75
CA GLN A 721 1.97 26.32 -38.76
C GLN A 721 2.96 25.26 -38.47
N LEU A 722 2.83 24.65 -37.30
CA LEU A 722 3.65 23.50 -37.05
C LEU A 722 3.42 22.50 -38.18
N TYR A 723 2.25 22.56 -38.78
CA TYR A 723 1.91 21.51 -39.71
C TYR A 723 2.28 21.75 -41.17
N GLN A 724 2.68 22.97 -41.49
CA GLN A 724 3.53 23.15 -42.65
C GLN A 724 4.86 23.69 -42.18
N LEU A 725 5.75 22.89 -41.63
CA LEU A 725 7.05 23.47 -41.25
C LEU A 725 7.82 23.80 -42.49
N LEU A 726 7.55 22.96 -43.47
CA LEU A 726 7.94 23.09 -44.84
C LEU A 726 7.12 21.96 -45.49
N ARG A 727 6.00 22.29 -46.12
CA ARG A 727 5.17 21.22 -46.70
C ARG A 727 4.62 21.58 -48.14
N THR A 728 5.29 22.51 -48.83
CA THR A 728 4.92 22.85 -50.22
C THR A 728 5.83 22.29 -51.34
N GLU A 729 7.03 21.88 -50.97
CA GLU A 729 8.13 21.41 -51.85
C GLU A 729 7.76 20.45 -52.99
N SER A 734 11.26 24.65 -41.52
CA SER A 734 12.69 24.44 -41.34
C SER A 734 13.42 25.51 -40.56
N GLU A 735 14.50 25.95 -41.19
CA GLU A 735 15.29 27.00 -40.64
C GLU A 735 14.39 28.20 -40.44
N ILE A 736 13.53 28.44 -41.41
CA ILE A 736 12.66 29.60 -41.42
C ILE A 736 11.79 29.50 -40.21
N LEU A 737 11.42 28.25 -40.00
CA LEU A 737 10.49 27.93 -38.99
C LEU A 737 11.04 28.14 -37.63
N GLU A 738 12.35 28.01 -37.56
CA GLU A 738 13.02 28.06 -36.30
C GLU A 738 12.92 29.47 -35.75
N LYS A 739 12.52 30.41 -36.59
CA LYS A 739 12.27 31.74 -36.08
C LYS A 739 10.78 32.05 -36.03
N ILE A 740 10.01 31.30 -36.80
CA ILE A 740 8.56 31.42 -36.78
C ILE A 740 8.03 31.20 -35.39
N GLN A 741 8.57 30.23 -34.70
CA GLN A 741 7.88 29.86 -33.49
C GLN A 741 8.36 30.81 -32.40
N ILE A 742 9.52 31.45 -32.59
CA ILE A 742 9.94 32.39 -31.57
C ILE A 742 9.09 33.66 -31.69
N ILE A 743 8.62 33.96 -32.91
CA ILE A 743 7.65 35.03 -33.07
C ILE A 743 6.23 34.56 -32.73
N LYS A 744 6.06 33.25 -32.54
CA LYS A 744 4.78 32.73 -32.10
C LYS A 744 4.71 32.56 -30.59
N SER A 745 5.88 32.51 -29.95
CA SER A 745 6.01 32.26 -28.52
C SER A 745 5.26 33.25 -27.65
N THR A 746 5.00 34.44 -28.16
CA THR A 746 4.15 35.35 -27.41
C THR A 746 2.83 35.59 -28.16
N SER A 747 2.16 34.50 -28.54
CA SER A 747 0.80 34.50 -29.10
C SER A 747 0.36 33.07 -29.42
N LEU A 758 -6.45 16.45 -42.62
CA LEU A 758 -6.07 16.94 -41.30
C LEU A 758 -5.40 15.91 -40.35
N ALA A 759 -6.14 14.95 -39.79
CA ALA A 759 -5.70 13.97 -38.73
C ALA A 759 -4.26 13.50 -38.54
N TYR A 760 -3.37 14.46 -38.33
CA TYR A 760 -1.92 14.18 -38.24
C TYR A 760 -1.86 13.51 -36.90
N TRP A 761 -2.45 14.27 -35.98
CA TRP A 761 -2.44 14.07 -34.57
C TRP A 761 -2.85 12.68 -34.17
N ALA A 762 -3.69 12.11 -35.04
CA ALA A 762 -4.37 10.87 -34.81
C ALA A 762 -3.37 9.85 -34.40
N GLN A 763 -2.26 9.83 -35.12
CA GLN A 763 -1.28 8.80 -34.88
C GLN A 763 -0.20 9.27 -33.94
N THR A 764 0.18 10.55 -34.06
CA THR A 764 1.34 11.05 -33.36
C THR A 764 1.41 10.60 -31.89
N LYS A 765 0.47 11.08 -31.09
CA LYS A 765 0.42 10.76 -29.67
C LYS A 765 0.42 9.28 -29.37
N GLN A 766 -0.50 8.58 -30.03
CA GLN A 766 -0.60 7.13 -29.95
C GLN A 766 0.75 6.52 -30.08
N LEU A 767 1.14 6.58 -31.34
CA LEU A 767 2.43 6.16 -31.80
C LEU A 767 3.50 6.98 -31.13
N ALA A 768 3.10 7.93 -30.31
CA ALA A 768 4.07 8.44 -29.37
C ALA A 768 4.00 7.52 -28.17
N ALA A 769 2.80 7.46 -27.58
CA ALA A 769 2.57 6.77 -26.33
C ALA A 769 3.24 5.42 -26.30
N ASP A 770 3.45 4.83 -27.46
CA ASP A 770 4.11 3.53 -27.50
C ASP A 770 5.61 3.59 -27.36
N LEU A 771 6.18 4.78 -27.43
CA LEU A 771 7.61 4.89 -27.26
C LEU A 771 7.80 5.45 -25.88
N GLY A 772 7.02 4.95 -24.95
CA GLY A 772 6.88 5.67 -23.72
C GLY A 772 6.17 6.92 -24.19
N TYR A 773 6.51 8.04 -23.58
CA TYR A 773 5.87 9.32 -23.89
C TYR A 773 4.36 9.16 -24.06
N PRO A 774 3.69 8.61 -23.02
CA PRO A 774 2.24 8.50 -23.06
C PRO A 774 1.56 9.83 -22.80
N SER A 775 0.46 10.09 -23.50
CA SER A 775 -0.52 11.05 -23.02
C SER A 775 0.01 12.42 -22.58
N GLY A 776 1.17 12.83 -23.09
CA GLY A 776 1.65 14.17 -22.82
C GLY A 776 3.07 14.27 -22.31
N THR A 777 3.38 13.41 -21.36
CA THR A 777 4.74 13.02 -20.95
C THR A 777 5.79 13.18 -22.07
N ARG A 778 6.87 13.97 -21.86
CA ARG A 778 7.84 14.17 -22.96
C ARG A 778 9.37 14.37 -22.89
N GLY A 779 9.99 14.05 -24.02
CA GLY A 779 11.44 14.04 -24.23
C GLY A 779 11.66 13.84 -25.71
N VAL A 780 12.88 13.47 -26.11
CA VAL A 780 13.22 13.23 -27.52
C VAL A 780 13.94 11.92 -27.71
N LEU A 781 13.74 11.36 -28.90
CA LEU A 781 14.49 10.21 -29.33
C LEU A 781 15.68 10.56 -30.18
N LEU A 782 16.69 9.72 -30.12
CA LEU A 782 17.79 9.86 -31.04
C LEU A 782 18.22 8.52 -31.58
N ASN A 783 17.61 8.14 -32.69
CA ASN A 783 18.08 6.99 -33.43
C ASN A 783 18.10 5.72 -32.57
N GLY A 784 16.95 5.35 -32.01
CA GLY A 784 16.89 4.33 -30.97
C GLY A 784 17.05 4.72 -29.51
N ARG A 785 17.76 5.80 -29.23
CA ARG A 785 17.94 6.25 -27.84
C ARG A 785 16.71 6.96 -27.31
N ALA A 786 16.23 6.53 -26.14
CA ALA A 786 15.06 7.17 -25.57
C ALA A 786 15.44 7.97 -24.35
N VAL A 787 14.57 8.89 -23.97
CA VAL A 787 14.75 9.62 -22.73
C VAL A 787 13.51 9.36 -21.85
N GLY A 788 12.56 10.29 -21.88
CA GLY A 788 11.38 10.22 -21.07
C GLY A 788 11.02 11.66 -20.80
N PRO A 789 10.02 11.89 -19.97
CA PRO A 789 9.53 13.19 -19.47
C PRO A 789 10.09 13.60 -18.13
N VAL A 790 10.27 14.86 -17.76
CA VAL A 790 10.48 15.14 -16.32
C VAL A 790 10.30 16.63 -15.88
N PRO A 791 11.10 17.12 -14.85
CA PRO A 791 10.24 17.78 -13.86
C PRO A 791 9.87 19.17 -14.27
N SER A 792 10.87 19.90 -14.75
CA SER A 792 10.89 21.28 -15.15
C SER A 792 10.85 21.28 -16.66
N THR A 793 11.09 22.45 -17.27
CA THR A 793 10.79 22.70 -18.68
C THR A 793 11.98 22.80 -19.68
N SER A 794 13.16 23.26 -19.20
CA SER A 794 14.48 23.28 -19.89
C SER A 794 15.59 22.35 -19.34
N THR A 795 15.20 21.39 -18.49
CA THR A 795 16.06 20.29 -18.06
C THR A 795 16.56 19.52 -19.29
N LEU A 796 15.76 19.56 -20.33
CA LEU A 796 16.20 19.05 -21.60
C LEU A 796 16.48 20.23 -22.52
N ALA A 797 17.69 20.76 -22.42
CA ALA A 797 18.03 21.91 -23.24
C ALA A 797 19.11 21.50 -24.22
N GLU A 798 19.48 22.45 -25.07
CA GLU A 798 20.43 22.26 -26.15
C GLU A 798 21.77 21.66 -25.73
N ASP A 799 22.36 22.23 -24.70
CA ASP A 799 23.62 21.74 -24.17
C ASP A 799 23.54 20.25 -23.93
N ASP A 800 22.40 19.84 -23.38
CA ASP A 800 22.12 18.44 -23.09
C ASP A 800 22.08 17.58 -24.32
N LEU A 801 21.51 18.11 -25.39
CA LEU A 801 21.33 17.32 -26.59
C LEU A 801 22.60 16.74 -27.15
N GLU A 802 23.70 17.46 -27.19
CA GLU A 802 24.82 16.72 -27.72
C GLU A 802 25.92 16.41 -26.77
N ILE A 803 25.64 16.56 -25.49
CA ILE A 803 26.39 15.69 -24.64
C ILE A 803 25.64 14.38 -24.80
N LEU A 804 24.35 14.44 -25.12
CA LEU A 804 23.61 13.24 -25.45
C LEU A 804 24.22 12.55 -26.64
N LEU A 805 24.21 13.26 -27.77
CA LEU A 805 24.66 12.67 -29.00
C LEU A 805 26.06 12.08 -28.88
N ALA A 806 26.99 12.79 -28.25
CA ALA A 806 28.41 12.43 -28.33
C ALA A 806 28.65 11.03 -27.75
N TYR A 807 28.07 10.75 -26.59
CA TYR A 807 28.08 9.38 -26.11
C TYR A 807 26.65 8.89 -26.30
N GLU A 808 26.11 9.22 -27.48
CA GLU A 808 25.04 8.46 -28.08
C GLU A 808 25.58 7.94 -29.39
N PHE A 809 26.20 8.85 -30.11
CA PHE A 809 27.17 8.57 -31.16
C PHE A 809 28.16 7.57 -30.59
N SER A 810 28.76 7.92 -29.44
CA SER A 810 29.29 6.93 -28.50
C SER A 810 30.30 5.94 -29.07
N LYS A 811 30.35 4.77 -28.42
CA LYS A 811 30.85 3.55 -29.03
C LYS A 811 29.61 2.70 -29.33
N ARG A 812 28.48 3.39 -29.47
CA ARG A 812 27.20 2.78 -29.81
C ARG A 812 26.85 2.89 -31.29
N LEU A 813 26.32 4.04 -31.64
CA LEU A 813 25.58 4.22 -32.87
C LEU A 813 26.34 4.94 -33.99
N GLY A 814 27.39 5.65 -33.58
CA GLY A 814 28.31 6.19 -34.54
C GLY A 814 28.98 5.05 -35.24
N THR A 815 29.73 4.27 -34.46
CA THR A 815 30.58 3.19 -34.96
C THR A 815 29.84 2.23 -35.87
N VAL A 816 28.51 2.19 -35.72
CA VAL A 816 27.66 1.36 -36.55
C VAL A 816 27.97 1.72 -37.99
N ALA A 817 28.10 3.02 -38.22
CA ALA A 817 28.36 3.57 -39.53
C ALA A 817 29.65 2.98 -40.03
N LYS A 818 30.66 2.95 -39.17
CA LYS A 818 31.98 2.56 -39.62
C LYS A 818 32.14 1.04 -39.65
N VAL A 819 31.09 0.30 -39.32
CA VAL A 819 31.12 -1.10 -39.64
C VAL A 819 29.86 -1.42 -40.40
N LYS A 821 28.39 -1.93 -44.10
CA LYS A 821 28.58 -3.26 -44.60
C LYS A 821 30.07 -3.19 -44.88
N ASP A 822 30.79 -2.89 -43.80
CA ASP A 822 32.24 -2.82 -43.76
C ASP A 822 32.73 -4.08 -44.40
N LEU A 823 31.90 -5.08 -44.24
CA LEU A 823 32.14 -6.41 -44.70
C LEU A 823 31.86 -6.56 -46.23
N ASN A 824 30.79 -5.91 -46.72
CA ASN A 824 30.74 -5.30 -48.08
C ASN A 824 29.44 -4.60 -48.54
N LEU A 825 28.67 -5.27 -49.41
CA LEU A 825 27.58 -4.67 -50.24
C LEU A 825 27.22 -3.17 -50.17
N GLY A 826 26.86 -2.61 -51.33
CA GLY A 826 26.64 -1.18 -51.52
C GLY A 826 25.78 -0.53 -50.46
N HIS A 827 24.52 -0.95 -50.37
CA HIS A 827 23.83 -1.18 -49.08
C HIS A 827 22.41 -1.61 -49.22
N LYS A 828 22.01 -2.44 -48.27
CA LYS A 828 20.72 -3.09 -48.26
C LYS A 828 20.08 -2.31 -47.15
N VAL A 829 20.96 -1.56 -46.49
CA VAL A 829 20.57 -0.57 -45.54
C VAL A 829 21.22 0.72 -45.95
N ALA A 830 20.62 1.35 -46.95
CA ALA A 830 21.09 2.62 -47.43
C ALA A 830 20.47 3.73 -46.60
N GLY A 831 19.13 3.72 -46.50
CA GLY A 831 18.36 4.76 -45.82
C GLY A 831 18.84 5.30 -44.48
N SER A 832 18.33 6.45 -44.07
CA SER A 832 18.69 6.98 -42.77
C SER A 832 17.67 6.54 -41.77
N VAL A 833 16.52 6.19 -42.31
CA VAL A 833 15.49 5.55 -41.54
C VAL A 833 15.85 4.10 -41.19
N GLU A 834 16.41 3.36 -42.15
CA GLU A 834 16.67 1.95 -41.93
C GLU A 834 18.00 1.82 -41.20
N PHE A 835 18.80 2.89 -41.24
CA PHE A 835 20.07 2.90 -40.53
C PHE A 835 19.71 3.14 -39.11
N ALA A 836 18.69 3.97 -38.94
CA ALA A 836 18.16 4.25 -37.63
C ALA A 836 17.79 2.94 -36.96
N LYS A 837 17.22 2.05 -37.77
CA LYS A 837 16.77 0.75 -37.30
C LYS A 837 17.90 -0.13 -36.81
N LEU A 838 18.97 -0.22 -37.59
CA LEU A 838 20.10 -1.07 -37.25
C LEU A 838 20.78 -0.62 -35.97
N THR A 839 20.86 0.70 -35.81
CA THR A 839 21.55 1.28 -34.68
C THR A 839 20.90 0.85 -33.37
N SER A 840 19.59 0.68 -33.40
CA SER A 840 18.86 0.15 -32.26
C SER A 840 19.38 -1.19 -31.81
N LEU A 841 19.48 -2.08 -32.79
CA LEU A 841 19.64 -3.47 -32.49
C LEU A 841 20.98 -3.72 -31.88
N VAL A 842 22.00 -3.06 -32.39
CA VAL A 842 23.30 -3.19 -31.79
C VAL A 842 23.24 -2.71 -30.33
N ALA A 843 22.48 -1.64 -30.06
CA ALA A 843 22.41 -1.12 -28.70
C ALA A 843 21.68 -2.05 -27.74
N LEU A 844 21.17 -3.17 -28.26
CA LEU A 844 20.46 -4.10 -27.41
C LEU A 844 21.41 -5.18 -26.93
N SER A 845 22.40 -5.46 -27.78
CA SER A 845 23.55 -6.31 -27.45
C SER A 845 23.40 -7.26 -26.26
N SER A 864 28.67 -9.84 -27.50
CA SER A 864 29.58 -8.81 -27.01
C SER A 864 30.97 -9.35 -26.72
N ALA A 865 31.04 -10.53 -26.11
CA ALA A 865 32.30 -11.20 -25.81
C ALA A 865 33.07 -11.52 -27.10
N ILE A 866 34.21 -10.84 -27.25
CA ILE A 866 34.57 -10.48 -28.59
C ILE A 866 35.01 -11.62 -29.48
N LYS A 867 35.74 -12.63 -29.05
CA LYS A 867 36.08 -13.63 -30.08
C LYS A 867 36.61 -15.02 -29.75
N THR A 868 36.06 -15.95 -30.50
CA THR A 868 36.25 -17.37 -30.41
C THR A 868 36.77 -17.81 -31.75
N TRP A 869 37.86 -18.57 -31.84
CA TRP A 869 38.32 -19.03 -33.17
C TRP A 869 38.89 -20.39 -33.56
N ASN A 870 39.77 -20.95 -32.74
CA ASN A 870 40.77 -21.87 -33.27
C ASN A 870 40.50 -23.33 -32.99
N GLY A 871 39.82 -23.99 -33.91
CA GLY A 871 39.33 -25.32 -33.59
C GLY A 871 39.85 -26.50 -34.36
N ALA A 872 40.79 -26.23 -35.28
CA ALA A 872 41.34 -27.22 -36.22
C ALA A 872 40.62 -28.55 -36.15
N HIS A 873 41.34 -29.56 -35.69
CA HIS A 873 40.77 -30.84 -35.36
C HIS A 873 41.01 -31.08 -33.91
N SER A 874 40.57 -30.10 -33.14
CA SER A 874 40.64 -30.14 -31.68
C SER A 874 39.37 -29.52 -31.12
N ALA A 875 38.24 -29.97 -31.65
CA ALA A 875 36.94 -29.42 -31.31
C ALA A 875 35.84 -30.35 -31.81
N ILE A 876 35.04 -30.87 -30.88
CA ILE A 876 33.94 -31.75 -31.25
C ILE A 876 32.83 -30.85 -31.78
N THR A 877 32.84 -30.60 -33.09
CA THR A 877 31.77 -29.85 -33.72
C THR A 877 30.48 -30.65 -33.71
N VAL A 878 29.35 -30.00 -33.54
CA VAL A 878 28.08 -30.73 -33.52
C VAL A 878 27.04 -29.94 -34.35
N SER A 879 27.48 -28.98 -35.14
CA SER A 879 26.55 -28.40 -36.10
C SER A 879 27.11 -27.56 -37.25
N HIS A 880 26.25 -27.37 -38.24
CA HIS A 880 26.41 -26.43 -39.33
C HIS A 880 26.86 -25.09 -38.78
N SER A 881 27.97 -24.62 -39.33
CA SER A 881 28.51 -23.32 -38.99
C SER A 881 27.76 -22.18 -39.73
N ASP A 882 27.07 -22.53 -40.81
CA ASP A 882 26.42 -21.58 -41.73
C ASP A 882 25.40 -20.57 -41.14
N ASP A 883 24.17 -20.56 -41.65
CA ASP A 883 23.17 -19.63 -41.10
C ASP A 883 22.30 -20.42 -40.13
N ALA A 884 23.00 -21.05 -39.21
CA ALA A 884 22.44 -21.44 -37.95
C ALA A 884 22.00 -20.13 -37.35
N SER A 885 20.69 -19.95 -37.17
CA SER A 885 20.20 -18.67 -36.67
C SER A 885 20.27 -18.73 -35.17
N ILE A 886 21.31 -19.43 -34.73
CA ILE A 886 21.82 -19.53 -33.37
C ILE A 886 23.22 -20.10 -33.31
N ASN A 887 24.18 -19.38 -32.76
CA ASN A 887 25.40 -20.11 -32.53
C ASN A 887 25.81 -20.28 -31.08
N ILE A 888 25.80 -21.53 -30.66
CA ILE A 888 26.40 -21.88 -29.38
C ILE A 888 27.82 -22.36 -29.58
N VAL A 889 28.75 -21.68 -28.96
CA VAL A 889 30.07 -22.23 -28.81
C VAL A 889 30.19 -22.50 -27.33
N ALA A 890 30.98 -23.50 -26.97
CA ALA A 890 31.23 -23.74 -25.56
C ALA A 890 32.48 -24.55 -25.42
N THR A 891 33.23 -24.26 -24.38
CA THR A 891 34.44 -25.00 -24.14
C THR A 891 34.14 -26.01 -23.06
N ILE A 892 34.39 -27.28 -23.34
CA ILE A 892 34.07 -28.30 -22.33
C ILE A 892 35.27 -29.17 -22.03
N ASP A 893 35.79 -28.95 -20.84
CA ASP A 893 36.81 -29.81 -20.23
C ASP A 893 36.32 -31.24 -20.11
N PRO A 894 37.01 -32.18 -20.78
CA PRO A 894 36.64 -33.58 -20.72
C PRO A 894 36.50 -34.08 -19.29
N ALA A 895 37.29 -33.56 -18.36
CA ALA A 895 37.29 -34.16 -17.03
C ALA A 895 36.80 -33.25 -15.89
N SER A 896 35.98 -32.26 -16.17
CA SER A 896 35.48 -31.45 -15.07
C SER A 896 34.21 -32.08 -14.59
N GLU A 897 33.81 -31.75 -13.38
CA GLU A 897 32.48 -32.18 -12.99
C GLU A 897 31.45 -31.34 -13.72
N ARG A 898 31.70 -30.04 -13.78
CA ARG A 898 30.74 -29.10 -14.33
C ARG A 898 30.29 -29.50 -15.72
N SER A 899 31.21 -30.12 -16.45
CA SER A 899 30.94 -30.57 -17.80
C SER A 899 29.76 -31.54 -17.90
N GLN A 900 29.61 -32.40 -16.91
CA GLN A 900 28.61 -33.45 -16.99
C GLN A 900 27.16 -33.00 -17.15
N ARG A 901 26.79 -31.85 -16.59
CA ARG A 901 25.47 -31.30 -16.87
C ARG A 901 25.50 -30.81 -18.30
N TRP A 902 26.59 -30.12 -18.59
CA TRP A 902 26.69 -29.36 -19.83
C TRP A 902 26.42 -30.24 -21.05
N VAL A 903 27.14 -31.36 -21.15
CA VAL A 903 27.06 -32.25 -22.32
C VAL A 903 25.66 -32.68 -22.77
N PRO A 904 24.88 -33.32 -21.89
CA PRO A 904 23.58 -33.77 -22.37
C PRO A 904 22.75 -32.60 -22.88
N ILE A 905 22.76 -31.51 -22.12
CA ILE A 905 22.12 -30.28 -22.54
C ILE A 905 22.47 -29.91 -23.95
N LEU A 906 23.76 -30.01 -24.25
CA LEU A 906 24.23 -29.65 -25.57
C LEU A 906 23.63 -30.62 -26.60
N ARG A 907 23.68 -31.93 -26.34
CA ARG A 907 23.07 -32.89 -27.28
C ARG A 907 21.62 -32.48 -27.46
N THR A 908 20.95 -32.14 -26.36
CA THR A 908 19.54 -31.79 -26.46
C THR A 908 19.45 -30.48 -27.21
N LEU A 909 20.34 -29.55 -26.87
CA LEU A 909 20.32 -28.28 -27.56
C LEU A 909 20.73 -28.45 -28.98
N SER A 910 21.80 -29.18 -29.22
CA SER A 910 22.23 -29.37 -30.60
C SER A 910 21.19 -30.09 -31.43
N LYS A 911 20.46 -31.02 -30.80
CA LYS A 911 19.47 -31.82 -31.52
C LYS A 911 18.19 -30.96 -31.65
N LEU A 912 18.27 -29.70 -31.21
CA LEU A 912 17.24 -28.75 -31.55
C LEU A 912 17.45 -28.36 -32.98
N ASN A 913 16.37 -28.02 -33.65
CA ASN A 913 16.57 -27.52 -34.98
C ASN A 913 16.98 -26.05 -35.03
N GLY A 914 17.94 -25.79 -35.90
CA GLY A 914 18.58 -24.50 -36.08
C GLY A 914 19.18 -23.99 -34.81
N VAL A 915 20.07 -24.79 -34.24
CA VAL A 915 20.81 -24.47 -33.02
C VAL A 915 22.20 -25.12 -33.09
N ASN A 916 23.20 -24.42 -33.60
CA ASN A 916 24.51 -25.06 -33.77
C ASN A 916 25.11 -25.24 -32.39
N VAL A 917 25.88 -26.30 -32.21
CA VAL A 917 26.59 -26.52 -30.95
C VAL A 917 28.00 -27.00 -31.26
N LYS A 918 29.01 -26.26 -30.77
CA LYS A 918 30.37 -26.73 -30.95
C LYS A 918 31.11 -26.68 -29.63
N ILE A 919 31.99 -27.67 -29.45
CA ILE A 919 32.58 -27.99 -28.15
C ILE A 919 34.08 -28.06 -28.15
N PHE A 920 34.71 -27.18 -27.39
CA PHE A 920 36.14 -27.24 -27.30
C PHE A 920 36.56 -27.97 -26.04
N LEU A 921 37.23 -29.09 -26.20
CA LEU A 921 37.77 -29.76 -25.03
C LEU A 921 38.86 -28.87 -24.52
N THR A 922 38.83 -28.48 -23.25
CA THR A 922 39.95 -27.71 -22.72
C THR A 922 40.38 -28.28 -21.38
N PRO A 923 41.06 -29.45 -21.39
CA PRO A 923 41.49 -30.06 -20.11
C PRO A 923 42.41 -29.20 -19.22
N VAL A 924 42.72 -29.77 -18.07
CA VAL A 924 43.57 -29.11 -17.09
C VAL A 924 45.04 -29.46 -17.28
N ARG A 925 45.87 -28.45 -17.02
CA ARG A 925 47.30 -28.50 -17.17
C ARG A 925 47.84 -29.69 -16.42
N ILE A 926 47.62 -29.62 -15.13
CA ILE A 926 48.15 -30.59 -14.22
C ILE A 926 47.12 -30.80 -13.12
N LEU A 927 46.30 -31.82 -13.30
CA LEU A 927 45.25 -32.13 -12.35
C LEU A 927 45.90 -32.60 -11.07
N GLN A 928 45.77 -31.78 -10.03
CA GLN A 928 46.50 -32.02 -8.80
C GLN A 928 45.86 -33.16 -8.04
N GLU A 929 44.59 -33.39 -8.34
CA GLU A 929 43.79 -34.49 -7.75
C GLU A 929 42.75 -35.09 -8.71
N LEU A 930 41.97 -36.06 -8.27
CA LEU A 930 41.05 -36.62 -9.21
C LEU A 930 39.81 -35.83 -9.39
N PRO A 931 39.58 -35.39 -10.62
CA PRO A 931 38.34 -34.63 -10.79
C PRO A 931 37.22 -35.68 -10.87
N ILE A 932 36.00 -35.28 -11.22
CA ILE A 932 34.89 -36.20 -11.46
C ILE A 932 35.02 -37.57 -10.69
N LYS A 933 34.52 -37.51 -9.46
CA LYS A 933 34.54 -38.62 -8.53
C LYS A 933 33.08 -39.07 -8.31
N ARG A 934 32.32 -39.21 -9.40
CA ARG A 934 30.88 -39.43 -9.26
C ARG A 934 30.31 -39.91 -10.57
N PHE A 935 29.09 -40.41 -10.53
CA PHE A 935 28.46 -40.70 -11.79
C PHE A 935 27.34 -39.71 -12.00
N TYR A 936 27.05 -39.50 -13.28
CA TYR A 936 26.08 -38.49 -13.69
C TYR A 936 25.41 -38.92 -14.98
N ARG A 937 24.09 -38.70 -15.04
CA ARG A 937 23.33 -38.68 -16.29
C ARG A 937 22.28 -37.60 -16.18
N HIS A 938 21.76 -37.13 -17.31
CA HIS A 938 20.92 -35.92 -17.31
C HIS A 938 19.55 -36.11 -17.93
N VAL A 939 18.57 -35.55 -17.26
CA VAL A 939 17.19 -35.73 -17.67
C VAL A 939 16.75 -34.53 -18.49
N LEU A 940 16.59 -34.74 -19.80
CA LEU A 940 16.37 -33.65 -20.74
C LEU A 940 16.23 -34.21 -22.15
N GLU A 941 15.01 -34.12 -22.67
CA GLU A 941 14.77 -34.53 -24.04
C GLU A 941 14.32 -33.27 -24.77
N PRO A 942 14.49 -33.23 -26.10
CA PRO A 942 14.19 -32.06 -26.94
C PRO A 942 12.76 -32.03 -27.46
N GLU A 943 12.07 -33.17 -27.38
CA GLU A 943 10.64 -33.23 -27.64
C GLU A 943 10.01 -34.13 -26.58
N PRO A 944 8.77 -33.81 -26.15
CA PRO A 944 8.18 -34.73 -25.18
C PRO A 944 7.99 -36.00 -25.97
N SER A 945 8.36 -37.13 -25.40
CA SER A 945 8.17 -38.35 -26.18
C SER A 945 7.14 -39.23 -25.54
N PHE A 946 6.81 -40.32 -26.22
CA PHE A 946 5.66 -41.15 -25.87
C PHE A 946 6.01 -42.65 -25.73
N ASP A 947 6.02 -43.38 -26.85
CA ASP A 947 6.47 -44.79 -26.88
C ASP A 947 5.60 -45.64 -25.95
N GLU A 948 4.35 -45.89 -26.34
CA GLU A 948 3.32 -46.11 -25.32
C GLU A 948 2.16 -47.10 -25.51
N HIS A 949 1.40 -47.21 -24.43
CA HIS A 949 -0.02 -47.45 -24.49
C HIS A 949 -0.89 -46.14 -24.47
N GLY A 950 -0.34 -45.00 -24.92
CA GLY A 950 -1.03 -43.72 -24.96
C GLY A 950 -1.13 -42.74 -23.78
N ALA A 951 -0.04 -42.05 -23.39
CA ALA A 951 -0.02 -41.09 -22.29
C ALA A 951 1.39 -40.44 -22.14
N LEU A 952 1.52 -39.24 -21.63
CA LEU A 952 2.85 -38.61 -21.70
C LEU A 952 3.94 -39.33 -20.86
N ASN A 953 5.20 -39.32 -21.34
CA ASN A 953 6.25 -40.05 -20.63
C ASN A 953 6.71 -39.33 -19.39
N ARG A 954 6.88 -40.04 -18.31
CA ARG A 954 7.35 -39.41 -17.08
C ARG A 954 8.88 -39.44 -17.10
N PRO A 955 9.49 -38.26 -17.25
CA PRO A 955 10.94 -38.22 -17.38
C PRO A 955 11.64 -38.75 -16.13
N GLY A 956 12.69 -39.54 -16.34
CA GLY A 956 13.43 -40.12 -15.24
C GLY A 956 14.80 -40.58 -15.66
N ALA A 957 15.58 -41.03 -14.68
CA ALA A 957 16.90 -41.61 -14.89
C ALA A 957 16.96 -43.11 -14.57
N SER A 958 18.07 -43.76 -14.97
CA SER A 958 18.27 -45.20 -14.75
C SER A 958 19.76 -45.56 -14.61
N PHE A 959 20.19 -45.96 -13.41
CA PHE A 959 21.59 -46.30 -13.16
C PHE A 959 21.86 -47.83 -13.13
N SER A 960 21.91 -48.48 -14.29
CA SER A 960 22.38 -49.86 -14.46
C SER A 960 23.91 -49.97 -14.50
N ARG A 961 24.44 -51.13 -14.08
CA ARG A 961 25.84 -51.55 -14.32
C ARG A 961 26.87 -50.85 -13.44
N LEU A 962 26.60 -50.79 -12.15
CA LEU A 962 27.44 -50.05 -11.22
C LEU A 962 28.25 -51.00 -10.34
N PRO A 963 29.47 -50.58 -9.95
CA PRO A 963 30.31 -51.44 -9.11
C PRO A 963 29.71 -51.59 -7.72
N GLU A 964 29.65 -52.81 -7.21
CA GLU A 964 29.03 -53.00 -5.91
C GLU A 964 30.07 -52.94 -4.82
N ASP A 965 29.90 -53.75 -3.79
CA ASP A 965 30.87 -53.85 -2.71
C ASP A 965 31.26 -52.53 -2.04
N ALA A 966 30.81 -51.40 -2.59
CA ALA A 966 31.20 -50.12 -2.00
C ALA A 966 30.21 -48.97 -2.21
N LEU A 967 29.76 -48.48 -1.07
CA LEU A 967 28.93 -47.29 -0.85
C LEU A 967 28.90 -46.22 -1.96
N LEU A 968 27.69 -45.83 -2.40
CA LEU A 968 27.49 -44.74 -3.36
C LEU A 968 26.35 -43.81 -2.93
N THR A 969 26.47 -42.52 -3.18
CA THR A 969 25.48 -41.51 -2.78
C THR A 969 24.72 -40.79 -3.90
N LEU A 970 23.40 -40.92 -3.88
CA LEU A 970 22.53 -40.28 -4.86
C LEU A 970 22.20 -38.82 -4.46
N GLY A 971 22.70 -37.85 -5.22
CA GLY A 971 22.33 -36.49 -4.96
C GLY A 971 21.56 -36.00 -6.17
N ASP A 973 20.98 -32.67 -9.12
CA ASP A 973 21.65 -31.53 -9.73
C ASP A 973 20.69 -30.66 -10.49
N VAL A 974 20.57 -29.41 -10.08
CA VAL A 974 19.35 -28.74 -10.40
C VAL A 974 19.48 -27.24 -10.15
N PRO A 975 18.64 -26.42 -10.80
CA PRO A 975 18.56 -24.97 -10.53
C PRO A 975 18.60 -24.54 -9.06
N PRO A 976 19.20 -23.37 -8.78
CA PRO A 976 19.44 -22.80 -7.45
C PRO A 976 18.16 -22.53 -6.70
N SER A 977 17.14 -22.26 -7.52
CA SER A 977 15.83 -21.91 -7.03
C SER A 977 14.99 -23.11 -6.62
N TRP A 978 15.55 -24.31 -6.73
CA TRP A 978 14.72 -25.49 -6.49
C TRP A 978 14.89 -26.13 -5.12
N LEU A 979 13.79 -26.28 -4.40
CA LEU A 979 13.76 -27.10 -3.20
C LEU A 979 13.12 -28.48 -3.40
N VAL A 980 13.82 -29.51 -2.93
CA VAL A 980 13.52 -30.87 -3.34
C VAL A 980 13.85 -31.91 -2.27
N SER A 981 12.87 -32.78 -1.97
CA SER A 981 13.04 -33.82 -0.97
C SER A 981 12.86 -35.21 -1.58
N PRO A 982 13.56 -36.20 -1.01
CA PRO A 982 13.35 -37.58 -1.42
C PRO A 982 12.32 -38.26 -0.52
N LYS A 983 11.39 -38.98 -1.11
CA LYS A 983 10.41 -39.76 -0.36
C LYS A 983 11.06 -40.96 0.37
N GLU A 984 10.31 -41.55 1.30
CA GLU A 984 10.88 -42.51 2.20
C GLU A 984 11.01 -43.84 1.48
N SER A 985 11.87 -44.70 2.01
CA SER A 985 12.22 -45.97 1.36
C SER A 985 12.99 -46.86 2.33
N VAL A 986 12.95 -48.18 2.14
CA VAL A 986 13.75 -49.08 2.95
C VAL A 986 15.26 -48.84 2.83
N HIS A 987 15.69 -48.31 1.68
CA HIS A 987 17.12 -48.07 1.43
C HIS A 987 17.60 -46.71 1.94
N ASP A 988 18.84 -46.66 2.42
CA ASP A 988 19.47 -45.38 2.74
C ASP A 988 19.98 -44.80 1.45
N LEU A 989 19.31 -43.74 1.00
CA LEU A 989 19.66 -43.13 -0.27
C LEU A 989 21.02 -42.46 -0.26
N ASP A 990 21.55 -42.23 0.93
CA ASP A 990 22.90 -41.75 1.03
C ASP A 990 23.83 -42.94 0.98
N ASN A 991 23.38 -44.06 1.55
CA ASN A 991 24.21 -45.23 1.66
C ASN A 991 23.77 -46.36 0.74
N ILE A 992 24.23 -46.32 -0.52
CA ILE A 992 23.86 -47.32 -1.51
C ILE A 992 25.03 -48.19 -2.02
N ARG A 993 25.06 -49.44 -1.54
CA ARG A 993 26.03 -50.45 -1.96
C ARG A 993 25.27 -51.58 -2.59
N LEU A 994 25.21 -51.59 -3.92
CA LEU A 994 24.34 -52.53 -4.67
C LEU A 994 24.49 -54.02 -4.31
N SER A 995 25.69 -54.44 -3.87
CA SER A 995 25.84 -55.72 -3.21
C SER A 995 24.70 -56.01 -2.26
N SER A 996 24.77 -55.38 -1.11
CA SER A 996 23.82 -55.61 -0.04
C SER A 996 22.45 -55.18 -0.53
N LEU A 997 21.67 -56.15 -1.05
CA LEU A 997 20.43 -55.90 -1.79
C LEU A 997 19.87 -57.25 -2.22
N ARG A 998 18.73 -57.28 -2.91
CA ARG A 998 18.38 -58.55 -3.54
C ARG A 998 18.25 -58.44 -5.05
N GLU A 999 18.77 -59.47 -5.71
CA GLU A 999 18.98 -59.52 -7.17
C GLU A 999 17.75 -59.12 -7.99
N GLY A 1000 17.98 -58.47 -9.13
CA GLY A 1000 16.94 -58.21 -10.11
C GLY A 1000 16.09 -57.02 -9.75
N SER A 1001 15.91 -56.86 -8.45
CA SER A 1001 15.29 -55.67 -7.89
C SER A 1001 16.36 -54.58 -7.80
N ASP A 1002 15.91 -53.34 -7.64
CA ASP A 1002 16.84 -52.23 -7.72
C ASP A 1002 16.34 -51.08 -6.87
N VAL A 1003 16.70 -49.86 -7.23
CA VAL A 1003 16.30 -48.72 -6.44
C VAL A 1003 15.57 -47.75 -7.30
N ASP A 1004 14.27 -47.59 -7.07
CA ASP A 1004 13.51 -46.64 -7.87
C ASP A 1004 13.15 -45.42 -7.04
N ALA A 1005 14.09 -44.47 -7.00
CA ALA A 1005 13.94 -43.29 -6.19
C ALA A 1005 13.14 -42.21 -6.91
N ILE A 1006 12.40 -41.42 -6.13
CA ILE A 1006 11.62 -40.30 -6.67
C ILE A 1006 11.66 -39.05 -5.77
N TYR A 1007 12.48 -38.08 -6.14
CA TYR A 1007 12.55 -36.80 -5.43
C TYR A 1007 11.35 -35.93 -5.69
N GLU A 1008 11.14 -34.92 -4.87
CA GLU A 1008 9.99 -34.06 -5.10
C GLU A 1008 10.26 -32.56 -5.10
N LEU A 1009 9.70 -31.88 -6.08
CA LEU A 1009 9.90 -30.44 -6.15
C LEU A 1009 8.90 -29.79 -5.25
N GLU A 1010 9.26 -29.65 -4.00
CA GLU A 1010 8.32 -29.02 -3.11
C GLU A 1010 8.44 -27.50 -3.26
N HIS A 1011 7.70 -26.95 -4.23
CA HIS A 1011 7.63 -25.50 -4.40
C HIS A 1011 9.07 -25.04 -4.62
N ILE A 1012 9.37 -23.77 -4.44
CA ILE A 1012 10.75 -23.40 -4.66
C ILE A 1012 11.32 -22.61 -3.47
N LEU A 1013 11.10 -21.30 -3.34
CA LEU A 1013 11.80 -20.50 -2.34
C LEU A 1013 11.15 -19.13 -2.06
N ILE A 1014 10.09 -19.05 -1.27
CA ILE A 1014 9.53 -17.73 -0.92
C ILE A 1014 10.13 -17.28 0.42
N GLU A 1015 10.82 -16.13 0.41
CA GLU A 1015 11.51 -15.64 1.61
C GLU A 1015 11.02 -14.24 2.00
N GLY A 1016 11.40 -13.21 1.26
CA GLY A 1016 10.94 -11.86 1.54
C GLY A 1016 12.03 -10.89 1.97
N ASP B 3 2.50 45.81 43.87
CA ASP B 3 2.96 44.75 42.98
C ASP B 3 2.15 44.68 41.69
N SER B 4 2.43 43.65 40.93
CA SER B 4 1.57 43.23 39.87
C SER B 4 1.62 41.71 39.79
N SER B 5 1.37 41.19 38.61
CA SER B 5 0.82 39.86 38.52
C SER B 5 1.81 38.86 37.93
N VAL B 6 1.28 37.98 37.08
CA VAL B 6 2.01 36.97 36.34
C VAL B 6 1.22 36.63 35.09
N ASN B 7 1.81 36.88 33.93
CA ASN B 7 1.09 36.57 32.71
C ASN B 7 1.72 35.35 32.10
N VAL B 8 0.88 34.48 31.56
CA VAL B 8 1.32 33.23 30.96
C VAL B 8 0.61 33.07 29.63
N ALA B 9 1.33 32.86 28.55
CA ALA B 9 0.62 32.66 27.30
C ALA B 9 0.93 31.32 26.67
N LEU B 10 0.09 30.90 25.72
CA LEU B 10 0.30 29.66 24.99
C LEU B 10 0.19 29.94 23.50
N GLN B 11 1.30 29.69 22.82
CA GLN B 11 1.51 30.11 21.45
C GLN B 11 1.72 28.89 20.59
N ALA B 12 1.05 28.84 19.45
CA ALA B 12 1.30 27.78 18.47
C ALA B 12 2.66 28.01 17.84
N SER B 13 3.41 26.93 17.64
CA SER B 13 4.71 27.03 17.01
C SER B 13 4.49 27.66 15.66
N PHE B 14 3.64 27.00 14.88
CA PHE B 14 3.33 27.50 13.56
C PHE B 14 2.33 28.60 13.68
N ASP B 15 2.42 29.54 12.75
CA ASP B 15 1.65 30.73 12.86
C ASP B 15 0.68 30.80 11.70
N ALA B 16 -0.49 31.37 11.94
CA ALA B 16 -1.61 31.29 10.99
C ALA B 16 -1.48 32.20 9.78
N GLY B 17 -2.10 31.76 8.68
CA GLY B 17 -2.13 32.50 7.44
C GLY B 17 -3.26 33.52 7.41
N PRO B 18 -3.57 34.02 6.22
CA PRO B 18 -4.51 35.14 6.09
C PRO B 18 -5.81 34.79 6.74
N TYR B 19 -6.20 35.75 7.57
CA TYR B 19 -7.28 35.63 8.50
C TYR B 19 -8.58 35.37 7.79
N LEU B 20 -8.64 35.80 6.55
CA LEU B 20 -9.81 35.56 5.75
C LEU B 20 -10.13 34.08 5.73
N LEU B 21 -9.09 33.28 5.53
CA LEU B 21 -9.29 31.85 5.44
C LEU B 21 -9.92 31.32 6.69
N GLU B 22 -9.37 31.74 7.82
CA GLU B 22 -9.89 31.31 9.09
C GLU B 22 -11.32 31.78 9.14
N LEU B 23 -11.58 32.99 8.66
CA LEU B 23 -12.95 33.48 8.53
C LEU B 23 -13.67 32.54 7.61
N LEU B 24 -13.09 32.33 6.44
CA LEU B 24 -13.74 31.52 5.44
C LEU B 24 -13.99 30.11 5.92
N GLU B 25 -13.00 29.55 6.59
CA GLU B 25 -13.13 28.17 6.96
C GLU B 25 -13.90 27.99 8.24
N ALA B 26 -14.09 29.08 8.98
CA ALA B 26 -14.94 28.96 10.15
C ALA B 26 -16.38 28.89 9.66
N ALA B 27 -16.63 29.51 8.52
CA ALA B 27 -17.95 29.52 7.93
C ALA B 27 -18.27 28.11 7.48
N ALA B 28 -17.30 27.49 6.80
CA ALA B 28 -17.47 26.13 6.33
C ALA B 28 -17.30 25.14 7.46
N ALA B 29 -16.83 25.62 8.61
CA ALA B 29 -16.78 24.78 9.81
C ALA B 29 -18.22 24.50 10.20
N GLU B 30 -19.03 25.55 10.11
CA GLU B 30 -20.46 25.45 10.28
C GLU B 30 -21.09 24.77 9.11
N ASN B 31 -21.66 25.66 8.31
CA ASN B 31 -22.28 25.31 7.06
C ASN B 31 -21.30 25.29 5.92
N ALA B 32 -21.36 24.19 5.16
CA ALA B 32 -20.37 23.96 4.13
C ALA B 32 -20.77 24.65 2.82
N SER B 33 -22.05 24.82 2.61
CA SER B 33 -22.45 25.40 1.35
C SER B 33 -22.05 26.87 1.32
N SER B 34 -21.87 27.48 2.49
CA SER B 34 -21.40 28.89 2.58
C SER B 34 -20.17 29.10 1.70
N TYR B 35 -19.34 28.05 1.65
CA TYR B 35 -18.00 28.12 1.13
C TYR B 35 -17.90 28.83 -0.21
N PHE B 36 -18.26 28.12 -1.25
CA PHE B 36 -17.98 28.58 -2.60
C PHE B 36 -18.66 29.92 -2.90
N PRO B 37 -19.94 30.10 -2.51
CA PRO B 37 -20.53 31.41 -2.75
C PRO B 37 -19.79 32.50 -2.01
N LEU B 38 -19.39 32.23 -0.77
CA LEU B 38 -18.55 33.18 -0.03
C LEU B 38 -17.37 33.48 -0.92
N LEU B 39 -16.77 32.41 -1.41
CA LEU B 39 -15.63 32.50 -2.32
C LEU B 39 -15.98 33.22 -3.63
N ASP B 40 -17.17 32.95 -4.17
CA ASP B 40 -17.70 33.64 -5.34
C ASP B 40 -17.49 35.12 -5.12
N ARG B 41 -17.86 35.53 -3.91
CA ARG B 41 -17.99 36.92 -3.51
C ARG B 41 -16.72 37.70 -3.27
N ILE B 42 -15.87 37.10 -2.46
CA ILE B 42 -14.62 37.71 -2.03
C ILE B 42 -13.61 37.75 -3.14
N ALA B 43 -13.92 36.96 -4.16
CA ALA B 43 -13.17 36.91 -5.39
C ALA B 43 -13.08 38.27 -6.03
N GLU B 44 -14.23 38.92 -6.09
CA GLU B 44 -14.35 40.30 -6.57
C GLU B 44 -13.98 41.24 -5.41
N GLY B 45 -13.40 40.68 -4.38
CA GLY B 45 -12.69 41.53 -3.46
C GLY B 45 -13.67 42.47 -2.79
N VAL B 46 -14.73 41.87 -2.25
CA VAL B 46 -15.70 42.64 -1.54
C VAL B 46 -15.16 42.72 -0.13
N LEU B 47 -13.86 42.41 -0.03
CA LEU B 47 -13.05 42.59 1.16
C LEU B 47 -11.75 43.29 0.77
N ASP B 48 -11.73 43.87 -0.43
CA ASP B 48 -10.51 44.44 -0.98
C ASP B 48 -10.36 45.82 -0.35
N ASP B 49 -11.44 46.29 0.25
CA ASP B 49 -11.41 47.49 1.06
C ASP B 49 -10.77 47.19 2.41
N ALA B 50 -11.37 46.26 3.16
CA ALA B 50 -11.00 46.03 4.54
C ALA B 50 -9.68 45.31 4.59
N VAL B 51 -8.88 45.68 5.57
CA VAL B 51 -7.55 45.16 5.65
C VAL B 51 -7.15 44.82 7.05
N THR B 52 -7.38 45.73 7.99
CA THR B 52 -7.08 45.38 9.36
C THR B 52 -8.05 44.31 9.80
N GLU B 53 -7.52 43.38 10.58
CA GLU B 53 -8.23 42.19 11.00
C GLU B 53 -9.62 42.53 11.47
N LYS B 54 -9.82 43.69 12.04
CA LYS B 54 -11.13 43.93 12.61
C LYS B 54 -12.11 44.41 11.56
N GLU B 55 -11.64 45.04 10.49
CA GLU B 55 -12.56 45.35 9.39
C GLU B 55 -12.73 44.14 8.50
N LEU B 56 -11.68 43.35 8.32
CA LEU B 56 -11.85 42.06 7.66
C LEU B 56 -12.96 41.26 8.34
N TYR B 57 -13.05 41.37 9.65
CA TYR B 57 -14.06 40.66 10.42
C TYR B 57 -15.49 41.15 10.25
N ASP B 58 -15.72 42.41 10.56
CA ASP B 58 -17.08 42.91 10.58
C ASP B 58 -17.70 43.01 9.22
N ARG B 59 -16.87 43.29 8.22
CA ARG B 59 -17.33 43.28 6.85
C ARG B 59 -17.60 41.85 6.46
N PHE B 60 -17.08 40.91 7.25
CA PHE B 60 -17.35 39.51 6.97
C PHE B 60 -18.75 39.22 7.45
N LEU B 61 -19.10 39.64 8.65
CA LEU B 61 -20.43 39.35 9.18
C LEU B 61 -21.46 40.01 8.32
N THR B 62 -21.21 41.27 8.02
CA THR B 62 -22.14 42.01 7.22
C THR B 62 -22.15 41.42 5.82
N ILE B 63 -21.22 40.50 5.55
CA ILE B 63 -21.24 39.94 4.23
C ILE B 63 -22.18 38.75 4.23
N VAL B 64 -22.00 37.73 5.05
CA VAL B 64 -22.81 36.52 4.86
C VAL B 64 -24.30 36.72 5.01
N GLN B 65 -24.69 37.88 5.51
CA GLN B 65 -26.09 38.27 5.70
C GLN B 65 -26.71 38.78 4.39
N ASP B 66 -26.00 38.55 3.31
CA ASP B 66 -26.55 38.76 1.99
C ASP B 66 -27.25 37.52 1.51
N GLU B 67 -26.92 36.40 2.14
CA GLU B 67 -27.66 35.17 1.91
C GLU B 67 -28.08 34.59 3.21
N GLY B 68 -29.04 33.68 3.17
CA GLY B 68 -29.62 33.05 4.34
C GLY B 68 -28.90 31.84 4.95
N HIS B 69 -27.83 31.39 4.31
CA HIS B 69 -27.18 30.13 4.69
C HIS B 69 -26.66 30.03 6.12
N ILE B 70 -26.13 31.11 6.65
CA ILE B 70 -25.49 31.06 7.94
C ILE B 70 -25.98 32.21 8.80
N ASN B 71 -27.00 32.89 8.28
CA ASN B 71 -27.51 34.08 8.92
C ASN B 71 -28.65 33.91 9.92
N ASP B 72 -28.61 32.81 10.67
CA ASP B 72 -29.46 32.60 11.84
C ASP B 72 -29.08 33.44 13.07
N ALA B 73 -29.90 33.35 14.11
CA ALA B 73 -29.55 33.88 15.42
C ALA B 73 -28.25 33.34 16.05
N ALA B 74 -28.23 32.05 16.36
CA ALA B 74 -27.16 31.53 17.20
C ALA B 74 -26.11 30.87 16.33
N ASP B 75 -26.55 30.46 15.15
CA ASP B 75 -25.63 30.11 14.09
C ASP B 75 -24.67 31.28 14.04
N LEU B 76 -25.21 32.50 14.10
CA LEU B 76 -24.37 33.67 13.96
C LEU B 76 -23.51 33.79 15.20
N SER B 77 -24.04 33.33 16.32
CA SER B 77 -23.29 33.11 17.56
C SER B 77 -22.33 31.91 17.63
N SER B 78 -22.74 30.76 17.07
CA SER B 78 -21.87 29.58 17.00
C SER B 78 -20.56 29.85 16.27
N PHE B 79 -20.63 30.78 15.34
CA PHE B 79 -19.56 31.02 14.40
C PHE B 79 -18.42 31.70 15.12
N LYS B 80 -18.75 32.80 15.77
CA LYS B 80 -17.82 33.59 16.56
C LYS B 80 -17.06 32.67 17.49
N PHE B 81 -17.78 31.72 18.07
CA PHE B 81 -17.11 30.85 19.00
C PHE B 81 -16.00 30.10 18.27
N SER B 82 -16.29 29.57 17.08
CA SER B 82 -15.30 28.75 16.39
C SER B 82 -14.04 29.56 16.03
N LEU B 83 -14.16 30.88 15.97
CA LEU B 83 -12.99 31.72 15.70
C LEU B 83 -12.30 32.21 16.95
N ALA B 84 -13.10 32.47 17.98
CA ALA B 84 -12.56 32.91 19.26
C ALA B 84 -11.72 31.80 19.84
N ILE B 85 -11.96 30.60 19.33
CA ILE B 85 -11.22 29.39 19.68
C ILE B 85 -10.18 29.09 18.60
N ARG B 86 -10.28 29.80 17.48
CA ARG B 86 -9.21 29.83 16.50
C ARG B 86 -9.16 28.51 15.72
N SER B 87 -10.28 27.79 15.69
CA SER B 87 -10.24 26.38 15.36
C SER B 87 -10.33 26.08 13.88
N ALA B 88 -10.52 27.10 13.06
CA ALA B 88 -10.50 26.85 11.62
C ALA B 88 -9.05 26.77 11.17
N VAL B 89 -8.20 27.39 11.97
CA VAL B 89 -6.79 27.51 11.67
C VAL B 89 -6.11 26.17 11.43
N PRO B 90 -6.41 25.15 12.28
CA PRO B 90 -5.72 23.88 12.03
C PRO B 90 -5.91 23.36 10.61
N ARG B 91 -7.13 23.50 10.11
CA ARG B 91 -7.47 23.06 8.76
C ARG B 91 -6.66 23.84 7.76
N VAL B 92 -6.56 25.15 7.97
CA VAL B 92 -5.82 26.02 7.08
C VAL B 92 -4.39 25.52 6.84
N GLU B 93 -3.67 25.31 7.93
CA GLU B 93 -2.27 24.91 7.90
C GLU B 93 -2.06 23.60 7.10
N ALA B 94 -3.13 22.83 6.93
CA ALA B 94 -3.05 21.59 6.18
C ALA B 94 -2.75 21.88 4.71
N HIS B 95 -3.62 22.68 4.08
CA HIS B 95 -3.47 23.00 2.66
C HIS B 95 -2.06 23.43 2.35
N TYR B 96 -1.51 24.15 3.31
CA TYR B 96 -0.18 24.69 3.19
C TYR B 96 0.86 23.58 3.32
N GLN B 97 0.74 22.71 4.32
CA GLN B 97 1.73 21.65 4.50
C GLN B 97 1.69 20.69 3.30
N TYR B 98 0.50 20.53 2.71
CA TYR B 98 0.36 19.73 1.49
C TYR B 98 1.09 20.35 0.35
N TYR B 99 0.77 21.61 0.10
CA TYR B 99 1.26 22.27 -1.10
C TYR B 99 2.77 22.42 -1.08
N ASN B 100 3.33 22.57 0.12
CA ASN B 100 4.76 22.77 0.26
C ASN B 100 5.54 21.46 0.33
N THR B 101 4.87 20.36 0.65
CA THR B 101 5.62 19.10 0.81
C THR B 101 5.31 18.06 -0.26
N SER B 102 4.13 18.13 -0.88
CA SER B 102 3.75 17.09 -1.85
C SER B 102 3.62 17.63 -3.27
N VAL B 103 3.49 18.94 -3.43
CA VAL B 103 3.12 19.51 -4.73
C VAL B 103 4.17 20.28 -5.51
N GLU B 104 4.68 21.39 -4.97
CA GLU B 104 5.64 22.16 -5.77
C GLU B 104 6.98 21.48 -6.10
N PRO B 105 7.43 20.49 -5.30
CA PRO B 105 8.68 19.83 -5.72
C PRO B 105 8.64 19.26 -7.11
N ARG B 106 7.49 18.74 -7.51
CA ARG B 106 7.39 18.03 -8.78
C ARG B 106 7.23 18.99 -9.95
N LEU B 107 7.63 20.24 -9.75
CA LEU B 107 7.25 21.29 -10.68
C LEU B 107 8.40 22.15 -11.21
N GLY B 108 9.38 22.41 -10.35
CA GLY B 108 10.63 23.04 -10.71
C GLY B 108 10.62 24.54 -10.99
N THR B 109 11.63 25.23 -10.45
CA THR B 109 11.79 26.68 -10.60
C THR B 109 13.28 26.97 -10.56
N ALA B 113 8.13 29.47 -8.92
CA ALA B 113 6.80 30.02 -8.76
C ALA B 113 6.62 31.20 -9.72
N ALA B 114 7.13 31.02 -10.94
CA ALA B 114 6.97 32.02 -11.99
C ALA B 114 5.51 32.06 -12.41
N CYS B 115 4.89 30.87 -12.42
CA CYS B 115 3.44 30.80 -12.44
C CYS B 115 2.98 30.81 -10.99
N PRO B 116 2.19 31.82 -10.62
CA PRO B 116 1.77 32.08 -9.25
C PRO B 116 0.36 31.62 -8.92
N VAL B 117 -0.45 31.39 -9.95
CA VAL B 117 -1.81 30.89 -9.77
C VAL B 117 -2.22 30.13 -11.01
N TRP B 118 -2.97 29.06 -10.81
CA TRP B 118 -3.11 28.06 -11.86
C TRP B 118 -3.98 26.92 -11.45
N VAL B 119 -4.43 26.14 -12.42
CA VAL B 119 -5.32 25.02 -12.11
C VAL B 119 -4.79 23.65 -12.59
N HIS B 120 -5.15 22.63 -11.83
CA HIS B 120 -4.96 21.24 -12.21
C HIS B 120 -6.26 20.68 -12.73
N ASP B 122 -7.75 18.22 -16.10
CA ASP B 122 -7.37 17.23 -17.12
C ASP B 122 -6.17 16.38 -16.71
N GLY B 123 -5.04 16.99 -16.39
CA GLY B 123 -3.82 16.24 -16.16
C GLY B 123 -2.60 17.13 -16.09
N GLN B 125 -1.15 21.40 -16.71
CA GLN B 125 -1.20 22.60 -15.91
C GLN B 125 -1.15 23.87 -16.72
N TYR B 126 -2.23 24.62 -16.73
CA TYR B 126 -2.14 25.93 -17.29
C TYR B 126 -2.44 26.94 -16.21
N CYS B 127 -1.72 28.05 -16.27
CA CYS B 127 -1.82 29.08 -15.26
C CYS B 127 -2.77 30.19 -15.67
N SER B 128 -3.19 30.15 -16.93
CA SER B 128 -4.11 31.12 -17.49
C SER B 128 -5.35 30.47 -18.11
N PRO B 129 -6.50 31.15 -18.02
CA PRO B 129 -7.72 30.67 -18.69
C PRO B 129 -7.54 30.73 -20.19
N THR B 130 -6.54 30.00 -20.67
CA THR B 130 -6.17 30.05 -22.08
C THR B 130 -6.48 28.81 -22.88
N LEU B 131 -7.11 27.82 -22.27
CA LEU B 131 -7.53 26.61 -22.98
C LEU B 131 -6.29 25.94 -23.57
N ALA B 140 3.10 17.67 -14.18
CA ALA B 140 2.27 17.17 -13.08
C ALA B 140 2.39 15.64 -12.93
N ASP B 141 3.00 15.17 -11.82
CA ASP B 141 3.31 13.73 -11.71
C ASP B 141 2.52 12.89 -10.73
N LEU B 142 1.96 13.52 -9.70
CA LEU B 142 1.09 12.78 -8.79
C LEU B 142 -0.25 13.49 -8.75
N GLU B 143 -1.29 12.73 -9.00
CA GLU B 143 -2.53 13.28 -9.48
C GLU B 143 -3.57 13.64 -8.43
N ALA B 144 -4.77 13.88 -8.94
CA ALA B 144 -5.90 14.44 -8.22
C ALA B 144 -6.44 13.51 -7.14
N ARG B 145 -5.64 13.33 -6.11
CA ARG B 145 -5.96 12.43 -5.02
C ARG B 145 -7.00 13.08 -4.11
N ASP B 146 -8.04 12.32 -3.73
CA ASP B 146 -9.09 12.85 -2.87
C ASP B 146 -8.55 13.16 -1.49
N LEU B 147 -8.13 14.39 -1.32
CA LEU B 147 -7.55 14.79 -0.05
C LEU B 147 -8.71 15.04 0.88
N PRO B 148 -8.43 15.08 2.18
CA PRO B 148 -9.52 15.31 3.13
C PRO B 148 -10.26 16.61 2.88
N PHE B 149 -9.50 17.68 2.87
CA PHE B 149 -10.01 19.02 2.99
C PHE B 149 -10.62 19.54 1.73
N ASP B 150 -10.59 18.72 0.69
CA ASP B 150 -11.05 19.16 -0.60
C ASP B 150 -12.52 19.45 -0.48
N ARG B 151 -13.03 20.33 -1.32
CA ARG B 151 -14.47 20.52 -1.33
C ARG B 151 -15.10 20.50 -2.69
N LYS B 152 -16.21 19.77 -2.69
CA LYS B 152 -16.97 19.34 -3.85
C LYS B 152 -17.73 20.43 -4.55
N LEU B 153 -17.36 20.74 -5.78
CA LEU B 153 -18.29 21.44 -6.64
C LEU B 153 -18.13 20.97 -8.10
N GLY B 154 -19.28 20.84 -8.76
CA GLY B 154 -19.41 20.04 -9.96
C GLY B 154 -19.87 18.67 -9.46
N ASP B 155 -20.39 17.84 -10.35
CA ASP B 155 -20.82 16.48 -9.99
C ASP B 155 -19.60 15.60 -10.12
N PRO B 156 -19.56 14.47 -9.39
CA PRO B 156 -18.33 13.68 -9.43
C PRO B 156 -18.05 13.16 -10.84
N THR B 157 -17.28 13.96 -11.57
CA THR B 157 -16.96 13.62 -12.94
C THR B 157 -15.49 13.46 -13.20
N ALA B 158 -15.21 12.72 -14.27
CA ALA B 158 -13.86 12.39 -14.71
C ALA B 158 -12.91 13.59 -14.74
N PRO B 159 -13.38 14.76 -15.20
CA PRO B 159 -12.40 15.84 -15.10
C PRO B 159 -12.38 16.46 -13.72
N LEU B 160 -11.17 16.71 -13.22
CA LEU B 160 -11.03 17.34 -11.94
C LEU B 160 -10.17 18.56 -12.11
N ALA B 161 -10.76 19.68 -11.71
CA ALA B 161 -10.12 20.98 -11.81
C ALA B 161 -9.75 21.48 -10.44
N ILE B 162 -8.45 21.43 -10.19
CA ILE B 162 -7.92 21.77 -8.89
C ILE B 162 -7.25 23.12 -8.95
N LEU B 163 -7.96 24.15 -8.51
CA LEU B 163 -7.37 25.48 -8.51
C LEU B 163 -6.44 25.60 -7.34
N TYR B 164 -5.18 25.82 -7.66
CA TYR B 164 -4.19 26.15 -6.65
C TYR B 164 -3.91 27.65 -6.65
N ALA B 165 -4.18 28.26 -5.51
CA ALA B 165 -4.05 29.69 -5.36
C ALA B 165 -4.15 30.09 -3.89
N ASP B 166 -3.47 31.16 -3.52
CA ASP B 166 -3.73 31.85 -2.27
C ASP B 166 -4.94 32.78 -2.37
N VAL B 167 -5.98 32.52 -1.59
CA VAL B 167 -7.27 33.20 -1.79
C VAL B 167 -7.31 34.64 -1.29
N ALA B 168 -6.28 35.08 -0.59
CA ALA B 168 -6.35 36.34 0.11
C ALA B 168 -6.39 37.35 -0.98
N SER B 169 -5.65 37.09 -2.04
CA SER B 169 -5.63 38.05 -3.11
C SER B 169 -6.76 37.78 -4.07
N PRO B 170 -7.42 38.86 -4.53
CA PRO B 170 -8.55 38.83 -5.47
C PRO B 170 -8.04 38.38 -6.82
N ALA B 171 -6.72 38.37 -6.93
CA ALA B 171 -5.99 37.84 -8.07
C ALA B 171 -6.51 36.47 -8.51
N PHE B 172 -6.79 35.60 -7.55
CA PHE B 172 -7.37 34.32 -7.89
C PHE B 172 -8.73 34.53 -8.48
N GLY B 173 -9.33 35.64 -8.04
CA GLY B 173 -10.77 35.77 -7.90
C GLY B 173 -11.67 35.03 -8.85
N GLU B 174 -11.47 35.17 -10.16
CA GLU B 174 -12.41 34.52 -11.05
C GLU B 174 -11.80 33.42 -11.94
N TYR B 175 -10.63 32.93 -11.55
CA TYR B 175 -10.28 31.56 -11.92
C TYR B 175 -11.49 30.82 -11.37
N HIS B 176 -11.68 30.96 -10.06
CA HIS B 176 -12.80 30.36 -9.39
C HIS B 176 -14.11 30.55 -10.10
N ARG B 177 -14.44 31.79 -10.47
CA ARG B 177 -15.75 32.01 -11.08
C ARG B 177 -15.77 31.26 -12.38
N LYS B 178 -14.67 31.35 -13.13
CA LYS B 178 -14.58 30.56 -14.34
C LYS B 178 -14.79 29.15 -13.92
N LEU B 179 -14.28 28.75 -12.76
CA LEU B 179 -14.44 27.43 -12.19
C LEU B 179 -15.64 27.28 -11.26
N SER B 180 -16.30 28.37 -10.90
CA SER B 180 -17.61 28.27 -10.28
C SER B 180 -18.55 28.07 -11.41
N ALA B 181 -18.49 29.04 -12.32
CA ALA B 181 -19.17 28.90 -13.58
C ALA B 181 -18.26 28.01 -14.43
N ALA B 183 -17.88 25.08 -12.19
CA ALA B 183 -18.26 23.84 -11.52
C ALA B 183 -19.85 23.77 -11.54
N LYS B 184 -20.45 24.95 -11.53
CA LYS B 184 -21.72 25.23 -12.18
C LYS B 184 -22.90 24.22 -11.96
N GLU B 185 -22.77 23.08 -12.67
CA GLU B 185 -23.75 22.38 -13.51
C GLU B 185 -23.63 20.90 -13.33
N GLY B 186 -22.38 20.47 -13.12
CA GLY B 186 -21.86 19.21 -13.60
C GLY B 186 -20.46 19.21 -14.29
N GLN B 187 -20.43 19.21 -15.63
CA GLN B 187 -19.22 18.96 -16.50
C GLN B 187 -17.85 18.67 -15.78
N VAL B 188 -17.33 19.60 -15.01
CA VAL B 188 -16.06 19.33 -14.36
C VAL B 188 -16.18 19.64 -12.88
N SER B 189 -15.72 18.65 -12.14
CA SER B 189 -15.53 18.75 -10.71
C SER B 189 -14.49 19.80 -10.37
N TYR B 190 -14.84 20.72 -9.49
CA TYR B 190 -13.92 21.82 -9.18
C TYR B 190 -13.59 21.90 -7.72
N VAL B 191 -12.29 22.04 -7.47
CA VAL B 191 -11.75 21.91 -6.13
C VAL B 191 -10.72 23.01 -5.93
N VAL B 192 -10.81 23.63 -4.75
CA VAL B 192 -9.84 24.63 -4.34
C VAL B 192 -8.84 24.14 -3.30
N ARG B 193 -7.56 24.08 -3.65
CA ARG B 193 -6.50 23.85 -2.67
C ARG B 193 -5.70 25.13 -2.56
N TYR B 194 -5.34 25.54 -1.35
CA TYR B 194 -4.70 26.85 -1.19
C TYR B 194 -3.23 26.84 -1.46
N ARG B 195 -2.75 27.96 -2.00
CA ARG B 195 -1.33 28.20 -2.17
C ARG B 195 -0.92 28.98 -0.92
N PRO B 196 0.31 28.77 -0.41
CA PRO B 196 0.73 29.68 0.66
C PRO B 196 1.26 30.99 0.07
N PRO B 197 1.09 32.09 0.84
CA PRO B 197 1.58 33.43 0.51
C PRO B 197 3.10 33.50 0.68
N PRO B 198 3.72 34.67 0.49
CA PRO B 198 5.13 34.69 0.85
C PRO B 198 5.30 34.36 2.32
N SER B 199 6.38 33.68 2.67
CA SER B 199 6.60 33.22 4.03
C SER B 199 6.72 34.40 5.01
N ALA B 200 6.84 35.59 4.44
CA ALA B 200 7.01 36.82 5.21
C ALA B 200 5.69 37.39 5.73
N SER B 201 4.58 36.79 5.36
CA SER B 201 3.28 37.35 5.66
C SER B 201 2.83 37.09 7.10
N PHE B 202 3.31 36.01 7.68
CA PHE B 202 2.88 35.57 9.00
C PHE B 202 3.00 36.57 10.13
N ARG B 203 1.97 36.64 10.94
CA ARG B 203 2.12 37.15 12.29
C ARG B 203 1.87 35.93 13.17
N PRO B 204 2.31 35.96 14.43
CA PRO B 204 2.41 34.69 15.15
C PRO B 204 1.06 34.25 15.68
N LEU B 205 1.04 33.09 16.30
CA LEU B 205 -0.24 32.50 16.61
C LEU B 205 -0.41 32.32 18.11
N PHE B 206 -1.03 33.30 18.77
CA PHE B 206 -1.23 33.19 20.21
C PHE B 206 -2.62 32.57 20.42
N LEU B 207 -2.78 31.78 21.49
CA LEU B 207 -3.96 30.91 21.58
C LEU B 207 -4.90 31.14 22.77
N ALA B 208 -5.99 30.38 22.74
CA ALA B 208 -6.96 30.32 23.83
C ALA B 208 -7.39 28.88 24.00
N GLY B 209 -8.37 28.66 24.88
CA GLY B 209 -8.88 27.32 25.13
C GLY B 209 -7.89 26.45 25.89
N TYR B 210 -7.19 27.05 26.83
CA TYR B 210 -6.30 26.34 27.75
C TYR B 210 -6.44 26.94 29.15
N GLY B 211 -5.87 26.29 30.16
CA GLY B 211 -5.97 26.83 31.52
C GLY B 211 -4.65 26.83 32.27
N VAL B 212 -4.57 27.64 33.31
CA VAL B 212 -3.30 27.82 33.96
C VAL B 212 -3.24 27.54 35.46
N GLU B 213 -2.39 26.59 35.82
CA GLU B 213 -2.16 26.22 37.20
C GLU B 213 -1.20 27.22 37.81
N LEU B 214 -1.47 27.69 39.02
CA LEU B 214 -0.36 28.19 39.84
C LEU B 214 -0.52 27.64 41.23
N THR B 215 0.11 26.48 41.38
CA THR B 215 -0.01 25.63 42.54
C THR B 215 0.88 26.15 43.66
N LEU B 216 0.47 25.92 44.90
CA LEU B 216 1.22 26.44 46.02
C LEU B 216 2.43 25.57 46.30
N LYS B 217 3.60 26.04 45.89
CA LYS B 217 4.74 25.17 46.08
C LYS B 217 5.25 25.32 47.50
N ARG B 218 5.36 26.55 48.03
CA ARG B 218 5.64 26.74 49.45
C ARG B 218 4.63 27.67 50.07
N THR B 219 3.95 27.18 51.09
CA THR B 219 2.87 27.92 51.72
C THR B 219 2.56 27.46 53.13
N ASP B 220 1.79 28.30 53.83
CA ASP B 220 1.25 27.99 55.13
C ASP B 220 -0.19 27.51 55.01
N TYR B 221 -0.70 27.45 53.78
CA TYR B 221 -2.06 26.96 53.56
C TYR B 221 -2.09 25.46 53.81
N ILE B 222 -1.78 25.11 55.06
CA ILE B 222 -1.60 23.77 55.50
C ILE B 222 -2.78 23.58 56.39
N ILE B 224 -4.08 22.27 59.93
CA ILE B 224 -3.39 21.87 61.17
C ILE B 224 -4.30 21.30 62.25
N ASP B 257 -5.05 38.07 51.96
CA ASP B 257 -3.89 38.84 51.56
C ASP B 257 -2.72 38.34 52.35
N LEU B 258 -2.99 38.10 53.63
CA LEU B 258 -2.03 37.57 54.59
C LEU B 258 -1.82 36.06 54.42
N LYS B 259 -0.56 35.66 54.56
CA LYS B 259 -0.07 34.30 54.76
C LYS B 259 -1.07 33.25 55.32
N PRO B 260 -1.90 32.64 54.45
CA PRO B 260 -3.05 31.83 54.91
C PRO B 260 -2.72 30.75 55.97
N LEU B 261 -3.73 30.27 56.71
CA LEU B 261 -3.61 29.06 57.56
C LEU B 261 -4.91 28.27 57.54
N SER B 262 -4.95 27.07 58.16
CA SER B 262 -6.23 26.34 58.42
C SER B 262 -6.04 25.01 59.16
N SER B 263 -7.11 24.50 59.79
CA SER B 263 -7.12 23.17 60.42
C SER B 263 -8.23 22.33 59.85
N SER B 264 -8.84 21.49 60.67
CA SER B 264 -9.92 20.62 60.20
C SER B 264 -11.27 21.38 60.25
N GLU B 265 -11.21 22.60 59.69
CA GLU B 265 -12.37 23.35 59.23
C GLU B 265 -12.70 22.99 57.79
N VAL B 266 -12.41 21.76 57.43
CA VAL B 266 -12.32 21.40 56.03
C VAL B 266 -13.41 20.52 55.47
N ALA B 267 -13.73 19.46 56.21
CA ALA B 267 -14.84 18.59 55.89
C ALA B 267 -16.03 19.49 55.67
N ARG B 268 -15.98 20.62 56.37
CA ARG B 268 -16.87 21.74 56.20
C ARG B 268 -16.59 22.57 54.93
N LEU B 269 -15.31 22.90 54.72
CA LEU B 269 -14.82 23.76 53.65
C LEU B 269 -15.52 23.64 52.27
N GLY B 270 -15.95 22.42 51.94
CA GLY B 270 -16.64 22.21 50.67
C GLY B 270 -18.09 22.64 50.76
N ASN B 272 -19.76 24.64 52.93
CA ASN B 272 -20.03 26.08 53.08
C ASN B 272 -19.90 26.81 51.80
N ALA B 273 -18.86 26.41 51.07
CA ALA B 273 -18.54 27.02 49.81
C ALA B 273 -19.80 27.04 48.97
N ALA B 274 -20.65 26.06 49.18
CA ALA B 274 -21.91 26.04 48.49
C ALA B 274 -22.77 27.15 49.04
N SER B 275 -23.12 27.05 50.33
CA SER B 275 -24.02 28.00 51.00
C SER B 275 -23.64 29.41 50.66
N PHE B 276 -22.35 29.66 50.71
CA PHE B 276 -21.81 30.92 50.25
C PHE B 276 -22.33 31.36 48.90
N ILE B 277 -22.23 30.49 47.91
CA ILE B 277 -22.71 30.82 46.58
C ILE B 277 -24.21 31.06 46.65
N LEU B 278 -24.87 30.19 47.42
CA LEU B 278 -26.30 30.27 47.56
C LEU B 278 -26.76 31.50 48.35
N ASP B 279 -25.90 32.00 49.24
CA ASP B 279 -26.25 33.14 50.08
C ASP B 279 -25.54 34.46 49.73
N SER B 280 -24.47 34.39 48.94
CA SER B 280 -23.75 35.58 48.48
C SER B 280 -24.60 36.49 47.62
N PRO B 281 -24.21 37.76 47.48
CA PRO B 281 -25.07 38.64 46.66
C PRO B 281 -25.38 38.07 45.27
N ASP B 282 -24.36 37.83 44.46
CA ASP B 282 -24.54 37.24 43.13
C ASP B 282 -23.94 35.83 43.11
N PRO B 283 -24.77 34.81 42.88
CA PRO B 283 -24.32 33.41 43.03
C PRO B 283 -23.36 32.86 41.95
N PHE B 284 -23.74 32.83 40.67
CA PHE B 284 -22.83 32.22 39.69
C PHE B 284 -21.53 33.00 39.68
N ALA B 285 -21.65 34.32 39.80
CA ALA B 285 -20.47 35.15 39.89
C ALA B 285 -19.66 34.75 41.12
N THR B 286 -20.34 34.35 42.19
CA THR B 286 -19.66 33.91 43.42
C THR B 286 -18.86 32.64 43.14
N LEU B 287 -19.48 31.73 42.40
CA LEU B 287 -18.81 30.52 41.97
C LEU B 287 -17.47 30.87 41.35
N THR B 288 -17.52 31.69 40.31
CA THR B 288 -16.31 32.04 39.56
C THR B 288 -15.21 32.61 40.48
N LYS B 289 -15.49 33.60 41.33
CA LYS B 289 -14.42 34.16 42.17
C LYS B 289 -13.89 33.15 43.16
N LEU B 290 -14.79 32.40 43.76
CA LEU B 290 -14.40 31.44 44.77
C LEU B 290 -13.47 30.37 44.22
N SER B 291 -13.86 29.76 43.10
CA SER B 291 -13.08 28.67 42.51
C SER B 291 -11.67 29.10 42.12
N GLN B 292 -11.58 30.11 41.26
CA GLN B 292 -10.32 30.55 40.69
C GLN B 292 -9.24 30.78 41.75
N ASP B 293 -9.64 31.29 42.91
CA ASP B 293 -8.69 31.56 43.99
C ASP B 293 -9.15 31.06 45.35
N PHE B 294 -9.41 29.74 45.41
CA PHE B 294 -9.95 29.15 46.63
C PHE B 294 -9.09 29.35 47.89
N PRO B 295 -7.81 28.92 47.87
CA PRO B 295 -7.04 28.75 49.12
C PRO B 295 -6.96 30.01 49.93
N LYS B 296 -7.13 31.13 49.26
CA LYS B 296 -7.08 32.33 50.00
C LYS B 296 -8.47 32.62 50.60
N TYR B 297 -9.51 32.18 49.91
CA TYR B 297 -10.89 32.35 50.36
C TYR B 297 -11.43 31.38 51.43
N SER B 298 -10.73 30.29 51.67
CA SER B 298 -11.29 29.18 52.46
C SER B 298 -11.72 29.59 53.87
N SER B 299 -10.88 30.36 54.57
CA SER B 299 -11.12 30.62 55.99
C SER B 299 -12.42 31.37 56.21
N ALA B 300 -12.97 31.90 55.13
CA ALA B 300 -14.34 32.37 55.16
C ALA B 300 -15.29 31.16 55.15
N VAL B 301 -15.18 30.30 54.12
CA VAL B 301 -16.07 29.13 54.05
C VAL B 301 -15.74 28.13 55.13
N ALA B 302 -14.63 28.32 55.81
CA ALA B 302 -14.37 27.52 56.98
C ALA B 302 -15.39 27.96 58.04
N ALA B 303 -15.80 29.23 57.96
CA ALA B 303 -16.75 29.76 58.93
C ALA B 303 -18.05 30.26 58.32
N TYR B 304 -18.75 29.43 57.57
CA TYR B 304 -20.00 29.89 57.00
C TYR B 304 -20.83 28.68 56.76
N ASN B 305 -21.45 28.19 57.83
CA ASN B 305 -21.89 26.79 57.86
C ASN B 305 -22.98 26.49 56.84
N VAL B 306 -23.33 25.22 56.69
CA VAL B 306 -24.23 24.86 55.62
C VAL B 306 -25.66 24.80 56.11
N THR B 307 -26.55 25.38 55.32
CA THR B 307 -27.90 25.63 55.76
C THR B 307 -28.74 24.37 55.92
N GLN B 308 -30.02 24.63 56.12
CA GLN B 308 -31.06 23.65 56.24
C GLN B 308 -31.19 22.88 54.94
N GLU B 309 -30.59 23.42 53.88
CA GLU B 309 -30.64 22.78 52.58
C GLU B 309 -29.57 21.67 52.37
N PHE B 310 -28.84 21.31 53.44
CA PHE B 310 -28.14 20.03 53.44
C PHE B 310 -29.28 19.08 53.40
N LEU B 311 -30.09 19.15 54.46
CA LEU B 311 -31.33 18.37 54.63
C LEU B 311 -32.06 18.25 53.31
N ASP B 312 -32.07 19.36 52.60
CA ASP B 312 -32.83 19.46 51.38
C ASP B 312 -32.21 18.87 50.11
N GLU B 313 -30.97 19.11 49.78
CA GLU B 313 -30.63 18.57 48.47
C GLU B 313 -29.66 17.40 48.33
N TYR B 314 -29.02 16.99 49.42
CA TYR B 314 -28.07 15.89 49.31
C TYR B 314 -28.58 14.54 49.63
N TYR B 315 -29.73 14.49 50.30
CA TYR B 315 -30.44 13.23 50.32
C TYR B 315 -31.43 13.35 49.17
N ALA B 316 -31.51 14.55 48.59
CA ALA B 316 -32.21 14.73 47.32
C ALA B 316 -31.41 14.24 46.10
N ASN B 317 -30.30 13.53 46.33
CA ASN B 317 -29.55 12.94 45.21
C ASN B 317 -29.68 11.42 45.10
N ARG B 318 -29.98 10.73 46.20
CA ARG B 318 -30.01 9.28 46.16
C ARG B 318 -31.30 8.81 45.51
N ALA B 319 -31.93 9.73 44.80
CA ALA B 319 -32.93 9.33 43.83
C ALA B 319 -32.26 9.29 42.45
N ALA B 320 -32.16 10.46 41.83
CA ALA B 320 -31.60 10.58 40.48
C ALA B 320 -31.28 12.05 40.20
N SER B 321 -30.37 12.27 39.23
CA SER B 321 -29.56 13.49 39.08
C SER B 321 -28.58 13.48 40.23
N LEU B 322 -27.36 13.93 39.95
CA LEU B 322 -26.30 14.10 40.96
C LEU B 322 -25.60 12.84 41.42
N PRO B 323 -24.26 12.86 41.39
CA PRO B 323 -23.39 12.04 42.23
C PRO B 323 -22.79 12.83 43.40
N GLY B 324 -22.40 12.10 44.45
CA GLY B 324 -22.08 12.66 45.75
C GLY B 324 -21.31 13.95 45.79
N GLY B 325 -20.05 13.88 45.40
CA GLY B 325 -19.26 15.07 45.19
C GLY B 325 -18.42 14.98 43.93
N ARG B 326 -19.02 15.12 42.75
CA ARG B 326 -18.21 15.12 41.53
C ARG B 326 -18.80 15.97 40.44
N ASN B 327 -18.05 16.06 39.35
CA ASN B 327 -18.44 16.93 38.28
C ASN B 327 -18.84 16.09 37.08
N VAL B 328 -20.11 16.13 36.68
CA VAL B 328 -20.52 15.54 35.40
C VAL B 328 -21.38 16.54 34.63
N LEU B 329 -21.50 16.34 33.33
CA LEU B 329 -22.24 17.25 32.46
C LEU B 329 -23.14 16.56 31.45
N TRP B 330 -24.30 17.12 31.22
CA TRP B 330 -25.11 16.68 30.11
C TRP B 330 -25.35 17.82 29.16
N ILE B 331 -25.41 17.46 27.90
CA ILE B 331 -25.86 18.37 26.87
C ILE B 331 -27.17 17.83 26.33
N ASN B 332 -28.26 18.44 26.78
CA ASN B 332 -29.57 17.90 26.49
C ASN B 332 -29.54 16.44 26.90
N GLY B 333 -29.01 16.17 28.09
CA GLY B 333 -29.06 14.81 28.61
C GLY B 333 -28.08 13.81 28.00
N LEU B 334 -27.44 14.16 26.90
CA LEU B 334 -26.49 13.23 26.28
C LEU B 334 -25.09 13.46 26.88
N GLN B 335 -24.78 12.75 27.97
CA GLN B 335 -23.53 12.93 28.75
C GLN B 335 -22.20 13.03 27.98
N ILE B 336 -21.37 13.97 28.41
CA ILE B 336 -20.04 14.18 27.85
C ILE B 336 -19.02 13.45 28.69
N ASP B 337 -17.91 13.04 28.06
CA ASP B 337 -16.93 12.25 28.76
C ASP B 337 -16.08 13.23 29.56
N SER B 338 -15.78 12.85 30.81
CA SER B 338 -15.14 13.75 31.76
C SER B 338 -13.78 14.21 31.27
N ARG B 339 -13.34 13.60 30.20
CA ARG B 339 -12.12 14.01 29.55
C ARG B 339 -12.41 14.75 28.26
N GLN B 340 -13.64 14.80 27.75
CA GLN B 340 -13.72 15.73 26.64
C GLN B 340 -14.57 16.95 26.97
N VAL B 341 -14.55 17.36 28.23
CA VAL B 341 -15.09 18.66 28.59
C VAL B 341 -14.12 19.77 28.20
N ASP B 342 -13.89 19.97 26.90
CA ASP B 342 -12.99 21.07 26.54
C ASP B 342 -13.60 22.01 25.53
N ALA B 343 -13.11 23.24 25.57
CA ALA B 343 -13.66 24.31 24.77
C ALA B 343 -13.80 23.89 23.31
N TYR B 344 -12.84 23.14 22.81
CA TYR B 344 -12.84 22.88 21.38
C TYR B 344 -13.83 21.79 20.96
N SER B 345 -13.62 20.57 21.45
CA SER B 345 -14.55 19.44 21.23
C SER B 345 -15.99 19.88 21.37
N LEU B 346 -16.30 20.43 22.54
CA LEU B 346 -17.61 20.91 22.83
C LEU B 346 -18.17 21.74 21.70
N LEU B 347 -17.37 22.67 21.21
CA LEU B 347 -17.79 23.55 20.14
C LEU B 347 -18.31 22.71 18.99
N GLU B 348 -17.54 21.70 18.61
CA GLU B 348 -17.96 20.91 17.48
C GLU B 348 -19.07 20.00 17.95
N HIS B 349 -19.16 19.79 19.26
CA HIS B 349 -20.19 18.94 19.83
C HIS B 349 -21.55 19.63 19.90
N LEU B 350 -21.57 20.88 20.35
CA LEU B 350 -22.79 21.68 20.32
C LEU B 350 -23.26 21.88 18.87
N ARG B 351 -22.30 22.11 17.97
CA ARG B 351 -22.61 22.36 16.56
C ARG B 351 -23.68 21.48 15.94
N HIS B 352 -23.59 20.17 16.12
CA HIS B 352 -24.59 19.32 15.49
C HIS B 352 -25.71 18.90 16.44
N GLU B 353 -25.42 18.87 17.74
CA GLU B 353 -26.49 18.66 18.71
C GLU B 353 -27.57 19.68 18.41
N ARG B 354 -27.10 20.90 18.21
CA ARG B 354 -27.93 22.03 17.84
C ARG B 354 -28.69 21.78 16.55
N GLN B 355 -28.01 21.22 15.54
CA GLN B 355 -28.65 21.05 14.24
C GLN B 355 -29.57 19.87 14.30
N PHE B 356 -29.15 18.85 15.05
CA PHE B 356 -29.87 17.58 15.09
C PHE B 356 -31.24 17.87 15.63
N ILE B 357 -31.30 18.81 16.54
CA ILE B 357 -32.58 19.11 17.12
C ILE B 357 -33.38 19.91 16.12
N GLY B 358 -32.69 20.69 15.30
CA GLY B 358 -33.36 21.57 14.35
C GLY B 358 -34.12 20.74 13.34
N GLN B 359 -33.72 19.49 13.24
CA GLN B 359 -34.32 18.58 12.30
C GLN B 359 -35.70 18.08 12.74
N PHE B 360 -35.99 18.15 14.02
CA PHE B 360 -37.29 17.71 14.51
C PHE B 360 -38.30 18.82 14.20
N ARG B 361 -37.83 20.06 14.12
CA ARG B 361 -38.77 21.13 13.81
C ARG B 361 -38.79 21.35 12.31
N LYS B 362 -37.88 20.69 11.62
CA LYS B 362 -37.99 20.62 10.19
C LYS B 362 -39.23 19.78 9.97
N LEU B 363 -39.44 18.84 10.89
CA LEU B 363 -40.59 17.95 10.91
C LEU B 363 -41.71 18.57 11.70
N GLY B 364 -41.45 19.77 12.19
CA GLY B 364 -42.40 20.53 12.99
C GLY B 364 -42.63 20.09 14.42
N LEU B 365 -41.60 20.23 15.26
CA LEU B 365 -41.75 20.00 16.70
C LEU B 365 -41.14 21.13 17.51
N SER B 366 -41.82 21.53 18.57
CA SER B 366 -41.28 22.51 19.52
C SER B 366 -40.04 21.92 20.19
N ASN B 367 -39.03 22.77 20.41
CA ASN B 367 -37.84 22.29 21.07
C ASN B 367 -38.04 21.86 22.50
N ILE B 368 -39.14 22.25 23.11
CA ILE B 368 -39.49 21.60 24.35
C ILE B 368 -40.20 20.27 24.07
N GLU B 369 -40.79 20.13 22.88
CA GLU B 369 -41.44 18.87 22.51
C GLU B 369 -40.38 17.85 22.11
N ALA B 370 -39.38 18.31 21.37
CA ALA B 370 -38.39 17.40 20.80
C ALA B 370 -37.63 16.64 21.88
N LEU B 371 -37.28 17.31 22.96
CA LEU B 371 -36.42 16.64 23.91
C LEU B 371 -37.18 16.03 25.05
N ASP B 372 -38.38 16.49 25.29
CA ASP B 372 -39.26 15.68 26.11
C ASP B 372 -39.89 14.68 25.17
N LEU B 373 -39.31 14.49 23.99
CA LEU B 373 -39.61 13.24 23.30
C LEU B 373 -38.80 12.25 24.10
N LEU B 374 -37.54 12.59 24.29
CA LEU B 374 -36.61 11.77 25.06
C LEU B 374 -37.07 11.61 26.53
N LEU B 375 -37.77 10.50 26.78
CA LEU B 375 -38.79 10.34 27.82
C LEU B 375 -39.11 8.92 28.13
N HIS B 376 -39.06 8.53 29.40
CA HIS B 376 -39.54 7.24 29.96
C HIS B 376 -38.41 6.68 30.79
N GLN B 389 -26.52 -12.62 21.52
CA GLN B 389 -25.17 -12.64 22.08
C GLN B 389 -24.50 -13.99 21.84
N ARG B 390 -25.21 -15.05 22.23
CA ARG B 390 -24.75 -16.38 21.97
C ARG B 390 -25.51 -16.92 20.77
N TYR B 391 -25.07 -18.02 20.17
CA TYR B 391 -25.83 -18.62 19.08
C TYR B 391 -25.90 -20.10 19.30
N ASP B 392 -26.93 -20.74 18.77
CA ASP B 392 -27.02 -22.19 18.93
C ASP B 392 -26.07 -22.80 17.94
N TRP B 393 -25.12 -23.51 18.52
CA TRP B 393 -23.99 -24.01 17.81
C TRP B 393 -24.28 -25.46 17.47
N ARG B 394 -25.48 -25.92 17.87
CA ARG B 394 -25.83 -27.33 17.71
C ARG B 394 -25.98 -27.71 16.24
N ASP B 395 -25.33 -28.81 15.85
CA ASP B 395 -25.45 -29.35 14.49
C ASP B 395 -26.82 -30.00 14.30
N GLU B 396 -27.52 -30.22 15.43
CA GLU B 396 -28.93 -30.68 15.50
C GLU B 396 -29.75 -30.23 14.28
N VAL B 397 -29.89 -28.91 14.21
CA VAL B 397 -30.70 -28.22 13.21
C VAL B 397 -30.42 -28.68 11.78
N GLU B 398 -29.18 -29.07 11.52
CA GLU B 398 -28.84 -29.54 10.18
C GLU B 398 -28.39 -30.99 10.19
N GLY B 399 -28.98 -31.83 11.03
CA GLY B 399 -28.65 -33.24 10.88
C GLY B 399 -27.93 -33.86 12.07
N GLY B 400 -26.81 -33.27 12.48
CA GLY B 400 -26.13 -33.73 13.66
C GLY B 400 -24.77 -34.37 13.59
N ASP B 401 -24.17 -34.50 12.41
CA ASP B 401 -22.73 -34.74 12.42
C ASP B 401 -22.14 -33.98 11.24
N VAL B 402 -22.47 -32.71 11.31
CA VAL B 402 -21.81 -31.66 10.56
C VAL B 402 -20.45 -31.39 11.23
N ILE B 403 -20.48 -31.29 12.55
CA ILE B 403 -19.29 -30.93 13.32
C ILE B 403 -18.36 -32.10 13.57
N ILE B 404 -17.07 -31.86 13.36
CA ILE B 404 -16.04 -32.84 13.67
C ILE B 404 -15.51 -32.64 15.05
N TRP B 405 -15.87 -33.53 15.95
CA TRP B 405 -15.51 -33.36 17.34
C TRP B 405 -14.22 -34.06 17.69
N LEU B 406 -13.20 -33.28 18.02
CA LEU B 406 -11.88 -33.81 18.35
C LEU B 406 -11.83 -34.37 19.77
N ASN B 407 -12.58 -33.70 20.63
CA ASN B 407 -12.56 -33.99 22.03
C ASN B 407 -13.86 -34.67 22.40
N ASP B 408 -13.88 -35.37 23.52
CA ASP B 408 -15.16 -35.76 24.09
C ASP B 408 -15.03 -35.96 25.59
N LEU B 409 -15.59 -35.02 26.34
CA LEU B 409 -15.44 -35.03 27.78
C LEU B 409 -16.00 -36.26 28.47
N THR B 410 -17.24 -36.64 28.15
CA THR B 410 -17.91 -37.62 28.98
C THR B 410 -17.29 -39.01 28.96
N LYS B 411 -16.44 -39.32 27.98
CA LYS B 411 -15.83 -40.66 27.94
C LYS B 411 -14.36 -40.78 27.49
N ASP B 412 -13.78 -39.76 26.86
CA ASP B 412 -12.32 -39.76 26.61
C ASP B 412 -11.55 -40.27 27.84
N LYS B 413 -10.46 -40.98 27.62
CA LYS B 413 -9.76 -41.59 28.75
C LYS B 413 -8.71 -40.62 29.23
N ARG B 414 -8.49 -39.57 28.46
CA ARG B 414 -7.66 -38.48 28.92
C ARG B 414 -8.33 -38.09 30.21
N TYR B 415 -9.65 -38.01 30.08
CA TYR B 415 -10.58 -37.65 31.13
C TYR B 415 -11.05 -38.90 31.87
N SER B 416 -10.25 -39.96 31.77
CA SER B 416 -10.56 -41.28 32.35
C SER B 416 -11.39 -41.23 33.58
N ASP B 417 -10.86 -40.52 34.57
CA ASP B 417 -11.38 -40.59 35.93
C ASP B 417 -11.60 -39.22 36.51
N PHE B 418 -11.76 -38.24 35.64
CA PHE B 418 -12.15 -36.93 36.11
C PHE B 418 -13.52 -37.10 36.70
N PRO B 419 -13.79 -36.44 37.83
CA PRO B 419 -15.04 -36.68 38.57
C PRO B 419 -16.34 -36.07 37.98
N SER B 420 -17.49 -36.51 38.50
CA SER B 420 -18.78 -36.03 38.03
C SER B 420 -19.58 -35.22 39.06
N ASP B 421 -19.17 -35.21 40.33
CA ASP B 421 -19.91 -34.40 41.31
C ASP B 421 -19.50 -32.93 41.37
N ILE B 422 -20.46 -32.09 41.03
CA ILE B 422 -20.22 -30.67 41.02
C ILE B 422 -19.95 -30.12 42.44
N ASP B 423 -20.43 -30.77 43.51
CA ASP B 423 -20.15 -30.23 44.86
C ASP B 423 -18.67 -30.28 45.14
N ALA B 424 -18.00 -31.12 44.36
CA ALA B 424 -16.58 -31.03 44.11
C ALA B 424 -16.34 -30.32 42.77
N LEU B 425 -16.52 -29.01 42.78
CA LEU B 425 -16.26 -28.12 41.66
C LEU B 425 -15.95 -26.89 42.46
N LEU B 426 -14.71 -26.84 42.93
CA LEU B 426 -14.40 -26.13 44.15
C LEU B 426 -13.30 -25.13 44.03
N GLN B 427 -12.02 -25.53 44.14
CA GLN B 427 -10.95 -24.54 43.97
C GLN B 427 -9.98 -24.57 42.84
N PRO B 428 -10.31 -23.83 41.78
CA PRO B 428 -9.48 -23.65 40.58
C PRO B 428 -8.73 -22.32 40.47
N THR B 429 -7.49 -22.39 40.00
CA THR B 429 -6.91 -21.21 39.37
C THR B 429 -7.25 -21.51 37.92
N TYR B 430 -6.32 -22.22 37.25
CA TYR B 430 -6.42 -22.69 35.86
C TYR B 430 -5.33 -23.60 35.28
N PRO B 431 -4.70 -24.53 36.03
CA PRO B 431 -4.16 -25.54 35.09
C PRO B 431 -5.19 -26.64 34.68
N GLY B 432 -6.24 -26.23 33.98
CA GLY B 432 -7.32 -27.07 33.51
C GLY B 432 -8.64 -26.61 34.08
N GLN B 433 -8.57 -25.42 34.69
CA GLN B 433 -9.68 -24.64 35.26
C GLN B 433 -10.86 -25.54 35.63
N LEU B 434 -10.67 -26.26 36.73
CA LEU B 434 -11.60 -27.29 37.21
C LEU B 434 -11.58 -28.51 36.29
N PRO B 435 -10.76 -29.51 36.64
CA PRO B 435 -10.70 -30.77 35.92
C PRO B 435 -11.91 -31.63 36.19
N ALA B 436 -12.76 -31.26 37.11
CA ALA B 436 -13.99 -32.02 37.26
C ALA B 436 -15.01 -31.46 36.28
N VAL B 437 -14.74 -31.65 35.00
CA VAL B 437 -15.61 -31.13 33.97
C VAL B 437 -15.71 -32.27 32.95
N ARG B 438 -15.75 -33.52 33.40
CA ARG B 438 -15.88 -34.53 32.38
C ARG B 438 -17.38 -34.61 32.13
N ARG B 439 -18.04 -33.49 32.36
CA ARG B 439 -19.38 -33.21 31.87
C ARG B 439 -19.15 -32.48 30.56
N ASP B 440 -20.07 -32.66 29.63
CA ASP B 440 -19.97 -31.86 28.44
C ASP B 440 -20.38 -30.50 28.90
N VAL B 441 -19.45 -29.57 28.92
CA VAL B 441 -19.71 -28.26 29.49
C VAL B 441 -19.32 -27.11 28.60
N HIS B 442 -18.05 -27.11 28.22
CA HIS B 442 -17.48 -26.04 27.45
C HIS B 442 -17.33 -26.51 26.04
N ASN B 443 -17.80 -25.69 25.11
CA ASN B 443 -17.91 -26.12 23.73
C ASN B 443 -17.45 -25.06 22.78
N VAL B 444 -16.42 -25.42 22.00
CA VAL B 444 -15.88 -24.48 21.04
C VAL B 444 -15.93 -25.02 19.62
N VAL B 445 -16.57 -24.26 18.74
CA VAL B 445 -16.75 -24.74 17.36
C VAL B 445 -15.94 -23.86 16.42
N ILE B 446 -14.93 -24.46 15.80
CA ILE B 446 -14.03 -23.67 14.99
C ILE B 446 -14.19 -23.94 13.53
N PRO B 447 -14.85 -23.02 12.84
CA PRO B 447 -14.99 -23.11 11.39
C PRO B 447 -13.62 -23.02 10.79
N ILE B 448 -13.31 -23.90 9.83
CA ILE B 448 -11.97 -24.03 9.29
C ILE B 448 -11.88 -24.11 7.78
N ASP B 449 -10.90 -23.42 7.20
CA ASP B 449 -10.54 -23.75 5.82
C ASP B 449 -9.36 -24.71 5.78
N LEU B 450 -9.64 -25.91 5.31
CA LEU B 450 -8.61 -26.92 5.22
C LEU B 450 -7.69 -26.63 4.05
N THR B 451 -7.87 -25.47 3.44
CA THR B 451 -6.93 -25.05 2.44
C THR B 451 -5.93 -24.11 3.13
N ASN B 452 -6.38 -23.42 4.17
CA ASN B 452 -5.59 -22.42 4.91
C ASN B 452 -4.59 -22.91 6.00
N GLU B 453 -3.36 -22.41 5.99
CA GLU B 453 -2.34 -22.87 6.95
C GLU B 453 -2.61 -22.48 8.38
N ASP B 454 -3.01 -21.23 8.58
CA ASP B 454 -3.25 -20.74 9.91
C ASP B 454 -4.27 -21.61 10.60
N ASP B 455 -5.41 -21.72 9.93
CA ASP B 455 -6.55 -22.46 10.43
C ASP B 455 -6.09 -23.85 10.87
N VAL B 456 -5.48 -24.57 9.94
CA VAL B 456 -5.13 -25.94 10.20
C VAL B 456 -4.05 -25.99 11.27
N TYR B 457 -3.00 -25.20 11.09
CA TYR B 457 -1.88 -25.19 12.03
C TYR B 457 -2.42 -25.01 13.42
N VAL B 459 -4.96 -25.58 14.79
CA VAL B 459 -5.57 -26.77 15.32
C VAL B 459 -4.55 -27.86 15.49
N VAL B 460 -3.77 -28.08 14.45
CA VAL B 460 -2.80 -29.16 14.49
C VAL B 460 -1.75 -28.77 15.48
N GLN B 461 -1.57 -27.46 15.63
CA GLN B 461 -0.58 -27.03 16.57
C GLN B 461 -1.15 -27.07 17.96
N HIS B 462 -1.98 -26.11 18.35
CA HIS B 462 -2.32 -26.08 19.75
C HIS B 462 -3.81 -26.03 20.13
N ILE B 463 -4.72 -26.11 19.18
CA ILE B 463 -6.04 -26.53 19.62
C ILE B 463 -5.95 -27.95 20.18
N GLN B 464 -5.03 -28.73 19.60
CA GLN B 464 -4.83 -30.14 19.95
C GLN B 464 -4.21 -30.33 21.32
N THR B 465 -3.32 -29.42 21.67
CA THR B 465 -2.56 -29.54 22.89
C THR B 465 -3.47 -29.30 24.08
N PHE B 466 -4.38 -28.35 23.94
CA PHE B 466 -5.29 -28.06 25.04
C PHE B 466 -5.92 -29.35 25.42
N ILE B 467 -6.33 -30.06 24.39
CA ILE B 467 -6.83 -31.39 24.58
C ILE B 467 -5.80 -32.20 25.30
N LYS B 468 -4.66 -32.37 24.64
CA LYS B 468 -3.65 -33.28 25.12
C LYS B 468 -3.32 -32.94 26.56
N ARG B 469 -3.19 -31.66 26.87
CA ARG B 469 -2.96 -31.27 28.24
C ARG B 469 -4.27 -31.13 29.01
N LEU B 470 -5.22 -31.99 28.67
CA LEU B 470 -6.42 -32.21 29.47
C LEU B 470 -7.22 -30.98 29.84
N ILE B 471 -7.34 -30.04 28.91
CA ILE B 471 -8.23 -28.92 29.15
C ILE B 471 -9.63 -29.40 28.90
N PRO B 472 -10.53 -29.25 29.89
CA PRO B 472 -11.94 -29.67 29.85
C PRO B 472 -12.85 -28.79 29.00
N VAL B 473 -12.41 -28.55 27.77
CA VAL B 473 -13.15 -27.79 26.78
C VAL B 473 -13.41 -28.64 25.55
N ARG B 474 -14.58 -28.50 24.94
CA ARG B 474 -14.90 -29.29 23.76
C ARG B 474 -14.62 -28.46 22.53
N PHE B 475 -13.95 -29.07 21.57
CA PHE B 475 -13.59 -28.38 20.36
C PHE B 475 -14.26 -29.07 19.19
N GLY B 476 -14.63 -28.32 18.17
CA GLY B 476 -15.24 -28.94 17.03
C GLY B 476 -14.87 -28.19 15.79
N LEU B 477 -15.04 -28.84 14.66
CA LEU B 477 -14.67 -28.26 13.39
C LEU B 477 -15.74 -28.32 12.33
N VAL B 478 -15.88 -27.24 11.59
CA VAL B 478 -16.54 -27.35 10.29
C VAL B 478 -15.55 -26.97 9.21
N PRO B 479 -15.44 -27.84 8.22
CA PRO B 479 -14.59 -27.47 7.09
C PRO B 479 -15.43 -26.55 6.22
N LEU B 480 -14.96 -25.33 6.02
CA LEU B 480 -15.63 -24.42 5.10
C LEU B 480 -15.58 -24.90 3.66
N VAL B 481 -16.74 -24.76 3.01
CA VAL B 481 -16.91 -25.24 1.66
C VAL B 481 -17.10 -24.05 0.74
N HIS B 482 -16.16 -23.14 0.80
CA HIS B 482 -16.34 -21.84 0.23
C HIS B 482 -15.44 -21.72 -0.98
N SER B 483 -14.87 -22.85 -1.39
CA SER B 483 -14.15 -22.95 -2.65
C SER B 483 -14.01 -24.42 -3.04
N GLU B 484 -13.98 -24.71 -4.33
CA GLU B 484 -13.91 -26.09 -4.83
C GLU B 484 -12.86 -26.97 -4.13
N PRO B 485 -11.62 -26.47 -3.90
CA PRO B 485 -10.71 -27.33 -3.15
C PRO B 485 -11.06 -27.51 -1.66
N ALA B 486 -11.42 -26.44 -0.98
CA ALA B 486 -11.70 -26.53 0.46
C ALA B 486 -12.84 -27.50 0.76
N LYS B 487 -13.80 -27.58 -0.17
CA LYS B 487 -14.88 -28.56 -0.09
C LYS B 487 -14.20 -29.87 -0.31
N SER B 488 -13.59 -29.96 -1.47
CA SER B 488 -12.79 -31.11 -1.83
C SER B 488 -11.93 -31.46 -0.62
N GLN B 489 -11.34 -30.45 -0.01
CA GLN B 489 -10.54 -30.63 1.18
C GLN B 489 -11.43 -31.14 2.32
N ALA B 490 -12.64 -30.62 2.39
CA ALA B 490 -13.56 -31.00 3.43
C ALA B 490 -13.92 -32.47 3.35
N LYS B 491 -14.21 -32.95 2.13
CA LYS B 491 -14.63 -34.35 1.94
C LYS B 491 -13.66 -35.39 2.56
N ILE B 492 -12.40 -35.30 2.14
CA ILE B 492 -11.34 -36.12 2.73
C ILE B 492 -11.45 -36.18 4.23
N ALA B 493 -11.59 -35.01 4.83
CA ALA B 493 -11.66 -34.87 6.27
C ALA B 493 -12.72 -35.79 6.86
N ARG B 494 -13.97 -35.62 6.47
CA ARG B 494 -15.01 -36.51 6.91
C ARG B 494 -14.75 -37.98 6.49
N TYR B 495 -14.41 -38.19 5.23
CA TYR B 495 -14.12 -39.53 4.80
C TYR B 495 -13.10 -40.19 5.72
N LEU B 496 -12.22 -39.37 6.27
CA LEU B 496 -11.18 -39.83 7.17
C LEU B 496 -11.75 -40.04 8.57
N GLN B 497 -12.39 -39.01 9.11
CA GLN B 497 -13.14 -39.13 10.36
C GLN B 497 -14.50 -39.69 10.06
N THR B 499 -14.39 -43.39 8.64
CA THR B 499 -14.03 -44.71 8.16
C THR B 499 -12.63 -45.12 8.57
N HIS B 500 -11.65 -44.21 8.58
CA HIS B 500 -10.28 -44.70 8.73
C HIS B 500 -9.63 -44.32 10.03
N GLY B 501 -10.43 -44.35 11.07
CA GLY B 501 -9.92 -43.95 12.36
C GLY B 501 -10.09 -42.47 12.55
N LEU B 502 -10.17 -42.10 13.81
CA LEU B 502 -10.48 -40.76 14.22
C LEU B 502 -9.19 -39.93 14.26
N ALA B 503 -8.06 -40.59 14.03
CA ALA B 503 -6.76 -39.92 14.11
C ALA B 503 -6.09 -39.71 12.76
N ALA B 504 -6.45 -40.54 11.79
CA ALA B 504 -5.87 -40.47 10.46
C ALA B 504 -6.12 -39.12 9.85
N LYS B 507 -3.53 -36.57 10.97
CA LYS B 507 -2.20 -36.86 10.48
C LYS B 507 -2.17 -36.82 8.97
N TYR B 508 -3.32 -36.64 8.36
CA TYR B 508 -3.34 -36.36 6.95
C TYR B 508 -3.13 -34.89 6.84
N PHE B 509 -3.98 -34.12 7.50
CA PHE B 509 -3.88 -32.67 7.41
C PHE B 509 -2.56 -32.14 7.93
N GLN B 510 -1.87 -32.90 8.76
CA GLN B 510 -0.55 -32.46 9.19
C GLN B 510 0.46 -32.50 8.08
N ARG B 511 0.60 -33.63 7.45
CA ARG B 511 1.78 -33.72 6.62
C ARG B 511 1.55 -32.79 5.42
N ALA B 512 0.28 -32.49 5.17
CA ALA B 512 -0.09 -31.59 4.09
C ALA B 512 0.37 -30.22 4.52
N LEU B 513 0.20 -29.94 5.80
CA LEU B 513 0.84 -28.78 6.38
C LEU B 513 2.29 -28.91 6.03
N GLU B 514 2.86 -30.06 6.35
CA GLU B 514 4.31 -30.16 6.41
C GLU B 514 4.94 -30.41 5.05
N LYS B 515 5.05 -31.68 4.63
CA LYS B 515 5.93 -31.93 3.49
C LYS B 515 5.30 -31.53 2.17
N ASP B 516 3.98 -31.65 2.09
CA ASP B 516 3.24 -31.03 1.00
C ASP B 516 2.49 -29.76 1.41
N LYS B 517 1.36 -29.57 0.72
CA LYS B 517 0.42 -28.48 0.96
C LYS B 517 -1.08 -28.80 1.03
N LEU B 518 -1.72 -28.11 1.97
CA LEU B 518 -3.18 -28.03 2.12
C LEU B 518 -3.92 -27.44 0.94
N ALA B 519 -3.24 -27.13 -0.15
CA ALA B 519 -3.77 -26.19 -1.11
C ALA B 519 -4.87 -26.86 -1.92
N ARG B 520 -4.57 -28.07 -2.36
CA ARG B 520 -5.60 -28.98 -2.86
C ARG B 520 -5.35 -30.32 -2.19
N PRO B 521 -6.38 -31.16 -2.16
CA PRO B 521 -6.28 -32.50 -1.58
C PRO B 521 -5.50 -33.47 -2.48
N ASP B 522 -4.32 -33.89 -2.07
CA ASP B 522 -3.58 -34.81 -2.94
C ASP B 522 -3.86 -36.29 -2.68
N GLN B 523 -3.96 -37.05 -3.77
CA GLN B 523 -4.18 -38.47 -3.68
C GLN B 523 -2.98 -39.14 -3.08
N ALA B 524 -1.82 -38.54 -3.31
CA ALA B 524 -0.60 -39.12 -2.82
C ALA B 524 -0.73 -39.34 -1.33
N LEU B 525 -1.14 -38.28 -0.63
CA LEU B 525 -1.30 -38.33 0.81
C LEU B 525 -2.55 -39.07 1.23
N PHE B 526 -3.62 -38.81 0.48
CA PHE B 526 -4.90 -39.46 0.67
C PHE B 526 -4.60 -40.92 0.93
N ASP B 527 -4.04 -41.56 -0.10
CA ASP B 527 -3.71 -42.99 -0.01
C ASP B 527 -2.58 -43.22 0.94
N GLU B 528 -1.75 -42.20 1.11
CA GLU B 528 -0.66 -42.36 2.04
C GLU B 528 -1.18 -42.46 3.43
N THR B 529 -2.19 -41.65 3.75
CA THR B 529 -2.67 -41.70 5.10
C THR B 529 -3.81 -42.67 5.20
N ILE B 530 -4.44 -42.99 4.09
CA ILE B 530 -5.45 -44.04 4.15
C ILE B 530 -4.73 -45.33 4.41
N ALA B 531 -3.67 -45.53 3.65
CA ALA B 531 -2.83 -46.66 3.87
C ALA B 531 -2.23 -46.50 5.26
N SER B 532 -2.10 -45.25 5.73
CA SER B 532 -1.49 -45.01 7.04
C SER B 532 -2.42 -45.44 8.14
N ALA B 533 -3.71 -45.60 7.87
CA ALA B 533 -4.56 -46.11 8.93
C ALA B 533 -4.15 -47.56 9.20
N ARG B 534 -3.08 -47.99 8.53
CA ARG B 534 -2.23 -49.12 8.92
C ARG B 534 -1.91 -48.99 10.41
N VAL B 535 -1.72 -47.76 10.88
CA VAL B 535 -1.38 -47.52 12.28
C VAL B 535 -2.72 -47.64 12.99
N LEU B 536 -3.74 -47.18 12.29
CA LEU B 536 -5.09 -46.99 12.81
C LEU B 536 -6.19 -48.07 12.78
N ARG B 537 -7.36 -47.61 12.33
CA ARG B 537 -8.56 -48.41 12.23
C ARG B 537 -9.34 -48.11 11.02
N GLY B 538 -10.09 -49.09 10.51
CA GLY B 538 -10.99 -48.77 9.43
C GLY B 538 -11.95 -49.82 8.95
N LYS B 539 -13.23 -49.76 9.34
CA LYS B 539 -14.17 -50.68 8.69
C LYS B 539 -15.25 -49.91 7.87
N ALA B 540 -15.82 -50.64 6.89
CA ALA B 540 -16.54 -50.13 5.69
C ALA B 540 -15.68 -49.55 4.56
N GLN B 541 -14.90 -50.41 3.90
CA GLN B 541 -13.94 -50.07 2.82
C GLN B 541 -14.34 -48.94 1.84
N SER B 542 -13.42 -48.04 1.46
CA SER B 542 -13.69 -47.16 0.29
C SER B 542 -12.58 -46.65 -0.69
N PHE B 543 -11.47 -46.12 -0.18
CA PHE B 543 -10.39 -45.53 -1.04
C PHE B 543 -10.90 -44.52 -2.08
N GLU B 544 -10.10 -44.39 -3.15
CA GLU B 544 -10.47 -43.78 -4.45
C GLU B 544 -11.02 -42.34 -4.41
N GLU B 545 -11.95 -42.04 -5.30
CA GLU B 545 -12.58 -40.75 -5.24
C GLU B 545 -13.82 -40.74 -4.39
N ALA B 546 -13.68 -40.13 -3.21
CA ALA B 546 -14.85 -39.82 -2.44
C ALA B 546 -15.37 -38.54 -3.03
N LEU B 547 -15.63 -38.54 -4.33
CA LEU B 547 -16.34 -37.44 -4.92
C LEU B 547 -17.78 -37.97 -4.98
N SER B 548 -18.08 -38.76 -3.95
CA SER B 548 -19.31 -39.50 -3.83
C SER B 548 -20.46 -38.62 -3.39
N SER B 549 -21.67 -39.03 -3.74
CA SER B 549 -22.88 -38.35 -3.33
C SER B 549 -23.27 -38.69 -1.91
N THR B 550 -22.79 -39.83 -1.44
CA THR B 550 -23.19 -40.30 -0.13
C THR B 550 -22.57 -39.39 0.93
N THR B 551 -21.90 -38.33 0.49
CA THR B 551 -21.40 -37.31 1.41
C THR B 551 -21.83 -35.93 0.98
N LEU B 552 -21.62 -35.65 -0.31
CA LEU B 552 -21.73 -34.29 -0.81
C LEU B 552 -23.08 -33.75 -0.40
N GLU B 553 -24.06 -34.63 -0.25
CA GLU B 553 -25.35 -34.16 0.20
C GLU B 553 -25.54 -34.52 1.64
N GLU B 554 -25.00 -35.64 2.07
CA GLU B 554 -25.32 -36.14 3.39
C GLU B 554 -24.37 -35.53 4.41
N VAL B 555 -23.29 -34.91 3.95
CA VAL B 555 -22.57 -34.06 4.88
C VAL B 555 -22.24 -32.74 4.27
N ASP B 557 -23.53 -30.71 1.58
CA ASP B 557 -24.55 -29.68 1.44
C ASP B 557 -25.19 -29.47 2.79
N LYS B 558 -25.06 -30.50 3.62
CA LYS B 558 -25.61 -30.50 4.94
C LYS B 558 -24.82 -29.56 5.86
N THR B 559 -23.49 -29.58 5.78
CA THR B 559 -22.72 -28.61 6.56
C THR B 559 -23.05 -27.20 6.06
N GLY B 560 -23.17 -27.09 4.74
CA GLY B 560 -23.60 -25.88 4.07
C GLY B 560 -24.76 -25.25 4.79
N ARG B 561 -25.74 -26.06 5.18
CA ARG B 561 -26.88 -25.51 5.89
C ARG B 561 -26.51 -25.03 7.27
N TYR B 562 -25.56 -25.70 7.91
CA TYR B 562 -25.08 -25.21 9.19
C TYR B 562 -24.35 -23.89 9.06
N ILE B 563 -23.52 -23.78 8.03
CA ILE B 563 -22.81 -22.53 7.81
C ILE B 563 -23.80 -21.41 7.64
N LYS B 564 -24.67 -21.56 6.64
CA LYS B 564 -25.50 -20.44 6.25
C LYS B 564 -26.52 -20.06 7.30
N ARG B 565 -26.94 -21.02 8.12
CA ARG B 565 -27.74 -20.63 9.25
C ARG B 565 -26.96 -19.65 10.10
N LEU B 566 -25.74 -20.04 10.44
CA LEU B 566 -24.88 -19.26 11.35
C LEU B 566 -23.80 -18.32 10.80
N ASP B 567 -24.07 -17.72 9.64
CA ASP B 567 -23.34 -16.57 9.05
C ASP B 567 -21.89 -16.71 8.66
N LEU B 568 -21.48 -17.86 8.15
CA LEU B 568 -20.06 -18.12 8.10
C LEU B 568 -19.33 -18.06 6.75
N GLY B 569 -19.93 -17.49 5.70
CA GLY B 569 -19.22 -17.48 4.43
C GLY B 569 -18.20 -16.34 4.45
N GLY B 570 -17.47 -16.14 3.35
CA GLY B 570 -16.63 -14.96 3.18
C GLY B 570 -15.54 -14.70 4.22
N ARG B 571 -14.98 -13.47 4.20
CA ARG B 571 -14.09 -12.96 5.24
C ARG B 571 -13.12 -13.99 5.87
N SER B 572 -12.87 -13.85 7.17
CA SER B 572 -12.24 -14.88 7.96
C SER B 572 -13.25 -15.03 9.09
N PRO B 573 -14.01 -16.14 9.11
CA PRO B 573 -15.11 -16.31 10.07
C PRO B 573 -14.72 -16.76 11.48
N PRO B 574 -15.49 -16.30 12.51
CA PRO B 574 -15.22 -16.37 13.94
C PRO B 574 -15.09 -17.76 14.53
N VAL B 575 -15.13 -17.81 15.85
CA VAL B 575 -15.17 -19.08 16.51
C VAL B 575 -16.35 -19.07 17.43
N LEU B 576 -17.08 -20.16 17.49
CA LEU B 576 -18.15 -20.22 18.46
C LEU B 576 -17.69 -20.79 19.78
N ALA B 577 -17.57 -19.89 20.73
CA ALA B 577 -17.18 -20.29 22.06
C ALA B 577 -18.40 -20.30 22.95
N ASN B 578 -18.86 -21.52 23.28
CA ASN B 578 -20.11 -21.67 24.01
C ASN B 578 -21.17 -20.74 23.48
N GLY B 579 -21.24 -20.62 22.15
CA GLY B 579 -22.24 -19.79 21.48
C GLY B 579 -21.94 -18.32 21.18
N VAL B 580 -20.99 -17.71 21.87
CA VAL B 580 -20.72 -16.29 21.60
C VAL B 580 -19.61 -16.12 20.57
N LEU B 581 -19.75 -15.07 19.75
CA LEU B 581 -18.87 -14.81 18.63
C LEU B 581 -17.52 -14.24 19.05
N LEU B 582 -16.44 -14.85 18.58
CA LEU B 582 -15.10 -14.33 18.90
C LEU B 582 -14.20 -14.07 17.67
N GLY B 583 -13.53 -12.92 17.67
CA GLY B 583 -12.66 -12.52 16.57
C GLY B 583 -11.31 -13.24 16.46
N ARG B 584 -10.98 -13.65 15.25
CA ARG B 584 -9.69 -14.30 15.04
C ARG B 584 -8.62 -13.47 14.38
N GLY B 585 -9.01 -12.40 13.68
CA GLY B 585 -8.13 -11.61 12.83
C GLY B 585 -6.92 -11.24 13.64
N ASP B 586 -7.26 -10.93 14.88
CA ASP B 586 -6.35 -10.75 15.96
C ASP B 586 -5.67 -12.12 16.15
N ASN B 587 -5.79 -12.69 17.34
CA ASN B 587 -5.74 -14.13 17.48
C ASN B 587 -6.97 -14.32 18.35
N PHE B 588 -7.30 -15.54 18.71
CA PHE B 588 -8.60 -15.76 19.33
C PHE B 588 -8.39 -16.36 20.70
N LEU B 589 -7.16 -16.77 20.99
CA LEU B 589 -6.87 -17.50 22.23
C LEU B 589 -7.12 -16.62 23.44
N GLN B 590 -6.88 -15.34 23.20
CA GLN B 590 -7.21 -14.25 24.10
C GLN B 590 -8.55 -14.35 24.81
N GLU B 591 -9.59 -14.07 24.04
CA GLU B 591 -10.97 -14.11 24.51
C GLU B 591 -11.39 -15.50 24.91
N LEU B 592 -10.75 -16.51 24.32
CA LEU B 592 -11.05 -17.88 24.70
C LEU B 592 -10.83 -17.99 26.19
N SER B 593 -9.59 -17.76 26.58
CA SER B 593 -9.21 -17.98 27.97
C SER B 593 -10.16 -17.20 28.87
N ARG B 595 -13.42 -16.12 27.94
CA ARG B 595 -14.80 -16.52 27.82
C ARG B 595 -14.97 -17.86 28.48
N VAL B 596 -13.84 -18.57 28.66
CA VAL B 596 -13.83 -19.76 29.48
C VAL B 596 -14.01 -19.43 30.97
N ALA B 597 -13.09 -18.62 31.49
CA ALA B 597 -13.01 -18.40 32.93
C ALA B 597 -14.21 -17.66 33.49
N ILE B 598 -14.81 -16.81 32.65
CA ILE B 598 -16.08 -16.20 33.04
C ILE B 598 -17.10 -17.30 33.19
N ASP B 599 -17.36 -17.95 32.06
CA ASP B 599 -18.35 -19.01 31.98
C ASP B 599 -18.01 -20.07 33.02
N LEU B 600 -16.72 -20.19 33.33
CA LEU B 600 -16.32 -21.04 34.42
C LEU B 600 -17.12 -20.65 35.63
N GLN B 601 -17.00 -19.37 35.99
CA GLN B 601 -17.67 -18.88 37.17
C GLN B 601 -19.17 -18.68 36.98
N LEU B 602 -19.59 -18.24 35.80
CA LEU B 602 -21.04 -18.07 35.56
C LEU B 602 -21.94 -19.30 35.80
N ILE B 603 -21.44 -20.51 35.58
CA ILE B 603 -22.20 -21.71 35.91
C ILE B 603 -21.74 -22.28 37.24
N GLN B 604 -20.55 -21.89 37.70
CA GLN B 604 -20.18 -22.17 39.08
C GLN B 604 -21.38 -21.74 39.93
N GLN B 605 -22.13 -20.75 39.41
CA GLN B 605 -23.39 -20.29 39.96
C GLN B 605 -24.40 -21.39 40.11
N SER B 606 -24.32 -22.40 39.24
CA SER B 606 -25.41 -23.34 39.09
C SER B 606 -25.86 -23.89 40.40
N ILE B 607 -25.07 -24.78 40.98
CA ILE B 607 -25.55 -25.50 42.14
C ILE B 607 -25.81 -24.52 43.26
N VAL B 608 -24.94 -23.51 43.35
CA VAL B 608 -25.11 -22.43 44.29
C VAL B 608 -26.55 -21.97 44.34
N GLN B 609 -27.13 -21.85 43.16
CA GLN B 609 -28.39 -21.18 43.04
C GLN B 609 -29.48 -22.10 42.53
N ASP B 610 -30.58 -21.48 42.17
CA ASP B 610 -31.65 -22.19 41.52
C ASP B 610 -31.03 -22.91 40.36
N ALA B 611 -30.70 -24.16 40.62
CA ALA B 611 -30.23 -25.01 39.56
C ALA B 611 -31.12 -26.19 39.78
N VAL B 612 -31.00 -27.18 38.92
CA VAL B 612 -31.66 -28.45 39.14
C VAL B 612 -30.55 -29.46 38.79
N GLU B 613 -30.82 -30.75 38.99
CA GLU B 613 -29.86 -31.64 39.65
C GLU B 613 -28.62 -32.04 38.86
N GLU B 614 -28.06 -33.17 39.30
CA GLU B 614 -26.81 -33.68 38.78
C GLU B 614 -27.03 -34.14 37.34
N ASP B 615 -28.29 -34.25 36.98
CA ASP B 615 -28.66 -34.74 35.67
C ASP B 615 -28.95 -33.59 34.74
N THR B 616 -28.35 -32.43 35.02
CA THR B 616 -28.58 -31.30 34.16
C THR B 616 -27.36 -31.15 33.29
N TRP B 617 -27.61 -31.10 31.99
CA TRP B 617 -26.55 -30.91 31.03
C TRP B 617 -26.28 -29.42 31.03
N LEU B 618 -25.19 -28.98 31.67
CA LEU B 618 -25.11 -27.55 31.95
C LEU B 618 -25.14 -26.66 30.72
N PRO B 619 -24.48 -27.07 29.62
CA PRO B 619 -24.50 -26.16 28.47
C PRO B 619 -25.91 -25.76 28.10
N SER B 620 -26.88 -26.52 28.58
CA SER B 620 -28.26 -26.06 28.55
C SER B 620 -28.29 -24.64 29.04
N TYR B 621 -27.64 -24.41 30.18
CA TYR B 621 -27.58 -23.05 30.69
C TYR B 621 -26.88 -22.16 29.67
N PHE B 622 -25.72 -22.58 29.14
CA PHE B 622 -25.10 -21.78 28.09
C PHE B 622 -26.03 -21.57 26.91
N LEU B 623 -26.63 -22.69 26.50
CA LEU B 623 -27.22 -22.82 25.18
C LEU B 623 -28.70 -22.55 25.02
N SER B 624 -29.49 -23.47 25.56
CA SER B 624 -30.91 -23.53 25.24
C SER B 624 -31.75 -22.44 25.90
N GLN B 625 -31.10 -21.52 26.62
CA GLN B 625 -31.84 -20.49 27.31
C GLN B 625 -32.52 -19.58 26.31
N ALA B 626 -31.71 -18.97 25.44
CA ALA B 626 -32.21 -18.14 24.36
C ALA B 626 -31.11 -17.68 23.42
N ALA B 627 -30.32 -18.61 22.88
CA ALA B 627 -29.29 -18.24 21.93
C ALA B 627 -29.83 -18.39 20.52
N LEU B 628 -30.03 -17.30 19.81
CA LEU B 628 -30.80 -17.46 18.57
C LEU B 628 -29.96 -17.99 17.44
N THR B 629 -30.58 -18.12 16.26
CA THR B 629 -30.08 -19.09 15.33
C THR B 629 -29.81 -18.47 13.97
N ARG B 630 -29.24 -17.25 13.92
CA ARG B 630 -28.91 -16.63 12.62
C ARG B 630 -27.64 -15.72 12.52
N ASN B 631 -27.86 -14.49 12.02
CA ASN B 631 -26.82 -13.56 11.51
C ASN B 631 -26.14 -12.53 12.44
N GLU B 632 -24.94 -12.10 12.02
CA GLU B 632 -24.18 -10.98 12.60
C GLU B 632 -24.31 -9.90 11.54
N LEU B 633 -25.26 -10.14 10.66
CA LEU B 633 -25.47 -9.32 9.52
C LEU B 633 -26.68 -8.47 9.79
N ILE B 634 -27.77 -9.17 10.08
CA ILE B 634 -29.02 -8.55 10.46
C ILE B 634 -28.81 -7.82 11.77
N PRO B 636 -25.60 -7.13 13.78
CA PRO B 636 -24.15 -7.11 14.00
C PRO B 636 -23.82 -6.42 15.30
N GLN B 637 -24.58 -6.83 16.31
CA GLN B 637 -24.64 -6.08 17.53
C GLN B 637 -23.41 -6.33 18.42
N ASP B 638 -22.43 -7.08 17.91
CA ASP B 638 -21.15 -7.17 18.62
C ASP B 638 -20.33 -5.86 18.46
N PRO B 639 -19.40 -5.71 17.48
CA PRO B 639 -19.29 -4.24 17.46
C PRO B 639 -20.47 -3.59 16.73
N SER B 640 -21.36 -3.09 17.57
CA SER B 640 -22.60 -2.46 17.13
C SER B 640 -22.58 -1.00 16.64
N LYS B 641 -21.69 -0.64 15.71
CA LYS B 641 -21.98 0.56 14.92
C LYS B 641 -22.89 0.10 13.79
N ILE B 642 -24.16 0.47 13.87
CA ILE B 642 -25.12 0.06 12.85
C ILE B 642 -25.30 1.18 11.85
N ARG B 643 -25.66 0.86 10.61
CA ARG B 643 -25.95 1.96 9.72
C ARG B 643 -27.36 2.41 9.97
N ILE B 644 -27.46 3.53 10.69
CA ILE B 644 -28.71 4.23 10.89
C ILE B 644 -28.48 5.59 10.24
N VAL B 645 -29.42 6.02 9.40
CA VAL B 645 -29.20 7.20 8.56
C VAL B 645 -30.52 7.98 8.37
N ASN B 646 -30.49 9.30 8.23
CA ASN B 646 -31.67 9.96 7.70
C ASN B 646 -31.38 11.29 7.00
N LEU B 647 -32.30 12.25 7.19
CA LEU B 647 -32.28 13.59 6.64
C LEU B 647 -30.94 14.20 6.31
N VAL B 648 -30.45 13.66 5.21
CA VAL B 648 -29.43 14.22 4.38
C VAL B 648 -30.11 13.67 3.12
N GLN B 649 -31.41 13.46 3.30
CA GLN B 649 -32.30 13.24 2.19
C GLN B 649 -32.79 14.61 1.88
N VAL B 650 -32.68 15.46 2.87
CA VAL B 650 -32.93 16.87 2.64
C VAL B 650 -31.67 17.59 2.16
N ALA B 651 -30.71 16.85 1.59
CA ALA B 651 -29.52 17.43 0.87
C ALA B 651 -29.80 17.81 -0.60
N GLU B 652 -29.03 17.22 -1.53
CA GLU B 652 -29.31 17.33 -2.97
C GLU B 652 -29.88 15.98 -3.43
N SER B 653 -30.44 15.28 -2.47
CA SER B 653 -30.85 13.90 -2.60
C SER B 653 -32.27 13.68 -3.14
N HIS B 654 -33.16 14.53 -2.69
CA HIS B 654 -34.59 14.30 -2.73
C HIS B 654 -35.29 14.61 -4.06
N ASP B 655 -36.27 13.77 -4.35
CA ASP B 655 -37.18 13.97 -5.45
C ASP B 655 -38.49 13.41 -4.97
N LEU B 656 -39.54 14.23 -4.98
CA LEU B 656 -40.84 13.67 -4.64
C LEU B 656 -41.48 12.91 -5.79
N THR B 657 -42.14 11.81 -5.42
CA THR B 657 -43.13 11.14 -6.24
C THR B 657 -44.06 10.35 -5.32
N GLY B 668 -48.88 0.14 12.62
CA GLY B 668 -50.30 -0.03 12.90
C GLY B 668 -51.08 1.25 12.64
N THR B 669 -50.82 2.27 13.45
CA THR B 669 -51.45 3.55 13.25
C THR B 669 -50.55 4.31 12.29
N ASN B 670 -49.25 4.21 12.52
CA ASN B 670 -48.25 4.82 11.66
C ASN B 670 -47.82 3.91 10.52
N SER B 671 -47.48 2.66 10.88
CA SER B 671 -47.21 1.58 9.92
C SER B 671 -45.82 1.72 9.31
N LEU B 672 -45.14 0.60 9.14
CA LEU B 672 -43.74 0.62 8.72
C LEU B 672 -43.43 0.83 7.24
N LEU B 673 -42.16 1.14 7.02
CA LEU B 673 -41.68 1.53 5.72
C LEU B 673 -40.43 0.78 5.42
N ALA B 675 -37.79 -0.37 2.01
CA ALA B 675 -37.41 -0.39 0.60
C ALA B 675 -36.37 -1.44 0.38
N VAL B 676 -36.56 -2.22 -0.68
CA VAL B 676 -35.57 -3.21 -1.03
C VAL B 676 -34.97 -2.88 -2.36
N VAL B 677 -33.72 -2.45 -2.31
CA VAL B 677 -33.09 -2.08 -3.54
C VAL B 677 -32.17 -3.18 -4.02
N GLY B 678 -32.19 -3.35 -5.34
CA GLY B 678 -31.37 -4.34 -5.99
C GLY B 678 -31.27 -3.99 -7.46
N ASP B 679 -30.82 -4.97 -8.24
CA ASP B 679 -30.97 -4.95 -9.67
C ASP B 679 -31.70 -6.20 -10.07
N PHE B 680 -33.00 -6.23 -9.80
CA PHE B 680 -33.80 -7.40 -10.09
C PHE B 680 -33.78 -7.89 -11.55
N ASP B 681 -32.74 -7.52 -12.28
CA ASP B 681 -32.39 -8.18 -13.51
C ASP B 681 -31.49 -9.31 -13.12
N SER B 682 -31.19 -9.37 -11.83
CA SER B 682 -30.15 -10.26 -11.38
C SER B 682 -30.53 -11.71 -11.49
N GLU B 683 -29.49 -12.53 -11.49
CA GLU B 683 -29.59 -13.95 -11.21
C GLU B 683 -30.43 -14.07 -9.94
N ALA B 684 -30.00 -13.35 -8.91
CA ALA B 684 -30.68 -13.26 -7.63
C ALA B 684 -31.60 -12.05 -7.61
N GLY B 685 -31.15 -10.95 -7.00
CA GLY B 685 -31.92 -9.72 -6.97
C GLY B 685 -33.32 -9.94 -6.43
N LEU B 686 -34.09 -10.76 -7.14
CA LEU B 686 -35.47 -11.03 -6.82
C LEU B 686 -35.67 -11.90 -5.61
N ASN B 687 -34.73 -12.77 -5.33
CA ASN B 687 -34.88 -13.58 -4.15
C ASN B 687 -34.84 -12.65 -2.99
N LEU B 688 -34.15 -11.53 -3.18
CA LEU B 688 -34.28 -10.44 -2.25
C LEU B 688 -35.65 -9.80 -2.40
N LEU B 689 -36.05 -9.52 -3.63
CA LEU B 689 -37.32 -8.86 -3.85
C LEU B 689 -38.50 -9.73 -3.44
N ILE B 690 -38.50 -10.99 -3.88
CA ILE B 690 -39.55 -11.93 -3.50
C ILE B 690 -39.51 -12.19 -1.99
N SER B 691 -38.32 -12.25 -1.39
CA SER B 691 -38.23 -12.47 0.04
C SER B 691 -38.96 -11.33 0.72
N ALA B 692 -38.80 -10.15 0.15
CA ALA B 692 -39.45 -8.93 0.63
C ALA B 692 -40.97 -9.01 0.48
N LEU B 693 -41.44 -9.64 -0.59
CA LEU B 693 -42.86 -9.61 -0.87
C LEU B 693 -43.66 -10.56 0.01
N LYS B 694 -43.18 -11.79 0.18
CA LYS B 694 -43.81 -12.73 1.09
C LYS B 694 -43.85 -12.10 2.46
N PHE B 695 -42.92 -11.19 2.68
CA PHE B 695 -42.87 -10.44 3.90
C PHE B 695 -44.02 -9.41 4.02
N ARG B 696 -44.36 -8.67 2.96
CA ARG B 696 -45.52 -7.75 3.01
C ARG B 696 -46.78 -8.60 3.15
N LEU B 697 -46.68 -9.85 2.70
CA LEU B 697 -47.76 -10.79 2.87
C LEU B 697 -47.82 -11.09 4.35
N ALA B 698 -46.66 -11.46 4.90
CA ALA B 698 -46.55 -11.74 6.32
C ALA B 698 -46.89 -10.49 7.10
N HIS B 699 -46.49 -9.35 6.57
CA HIS B 699 -46.77 -8.10 7.27
C HIS B 699 -47.18 -6.96 6.32
N PRO B 700 -48.49 -6.79 6.10
CA PRO B 700 -49.09 -5.80 5.21
C PRO B 700 -49.34 -4.42 5.87
N GLU B 701 -49.03 -4.29 7.15
CA GLU B 701 -48.98 -2.96 7.77
C GLU B 701 -47.95 -2.12 7.03
N ILE B 702 -46.77 -2.71 6.86
CA ILE B 702 -45.60 -2.08 6.25
C ILE B 702 -45.79 -1.58 4.84
N GLU B 703 -45.40 -0.33 4.56
CA GLU B 703 -45.58 0.15 3.20
C GLU B 703 -44.33 0.03 2.32
N VAL B 704 -44.48 -0.56 1.13
CA VAL B 704 -43.38 -0.66 0.18
C VAL B 704 -43.75 -0.23 -1.27
N VAL B 705 -42.88 0.60 -1.86
CA VAL B 705 -42.85 0.91 -3.29
C VAL B 705 -41.32 0.85 -3.58
N PRO B 706 -40.78 -0.33 -3.94
CA PRO B 706 -39.36 -0.72 -4.09
C PRO B 706 -38.53 0.05 -5.10
N LEU B 707 -37.27 -0.39 -5.25
CA LEU B 707 -36.31 0.30 -6.12
C LEU B 707 -35.34 -0.59 -6.87
N HIS B 708 -34.86 -0.08 -8.01
CA HIS B 708 -34.08 -0.88 -8.94
C HIS B 708 -32.80 -0.15 -9.22
N THR B 709 -31.82 -0.87 -9.77
CA THR B 709 -30.50 -0.31 -9.96
C THR B 709 -29.82 -0.89 -11.18
N SER B 710 -29.61 -0.13 -12.25
CA SER B 710 -28.85 -0.64 -13.40
C SER B 710 -27.71 0.28 -13.85
N ASP B 711 -26.61 -0.30 -14.30
CA ASP B 711 -25.55 0.46 -14.98
C ASP B 711 -24.90 -0.40 -16.05
N THR B 716 -31.59 -4.17 -21.24
CA THR B 716 -32.34 -5.27 -21.89
C THR B 716 -33.79 -5.43 -21.38
N HIS B 717 -34.58 -6.23 -22.14
CA HIS B 717 -36.02 -6.53 -21.93
C HIS B 717 -36.65 -7.66 -21.07
N VAL B 718 -36.29 -7.91 -19.80
CA VAL B 718 -37.27 -8.20 -18.71
C VAL B 718 -36.80 -7.59 -17.39
N SER B 719 -36.41 -6.33 -17.42
CA SER B 719 -36.36 -5.63 -16.17
C SER B 719 -37.75 -5.08 -15.98
N SER B 720 -38.27 -4.60 -17.11
CA SER B 720 -39.34 -3.63 -17.20
C SER B 720 -40.71 -4.26 -17.39
N GLN B 721 -40.82 -5.57 -17.14
CA GLN B 721 -42.14 -6.20 -17.10
C GLN B 721 -42.88 -5.79 -15.85
N LEU B 722 -42.15 -5.14 -14.95
CA LEU B 722 -42.78 -4.52 -13.81
C LEU B 722 -42.76 -3.01 -13.83
N TYR B 723 -41.91 -2.40 -14.62
CA TYR B 723 -41.56 -1.04 -14.22
C TYR B 723 -42.65 -0.02 -14.52
N GLN B 724 -43.71 -0.49 -15.15
CA GLN B 724 -44.99 0.16 -14.92
C GLN B 724 -45.74 -0.85 -14.08
N LEU B 725 -45.30 -0.90 -12.83
CA LEU B 725 -45.81 -1.76 -11.77
C LEU B 725 -47.27 -1.76 -11.65
N LEU B 726 -47.72 -0.71 -11.01
CA LEU B 726 -49.08 -0.34 -10.88
C LEU B 726 -49.02 1.18 -10.99
N ARG B 727 -48.93 1.67 -12.23
CA ARG B 727 -48.95 3.10 -12.47
C ARG B 727 -50.48 3.30 -12.49
N THR B 728 -51.13 2.37 -11.78
CA THR B 728 -52.56 2.24 -11.44
C THR B 728 -52.88 2.59 -9.97
N GLU B 729 -52.07 2.08 -9.06
CA GLU B 729 -52.26 2.23 -7.62
C GLU B 729 -51.03 2.88 -6.99
N SER B 734 -48.84 -6.51 -3.08
CA SER B 734 -49.07 -7.48 -2.04
C SER B 734 -49.05 -8.88 -2.65
N GLU B 735 -50.06 -9.66 -2.33
CA GLU B 735 -50.18 -11.02 -2.85
C GLU B 735 -50.28 -11.14 -4.37
N ILE B 736 -51.06 -10.25 -4.98
CA ILE B 736 -51.31 -10.34 -6.42
C ILE B 736 -50.05 -10.03 -7.19
N LEU B 737 -49.36 -9.02 -6.71
CA LEU B 737 -48.10 -8.65 -7.31
C LEU B 737 -47.09 -9.76 -7.06
N GLU B 738 -47.32 -10.51 -6.00
CA GLU B 738 -46.38 -11.57 -5.67
C GLU B 738 -46.61 -12.79 -6.55
N LYS B 739 -47.75 -12.89 -7.20
CA LYS B 739 -47.92 -14.03 -8.08
C LYS B 739 -47.76 -13.68 -9.53
N ILE B 740 -47.88 -12.39 -9.86
CA ILE B 740 -47.68 -12.00 -11.24
C ILE B 740 -46.29 -12.46 -11.69
N GLN B 741 -45.28 -12.23 -10.86
CA GLN B 741 -43.92 -12.31 -11.33
C GLN B 741 -43.30 -13.69 -11.26
N ILE B 742 -43.88 -14.61 -10.50
CA ILE B 742 -43.23 -15.92 -10.39
C ILE B 742 -43.38 -16.67 -11.71
N ILE B 743 -44.39 -16.32 -12.48
CA ILE B 743 -44.45 -16.87 -13.83
C ILE B 743 -43.48 -16.11 -14.72
N LYS B 744 -42.89 -15.02 -14.24
CA LYS B 744 -41.82 -14.43 -15.01
C LYS B 744 -40.55 -15.06 -14.49
N SER B 745 -40.62 -15.57 -13.25
CA SER B 745 -39.51 -16.29 -12.65
C SER B 745 -39.27 -17.51 -13.50
N THR B 746 -40.34 -17.92 -14.14
CA THR B 746 -40.32 -19.01 -15.07
C THR B 746 -40.56 -18.48 -16.49
N SER B 747 -39.68 -17.59 -16.95
CA SER B 747 -39.68 -17.12 -18.33
C SER B 747 -39.02 -18.12 -19.28
N LEU B 758 -40.50 8.27 -22.54
CA LEU B 758 -40.24 6.87 -22.22
C LEU B 758 -39.12 6.72 -21.18
N ALA B 759 -38.74 7.83 -20.55
CA ALA B 759 -37.61 7.83 -19.61
C ALA B 759 -38.16 7.82 -18.19
N TYR B 760 -38.96 6.79 -17.89
CA TYR B 760 -39.76 6.69 -16.68
C TYR B 760 -39.03 6.88 -15.32
N TRP B 761 -38.63 5.77 -14.73
CA TRP B 761 -38.14 5.64 -13.35
C TRP B 761 -37.07 6.67 -13.06
N ALA B 762 -36.44 7.13 -14.15
CA ALA B 762 -35.29 8.05 -14.21
C ALA B 762 -34.43 8.19 -12.95
N GLN B 763 -35.08 8.32 -11.81
CA GLN B 763 -34.39 8.56 -10.57
C GLN B 763 -34.13 7.25 -9.83
N THR B 764 -35.10 6.32 -9.95
CA THR B 764 -35.17 5.08 -9.16
C THR B 764 -33.79 4.53 -9.08
N LYS B 765 -33.18 4.43 -10.25
CA LYS B 765 -31.87 3.87 -10.41
C LYS B 765 -30.82 4.31 -9.37
N GLN B 766 -30.64 5.61 -9.21
CA GLN B 766 -29.60 6.07 -8.31
C GLN B 766 -30.22 6.75 -7.08
N LEU B 767 -31.54 6.77 -6.98
CA LEU B 767 -32.09 7.21 -5.71
C LEU B 767 -31.61 6.32 -4.60
N ALA B 768 -31.17 5.13 -5.00
CA ALA B 768 -30.63 4.13 -4.12
C ALA B 768 -29.22 4.45 -3.69
N ALA B 769 -28.36 4.59 -4.68
CA ALA B 769 -26.94 4.80 -4.50
C ALA B 769 -26.65 5.83 -3.41
N ASP B 770 -27.62 6.70 -3.16
CA ASP B 770 -27.45 7.72 -2.13
C ASP B 770 -27.58 7.13 -0.75
N LEU B 771 -28.04 5.88 -0.68
CA LEU B 771 -28.20 5.23 0.60
C LEU B 771 -27.13 4.20 0.89
N GLY B 772 -25.88 4.54 0.56
CA GLY B 772 -24.86 3.53 0.49
C GLY B 772 -25.33 2.76 -0.70
N TYR B 773 -25.23 1.43 -0.66
CA TYR B 773 -25.71 0.64 -1.78
C TYR B 773 -25.20 1.08 -3.13
N PRO B 774 -23.91 0.83 -3.39
CA PRO B 774 -23.27 1.23 -4.65
C PRO B 774 -23.80 0.53 -5.89
N SER B 775 -24.86 1.08 -6.47
CA SER B 775 -25.22 0.84 -7.87
C SER B 775 -25.32 -0.62 -8.30
N GLY B 776 -26.28 -1.34 -7.72
CA GLY B 776 -26.56 -2.71 -8.10
C GLY B 776 -26.80 -3.54 -6.86
N THR B 777 -25.96 -3.31 -5.84
CA THR B 777 -26.17 -3.68 -4.44
C THR B 777 -27.54 -4.18 -4.06
N ARG B 778 -27.61 -5.10 -3.11
CA ARG B 778 -28.93 -5.47 -2.68
C ARG B 778 -29.02 -5.39 -1.20
N GLY B 779 -30.17 -4.90 -0.77
CA GLY B 779 -30.44 -4.72 0.62
C GLY B 779 -31.81 -4.14 0.90
N VAL B 780 -32.03 -3.85 2.18
CA VAL B 780 -33.30 -3.33 2.59
C VAL B 780 -33.21 -2.18 3.58
N LEU B 781 -34.14 -1.24 3.43
CA LEU B 781 -34.36 -0.21 4.42
C LEU B 781 -35.50 -0.59 5.30
N LEU B 782 -35.44 -0.17 6.55
CA LEU B 782 -36.60 -0.33 7.41
C LEU B 782 -36.78 0.89 8.28
N ASN B 783 -37.63 1.80 7.83
CA ASN B 783 -38.03 2.90 8.69
C ASN B 783 -36.78 3.61 9.12
N GLY B 784 -36.02 4.04 8.13
CA GLY B 784 -34.63 4.35 8.40
C GLY B 784 -34.02 2.98 8.23
N ARG B 785 -33.10 2.63 9.13
CA ARG B 785 -32.35 1.36 9.13
C ARG B 785 -31.96 0.80 7.75
N ALA B 786 -30.67 0.90 7.46
CA ALA B 786 -30.14 0.46 6.19
C ALA B 786 -29.25 -0.74 6.35
N VAL B 787 -28.94 -1.37 5.24
CA VAL B 787 -27.92 -2.39 5.20
C VAL B 787 -26.86 -1.83 4.23
N GLY B 788 -26.10 -2.66 3.55
CA GLY B 788 -25.01 -2.16 2.74
C GLY B 788 -24.91 -3.09 1.59
N PRO B 789 -23.70 -3.42 1.15
CA PRO B 789 -23.62 -4.56 0.23
C PRO B 789 -24.00 -5.87 0.96
N VAL B 790 -23.36 -7.01 0.69
CA VAL B 790 -23.85 -8.27 1.24
C VAL B 790 -22.80 -9.44 1.25
N PRO B 791 -23.02 -10.55 2.03
CA PRO B 791 -22.14 -11.76 2.18
C PRO B 791 -22.24 -12.89 1.12
N SER B 792 -23.43 -13.06 0.55
CA SER B 792 -23.71 -14.06 -0.48
C SER B 792 -25.18 -13.96 -0.85
N THR B 793 -25.81 -15.10 -1.12
CA THR B 793 -27.17 -15.12 -1.68
C THR B 793 -28.20 -15.67 -0.68
N SER B 794 -27.77 -16.63 0.13
CA SER B 794 -28.52 -17.12 1.29
C SER B 794 -29.11 -16.07 2.22
N THR B 795 -28.33 -15.01 2.36
CA THR B 795 -28.23 -14.15 3.54
C THR B 795 -29.29 -13.10 3.84
N LEU B 796 -29.89 -12.55 2.80
CA LEU B 796 -31.05 -11.72 2.99
C LEU B 796 -32.17 -12.52 2.33
N ALA B 797 -32.70 -13.46 3.08
CA ALA B 797 -33.74 -14.33 2.57
C ALA B 797 -34.96 -13.98 3.38
N GLU B 798 -36.08 -14.59 3.05
CA GLU B 798 -37.37 -14.26 3.65
C GLU B 798 -37.33 -14.27 5.17
N ASP B 799 -36.79 -15.32 5.76
CA ASP B 799 -36.66 -15.42 7.22
C ASP B 799 -35.94 -14.23 7.88
N ASP B 800 -34.86 -13.77 7.26
CA ASP B 800 -34.02 -12.70 7.80
C ASP B 800 -34.82 -11.42 8.04
N LEU B 801 -35.76 -11.15 7.16
CA LEU B 801 -36.61 -9.99 7.32
C LEU B 801 -37.33 -10.07 8.66
N GLU B 802 -37.71 -11.27 9.08
CA GLU B 802 -38.47 -11.37 10.30
C GLU B 802 -37.61 -11.46 11.54
N ILE B 803 -36.32 -11.66 11.36
CA ILE B 803 -35.42 -11.56 12.49
C ILE B 803 -35.01 -10.10 12.61
N LEU B 804 -34.95 -9.41 11.46
CA LEU B 804 -34.75 -7.97 11.46
C LEU B 804 -35.91 -7.36 12.20
N LEU B 805 -37.09 -7.72 11.73
CA LEU B 805 -38.33 -7.22 12.29
C LEU B 805 -38.35 -7.35 13.79
N ALA B 806 -37.92 -8.49 14.30
CA ALA B 806 -38.22 -8.79 15.68
C ALA B 806 -37.57 -7.90 16.73
N TYR B 807 -36.24 -7.86 16.75
CA TYR B 807 -35.54 -7.07 17.77
C TYR B 807 -34.71 -5.92 17.15
N GLU B 808 -35.36 -5.21 16.23
CA GLU B 808 -34.97 -3.86 15.80
C GLU B 808 -36.08 -2.90 16.22
N PHE B 809 -37.31 -3.35 16.02
CA PHE B 809 -38.48 -2.82 16.70
C PHE B 809 -38.12 -2.69 18.18
N SER B 810 -37.64 -3.81 18.77
CA SER B 810 -36.69 -3.79 19.89
C SER B 810 -37.08 -3.03 21.14
N LYS B 811 -36.03 -2.48 21.74
CA LYS B 811 -36.12 -1.37 22.65
C LYS B 811 -35.81 -0.15 21.81
N ARG B 812 -35.98 -0.28 20.49
CA ARG B 812 -35.81 0.90 19.63
C ARG B 812 -37.09 1.56 19.14
N LEU B 813 -37.68 1.06 18.06
CA LEU B 813 -38.69 1.86 17.41
C LEU B 813 -40.07 1.34 17.82
N GLY B 814 -40.10 0.16 18.42
CA GLY B 814 -41.31 -0.25 19.07
C GLY B 814 -41.57 0.77 20.17
N THR B 815 -40.64 0.87 21.11
CA THR B 815 -40.79 1.72 22.28
C THR B 815 -41.10 3.19 21.99
N VAL B 816 -40.76 3.66 20.79
CA VAL B 816 -40.97 5.07 20.47
C VAL B 816 -42.41 5.51 20.60
N ALA B 817 -43.27 4.69 20.02
CA ALA B 817 -44.66 5.01 19.85
C ALA B 817 -45.44 5.26 21.12
N LYS B 818 -45.27 4.39 22.10
CA LYS B 818 -46.27 4.35 23.16
C LYS B 818 -46.11 5.41 24.24
N VAL B 819 -45.04 6.21 24.18
CA VAL B 819 -44.99 7.42 24.97
C VAL B 819 -44.64 8.58 24.06
N LYS B 821 -47.16 8.97 21.60
CA LYS B 821 -48.55 9.38 21.68
C LYS B 821 -48.98 9.57 23.14
N ASP B 822 -48.09 9.27 24.09
CA ASP B 822 -48.27 9.63 25.49
C ASP B 822 -48.50 11.09 25.62
N LEU B 823 -48.22 11.82 24.55
CA LEU B 823 -48.43 13.24 24.55
C LEU B 823 -49.91 13.57 24.74
N ASN B 824 -50.52 13.04 25.81
CA ASN B 824 -51.97 12.71 25.90
C ASN B 824 -52.87 13.11 24.74
N LEU B 825 -52.74 14.33 24.20
CA LEU B 825 -53.40 14.61 22.91
C LEU B 825 -52.79 13.55 22.00
N GLY B 826 -53.52 12.99 21.05
CA GLY B 826 -52.95 11.86 20.33
C GLY B 826 -51.60 12.26 19.77
N HIS B 827 -51.61 13.12 18.77
CA HIS B 827 -50.42 13.79 18.32
C HIS B 827 -50.85 14.66 17.16
N LYS B 828 -50.17 15.77 16.96
CA LYS B 828 -50.75 16.82 16.14
C LYS B 828 -50.14 16.90 14.74
N VAL B 829 -49.17 16.04 14.43
CA VAL B 829 -48.73 15.91 13.04
C VAL B 829 -48.96 14.45 12.57
N ALA B 830 -50.15 14.28 12.00
CA ALA B 830 -50.57 12.99 11.50
C ALA B 830 -49.89 12.74 10.16
N GLY B 831 -48.58 12.61 10.19
CA GLY B 831 -47.83 12.39 8.97
C GLY B 831 -47.05 11.13 9.17
N SER B 832 -47.62 10.01 8.71
CA SER B 832 -46.95 8.70 8.76
C SER B 832 -46.29 8.47 7.43
N VAL B 833 -46.69 9.32 6.49
CA VAL B 833 -45.94 9.51 5.27
C VAL B 833 -44.68 10.14 5.82
N GLU B 834 -44.88 11.04 6.76
CA GLU B 834 -43.80 11.83 7.35
C GLU B 834 -43.15 11.18 8.58
N PHE B 835 -43.81 10.18 9.16
CA PHE B 835 -43.35 9.60 10.44
C PHE B 835 -42.14 8.71 10.39
N ALA B 836 -41.98 7.94 9.32
CA ALA B 836 -40.82 7.05 9.19
C ALA B 836 -39.52 7.81 9.46
N LYS B 837 -39.53 9.09 9.12
CA LYS B 837 -38.39 9.98 9.32
C LYS B 837 -38.06 10.07 10.78
N LEU B 838 -39.12 10.21 11.58
CA LEU B 838 -38.99 10.39 13.01
C LEU B 838 -38.28 9.23 13.69
N THR B 839 -38.57 8.02 13.23
CA THR B 839 -37.99 6.83 13.85
C THR B 839 -36.48 6.87 13.69
N SER B 840 -36.02 7.49 12.61
CA SER B 840 -34.60 7.70 12.40
C SER B 840 -33.93 8.51 13.48
N LEU B 841 -34.45 9.69 13.69
CA LEU B 841 -33.73 10.67 14.48
C LEU B 841 -33.70 10.20 15.91
N VAL B 842 -34.80 9.62 16.36
CA VAL B 842 -34.80 9.05 17.69
C VAL B 842 -33.74 7.95 17.73
N ALA B 843 -33.63 7.15 16.67
CA ALA B 843 -32.67 6.06 16.67
C ALA B 843 -31.26 6.60 16.64
N LEU B 844 -31.14 7.91 16.59
CA LEU B 844 -29.84 8.51 16.54
C LEU B 844 -29.37 8.98 17.93
N SER B 845 -30.30 9.43 18.77
CA SER B 845 -30.11 9.81 20.19
C SER B 845 -28.67 10.10 20.62
N SER B 864 -30.09 11.47 26.62
CA SER B 864 -30.32 10.08 26.98
C SER B 864 -30.60 9.89 28.49
N ALA B 865 -29.90 10.68 29.32
CA ALA B 865 -30.00 10.68 30.80
C ALA B 865 -31.39 11.01 31.32
N ILE B 866 -31.97 10.03 32.01
CA ILE B 866 -33.37 10.00 32.39
C ILE B 866 -33.79 11.03 33.46
N LYS B 867 -33.00 12.06 33.77
CA LYS B 867 -33.43 12.79 34.95
C LYS B 867 -33.33 14.31 35.08
N THR B 868 -34.54 14.82 35.15
CA THR B 868 -34.86 16.18 35.43
C THR B 868 -35.92 16.14 36.48
N TRP B 869 -35.64 16.75 37.61
CA TRP B 869 -36.60 16.93 38.65
C TRP B 869 -36.32 18.39 39.01
N ASN B 870 -36.39 18.77 40.29
CA ASN B 870 -36.25 20.17 40.69
C ASN B 870 -35.00 20.40 41.54
N GLY B 871 -34.59 21.64 41.74
CA GLY B 871 -33.32 21.85 42.42
C GLY B 871 -33.47 22.56 43.74
N ALA B 872 -34.72 22.83 44.09
CA ALA B 872 -35.11 23.64 45.25
C ALA B 872 -34.12 24.72 45.61
N HIS B 873 -33.24 24.40 46.55
CA HIS B 873 -32.26 25.36 46.99
C HIS B 873 -30.79 24.98 46.82
N SER B 874 -30.36 24.47 45.64
CA SER B 874 -28.90 24.25 45.44
C SER B 874 -28.37 24.20 44.01
N ALA B 875 -28.74 25.13 43.13
CA ALA B 875 -28.33 25.00 41.72
C ALA B 875 -28.54 26.24 40.84
N ILE B 876 -27.44 26.77 40.36
CA ILE B 876 -27.41 28.00 39.58
C ILE B 876 -27.90 27.86 38.13
N THR B 877 -29.10 28.33 37.85
CA THR B 877 -29.49 28.52 36.47
C THR B 877 -28.53 29.60 35.98
N VAL B 878 -28.05 29.54 34.74
CA VAL B 878 -27.07 30.53 34.30
C VAL B 878 -27.41 31.11 32.93
N SER B 879 -28.26 30.42 32.19
CA SER B 879 -28.72 30.97 30.93
C SER B 879 -30.23 31.13 30.96
N HIS B 880 -30.73 31.94 30.01
CA HIS B 880 -32.16 32.09 29.69
C HIS B 880 -32.99 30.83 29.56
N SER B 881 -34.14 30.98 28.93
CA SER B 881 -35.03 29.87 28.61
C SER B 881 -36.09 30.28 27.58
N ASP B 882 -35.78 30.00 26.31
CA ASP B 882 -36.60 30.34 25.16
C ASP B 882 -36.34 29.19 24.17
N ASP B 883 -35.78 29.48 22.99
CA ASP B 883 -35.41 28.38 22.09
C ASP B 883 -33.89 28.27 22.25
N ALA B 884 -33.46 28.12 23.51
CA ALA B 884 -32.20 27.49 23.79
C ALA B 884 -32.48 26.04 23.43
N SER B 885 -32.06 25.63 22.23
CA SER B 885 -32.32 24.28 21.79
C SER B 885 -31.10 23.51 22.18
N ILE B 886 -30.51 23.93 23.29
CA ILE B 886 -29.42 23.24 23.93
C ILE B 886 -29.47 23.66 25.38
N ASN B 887 -29.68 22.65 26.17
CA ASN B 887 -29.75 22.68 27.60
C ASN B 887 -28.51 22.02 28.18
N ILE B 888 -27.60 22.79 28.72
CA ILE B 888 -26.48 22.16 29.39
C ILE B 888 -26.75 22.11 30.87
N VAL B 889 -26.70 20.91 31.41
CA VAL B 889 -26.68 20.72 32.83
C VAL B 889 -25.33 20.23 33.19
N ALA B 890 -24.89 20.57 34.39
CA ALA B 890 -23.63 20.08 34.86
C ALA B 890 -23.58 20.15 36.37
N THR B 891 -22.87 19.18 36.94
CA THR B 891 -22.68 19.09 38.36
C THR B 891 -21.33 19.65 38.73
N ILE B 892 -21.30 20.63 39.63
CA ILE B 892 -20.02 21.22 39.96
C ILE B 892 -19.71 21.25 41.44
N ASP B 893 -18.81 20.36 41.87
CA ASP B 893 -18.23 20.45 43.21
C ASP B 893 -17.46 21.76 43.35
N PRO B 894 -17.98 22.69 44.18
CA PRO B 894 -17.36 23.98 44.41
C PRO B 894 -15.90 23.86 44.86
N ALA B 895 -15.56 22.80 45.57
CA ALA B 895 -14.24 22.77 46.18
C ALA B 895 -13.36 21.69 45.60
N SER B 896 -13.65 21.27 44.38
CA SER B 896 -12.76 20.32 43.73
C SER B 896 -11.74 21.12 42.95
N GLU B 897 -10.60 20.51 42.64
CA GLU B 897 -9.66 21.17 41.77
C GLU B 897 -10.24 21.17 40.38
N ARG B 898 -10.82 20.04 39.99
CA ARG B 898 -11.37 19.86 38.65
C ARG B 898 -12.39 20.95 38.30
N SER B 899 -13.14 21.38 39.30
CA SER B 899 -14.16 22.41 39.14
C SER B 899 -13.65 23.73 38.56
N GLN B 900 -12.40 24.06 38.91
CA GLN B 900 -11.82 25.34 38.52
C GLN B 900 -11.82 25.52 37.01
N ARG B 901 -11.70 24.42 36.27
CA ARG B 901 -11.88 24.40 34.83
C ARG B 901 -13.35 24.55 34.44
N TRP B 902 -14.17 23.71 35.05
CA TRP B 902 -15.55 23.58 34.63
C TRP B 902 -16.30 24.91 34.68
N VAL B 903 -16.21 25.59 35.81
CA VAL B 903 -16.95 26.82 35.97
C VAL B 903 -16.69 27.80 34.81
N PRO B 904 -15.44 28.22 34.58
CA PRO B 904 -15.24 29.21 33.53
C PRO B 904 -15.65 28.68 32.19
N ILE B 905 -15.31 27.43 31.89
CA ILE B 905 -15.78 26.81 30.66
C ILE B 905 -17.28 27.02 30.63
N LEU B 906 -17.90 26.76 31.76
CA LEU B 906 -19.32 26.95 31.89
C LEU B 906 -19.68 28.45 31.79
N ARG B 907 -18.92 29.33 32.43
CA ARG B 907 -19.23 30.75 32.29
C ARG B 907 -19.26 31.12 30.82
N THR B 908 -18.29 30.62 30.06
CA THR B 908 -18.14 30.98 28.65
C THR B 908 -19.28 30.44 27.77
N LEU B 909 -19.73 29.23 28.05
CA LEU B 909 -20.78 28.62 27.25
C LEU B 909 -22.06 29.39 27.38
N SER B 910 -22.40 29.68 28.64
CA SER B 910 -23.66 30.30 29.00
C SER B 910 -23.86 31.62 28.29
N LYS B 911 -22.76 32.25 27.90
CA LYS B 911 -22.81 33.52 27.19
C LYS B 911 -23.14 33.29 25.70
N LEU B 912 -23.31 32.04 25.27
CA LEU B 912 -23.75 31.78 23.89
C LEU B 912 -25.20 32.08 23.59
N ASN B 913 -25.49 32.34 22.34
CA ASN B 913 -26.84 32.53 21.93
C ASN B 913 -27.52 31.17 21.92
N GLY B 914 -28.68 31.12 22.56
CA GLY B 914 -29.48 29.90 22.66
C GLY B 914 -28.72 28.68 23.08
N VAL B 915 -28.09 28.76 24.24
CA VAL B 915 -27.33 27.66 24.81
C VAL B 915 -27.54 27.74 26.31
N ASN B 916 -28.57 27.06 26.76
CA ASN B 916 -28.99 27.12 28.14
C ASN B 916 -28.01 26.44 29.09
N VAL B 917 -27.82 27.01 30.27
CA VAL B 917 -26.90 26.43 31.25
C VAL B 917 -27.43 26.39 32.68
N LYS B 918 -27.45 25.18 33.24
CA LYS B 918 -27.81 24.98 34.65
C LYS B 918 -26.72 24.20 35.38
N ILE B 919 -26.51 24.58 36.64
CA ILE B 919 -25.40 24.09 37.45
C ILE B 919 -25.80 23.58 38.83
N PHE B 920 -25.62 22.30 39.09
CA PHE B 920 -25.86 21.79 40.44
C PHE B 920 -24.52 21.62 41.18
N LEU B 921 -24.37 22.33 42.31
CA LEU B 921 -23.17 22.20 43.12
C LEU B 921 -23.07 20.80 43.68
N THR B 922 -21.89 20.20 43.57
CA THR B 922 -21.73 18.88 44.18
C THR B 922 -20.62 18.77 45.21
N PRO B 923 -20.80 19.44 46.37
CA PRO B 923 -19.72 19.31 47.35
C PRO B 923 -19.51 17.87 47.86
N VAL B 924 -18.46 17.72 48.65
CA VAL B 924 -18.13 16.48 49.31
C VAL B 924 -18.73 16.55 50.70
N ARG B 925 -19.35 15.47 51.16
CA ARG B 925 -19.96 15.47 52.48
C ARG B 925 -18.97 15.84 53.60
N ILE B 926 -17.86 15.13 53.69
CA ILE B 926 -16.92 15.39 54.76
C ILE B 926 -15.48 15.28 54.22
N LEU B 927 -14.89 16.42 53.83
CA LEU B 927 -13.57 16.44 53.20
C LEU B 927 -12.43 16.01 54.10
N GLN B 928 -11.88 14.84 53.82
CA GLN B 928 -10.84 14.27 54.67
C GLN B 928 -9.53 14.94 54.37
N GLU B 929 -9.43 15.59 53.22
CA GLU B 929 -8.16 16.23 52.97
C GLU B 929 -8.33 17.64 52.50
N LEU B 930 -7.18 18.30 52.37
CA LEU B 930 -7.16 19.69 52.05
C LEU B 930 -7.34 19.65 50.57
N PRO B 931 -8.51 20.07 50.10
CA PRO B 931 -8.75 19.93 48.67
C PRO B 931 -8.06 21.07 48.01
N ILE B 932 -8.32 21.27 46.73
CA ILE B 932 -7.86 22.45 46.01
C ILE B 932 -6.70 23.23 46.67
N LYS B 933 -5.52 22.90 46.21
CA LYS B 933 -4.28 23.44 46.71
C LYS B 933 -3.59 24.29 45.61
N ARG B 934 -4.33 25.21 45.00
CA ARG B 934 -3.84 25.98 43.82
C ARG B 934 -4.70 27.20 43.40
N PHE B 935 -4.14 28.05 42.54
CA PHE B 935 -4.88 29.15 41.88
C PHE B 935 -5.03 28.86 40.42
N TYR B 936 -6.04 29.43 39.81
CA TYR B 936 -6.29 29.04 38.43
C TYR B 936 -6.95 30.14 37.64
N ARG B 937 -6.60 30.26 36.37
CA ARG B 937 -7.47 30.97 35.45
C ARG B 937 -7.45 30.27 34.09
N HIS B 938 -8.50 30.51 33.31
CA HIS B 938 -8.71 29.82 32.04
C HIS B 938 -8.85 30.86 30.95
N VAL B 939 -8.17 30.64 29.84
CA VAL B 939 -8.12 31.63 28.77
C VAL B 939 -9.17 31.28 27.73
N LEU B 940 -10.24 32.08 27.67
CA LEU B 940 -11.39 31.68 26.88
C LEU B 940 -12.51 32.72 26.90
N GLU B 941 -12.68 33.36 25.75
CA GLU B 941 -13.77 34.27 25.56
C GLU B 941 -14.60 33.70 24.42
N PRO B 942 -15.89 34.07 24.31
CA PRO B 942 -16.81 33.39 23.40
C PRO B 942 -16.88 33.93 21.97
N GLU B 943 -16.46 35.16 21.77
CA GLU B 943 -16.34 35.67 20.42
C GLU B 943 -15.01 36.38 20.34
N PRO B 944 -14.36 36.27 19.19
CA PRO B 944 -13.07 36.90 18.94
C PRO B 944 -13.31 38.38 18.79
N SER B 945 -12.60 39.26 19.50
CA SER B 945 -12.72 40.67 19.15
C SER B 945 -11.43 41.48 19.08
N PHE B 946 -11.55 42.72 18.62
CA PHE B 946 -10.39 43.43 18.13
C PHE B 946 -10.09 44.77 18.74
N ASP B 947 -9.67 44.80 20.00
CA ASP B 947 -9.15 46.05 20.48
C ASP B 947 -7.74 46.14 19.95
N GLU B 948 -7.22 47.35 20.04
CA GLU B 948 -6.18 47.93 19.21
C GLU B 948 -6.99 49.06 18.70
N HIS B 949 -6.35 49.97 18.01
CA HIS B 949 -7.11 50.65 17.00
C HIS B 949 -6.88 49.78 15.78
N GLY B 950 -7.69 48.72 15.71
CA GLY B 950 -7.73 47.80 14.59
C GLY B 950 -6.84 46.58 14.43
N ALA B 951 -7.06 45.53 15.22
CA ALA B 951 -6.33 44.25 15.07
C ALA B 951 -6.77 43.24 16.11
N LEU B 952 -6.60 41.95 15.82
CA LEU B 952 -7.03 40.86 16.71
C LEU B 952 -6.13 40.70 17.95
N ASN B 953 -6.77 40.40 19.08
CA ASN B 953 -6.16 40.29 20.41
C ASN B 953 -5.51 38.96 20.83
N ARG B 954 -4.40 39.02 21.55
CA ARG B 954 -3.69 37.83 22.02
C ARG B 954 -4.27 37.31 23.35
N PRO B 955 -4.98 36.18 23.30
CA PRO B 955 -5.63 35.62 24.49
C PRO B 955 -4.61 35.16 25.52
N GLY B 956 -4.90 35.41 26.80
CA GLY B 956 -4.03 35.02 27.89
C GLY B 956 -4.71 35.04 29.26
N ALA B 957 -3.97 34.61 30.28
CA ALA B 957 -4.44 34.71 31.67
C ALA B 957 -3.67 35.78 32.45
N SER B 958 -4.18 36.15 33.63
CA SER B 958 -3.55 37.20 34.41
C SER B 958 -3.78 36.99 35.90
N PHE B 959 -2.72 36.66 36.64
CA PHE B 959 -2.95 36.39 38.04
C PHE B 959 -2.72 37.63 38.86
N SER B 960 -3.79 38.40 38.88
CA SER B 960 -3.91 39.56 39.73
C SER B 960 -3.97 39.00 41.14
N ARG B 961 -3.45 39.72 42.13
CA ARG B 961 -3.84 39.42 43.52
C ARG B 961 -3.18 38.18 44.21
N LEU B 962 -1.89 37.95 43.98
CA LEU B 962 -1.31 36.72 44.53
C LEU B 962 -0.39 36.88 45.72
N PRO B 963 -0.39 35.88 46.61
CA PRO B 963 0.47 35.87 47.78
C PRO B 963 1.95 35.72 47.43
N GLU B 964 2.72 36.58 48.08
CA GLU B 964 4.17 36.76 47.92
C GLU B 964 5.06 35.53 48.09
N ASP B 965 5.40 35.33 49.36
CA ASP B 965 6.32 34.33 49.87
C ASP B 965 5.95 32.93 49.48
N ALA B 966 4.78 32.79 48.91
CA ALA B 966 4.33 31.51 48.47
C ALA B 966 5.12 31.12 47.23
N LEU B 967 5.85 30.02 47.33
CA LEU B 967 6.46 29.42 46.15
C LEU B 967 5.36 28.88 45.31
N LEU B 968 5.41 29.13 44.01
CA LEU B 968 4.38 28.55 43.18
C LEU B 968 4.93 27.80 42.01
N THR B 969 4.21 26.72 41.68
CA THR B 969 4.61 25.85 40.61
C THR B 969 3.70 26.24 39.48
N LEU B 970 4.26 26.89 38.49
CA LEU B 970 3.45 27.28 37.38
C LEU B 970 3.40 26.06 36.53
N GLY B 971 2.23 25.44 36.48
CA GLY B 971 2.07 24.31 35.61
C GLY B 971 1.08 24.79 34.59
N ASP B 973 -2.52 23.50 32.51
CA ASP B 973 -3.53 22.47 32.52
C ASP B 973 -4.08 22.49 31.12
N VAL B 974 -4.01 21.34 30.49
CA VAL B 974 -4.08 21.32 29.07
C VAL B 974 -4.33 19.89 28.61
N PRO B 975 -4.93 19.72 27.43
CA PRO B 975 -5.09 18.40 26.85
C PRO B 975 -3.84 17.49 26.90
N PRO B 976 -4.09 16.21 27.11
CA PRO B 976 -3.08 15.14 27.18
C PRO B 976 -2.43 15.02 25.84
N SER B 977 -3.19 15.37 24.82
CA SER B 977 -2.69 15.33 23.46
C SER B 977 -1.87 16.56 23.17
N TRP B 978 -1.86 17.48 24.12
CA TRP B 978 -1.14 18.71 23.93
C TRP B 978 0.15 18.55 24.72
N LEU B 979 1.27 18.61 23.99
CA LEU B 979 2.56 18.68 24.65
C LEU B 979 3.01 20.14 24.65
N VAL B 980 3.37 20.63 25.82
CA VAL B 980 3.52 22.06 26.02
C VAL B 980 4.60 22.39 27.01
N SER B 981 5.54 23.16 26.50
CA SER B 981 6.68 23.56 27.24
C SER B 981 6.68 25.07 27.27
N PRO B 982 7.21 25.66 28.35
CA PRO B 982 7.27 27.11 28.40
C PRO B 982 8.56 27.64 27.78
N LYS B 983 8.45 28.71 27.01
CA LYS B 983 9.64 29.37 26.51
C LYS B 983 10.40 29.95 27.70
N GLU B 984 11.71 30.08 27.54
CA GLU B 984 12.57 30.34 28.68
C GLU B 984 12.68 31.83 29.05
N SER B 985 13.24 32.06 30.23
CA SER B 985 13.24 33.36 30.89
C SER B 985 14.24 33.36 32.02
N VAL B 986 14.68 34.53 32.42
CA VAL B 986 15.57 34.61 33.57
C VAL B 986 14.95 33.90 34.82
N HIS B 987 13.62 33.79 34.89
CA HIS B 987 12.97 33.09 36.00
C HIS B 987 12.79 31.61 35.80
N ASP B 988 12.90 30.87 36.89
CA ASP B 988 12.53 29.47 36.95
C ASP B 988 11.06 29.38 37.25
N LEU B 989 10.28 28.94 36.26
CA LEU B 989 8.83 28.89 36.40
C LEU B 989 8.32 27.89 37.42
N ASP B 990 9.22 27.04 37.92
CA ASP B 990 8.84 26.13 38.98
C ASP B 990 8.86 26.75 40.38
N ASN B 991 9.83 27.61 40.67
CA ASN B 991 9.93 28.25 41.98
C ASN B 991 9.62 29.71 41.89
N ILE B 992 8.35 30.01 41.95
CA ILE B 992 7.95 31.39 41.80
C ILE B 992 7.47 31.88 43.13
N ARG B 993 8.27 32.77 43.72
CA ARG B 993 7.91 33.38 44.98
C ARG B 993 7.78 34.82 44.71
N LEU B 994 6.54 35.31 44.56
CA LEU B 994 6.33 36.68 44.08
C LEU B 994 7.14 37.68 44.84
N SER B 995 7.40 37.36 46.10
CA SER B 995 8.45 38.00 46.87
C SER B 995 9.71 38.25 46.00
N SER B 996 10.14 37.24 45.22
CA SER B 996 11.39 37.30 44.45
C SER B 996 11.44 38.43 43.41
N LEU B 997 10.28 38.78 42.86
CA LEU B 997 10.18 39.71 41.74
C LEU B 997 10.34 41.17 42.19
N ARG B 998 10.19 42.12 41.29
CA ARG B 998 10.08 43.49 41.78
C ARG B 998 8.73 44.10 41.40
N GLU B 999 8.23 44.96 42.31
CA GLU B 999 6.86 45.48 42.31
C GLU B 999 6.38 45.95 40.96
N GLY B 1000 5.10 45.68 40.66
CA GLY B 1000 4.47 46.27 39.49
C GLY B 1000 4.92 45.50 38.26
N SER B 1001 6.18 45.06 38.31
CA SER B 1001 6.72 44.18 37.31
C SER B 1001 6.23 42.80 37.69
N ASP B 1002 6.29 41.89 36.73
CA ASP B 1002 5.63 40.64 36.92
C ASP B 1002 6.27 39.54 36.12
N VAL B 1003 5.48 38.53 35.78
CA VAL B 1003 5.97 37.40 35.04
C VAL B 1003 5.19 37.14 33.78
N ASP B 1004 5.83 37.36 32.65
CA ASP B 1004 5.15 37.17 31.39
C ASP B 1004 5.59 35.85 30.74
N ALA B 1005 4.90 34.77 31.10
CA ALA B 1005 5.29 33.45 30.62
C ALA B 1005 4.70 33.13 29.25
N ILE B 1006 5.44 32.40 28.44
CA ILE B 1006 4.91 31.99 27.16
C ILE B 1006 5.23 30.54 26.83
N TYR B 1007 4.27 29.68 27.13
CA TYR B 1007 4.42 28.28 26.77
C TYR B 1007 4.20 28.20 25.28
N GLU B 1008 4.73 27.19 24.64
CA GLU B 1008 4.40 27.10 23.25
C GLU B 1008 4.02 25.63 23.04
N LEU B 1009 3.03 25.39 22.19
CA LEU B 1009 2.50 24.06 21.94
C LEU B 1009 3.43 23.37 20.97
N GLU B 1010 4.39 22.63 21.51
CA GLU B 1010 5.49 22.14 20.68
C GLU B 1010 5.15 20.94 19.83
N HIS B 1011 4.11 20.17 20.19
CA HIS B 1011 3.60 19.19 19.25
C HIS B 1011 2.26 18.61 19.76
N ILE B 1012 1.73 17.62 19.07
CA ILE B 1012 0.44 17.04 19.43
C ILE B 1012 0.58 15.52 19.41
N LEU B 1013 -0.46 14.76 19.69
CA LEU B 1013 -0.24 13.31 19.77
C LEU B 1013 -1.49 12.47 19.58
N ILE B 1014 -1.30 11.24 19.12
CA ILE B 1014 -2.42 10.32 18.98
C ILE B 1014 -2.41 9.18 20.01
N GLU B 1015 -3.43 9.16 20.87
CA GLU B 1015 -3.61 8.09 21.86
C GLU B 1015 -5.05 7.61 21.80
N GLY B 1016 -5.94 8.45 22.34
CA GLY B 1016 -7.37 8.20 22.32
C GLY B 1016 -8.16 9.48 22.07
#